data_5IDL
# 
_entry.id   5IDL 
# 
_audit_conform.dict_name       mmcif_pdbx.dic 
_audit_conform.dict_version    5.398 
_audit_conform.dict_location   http://mmcif.pdb.org/dictionaries/ascii/mmcif_pdbx.dic 
# 
loop_
_database_2.database_id 
_database_2.database_code 
_database_2.pdbx_database_accession 
_database_2.pdbx_DOI 
PDB   5IDL         pdb_00005idl 10.2210/pdb5idl/pdb 
WWPDB D_1000218632 ?            ?                   
# 
loop_
_pdbx_audit_revision_history.ordinal 
_pdbx_audit_revision_history.data_content_type 
_pdbx_audit_revision_history.major_revision 
_pdbx_audit_revision_history.minor_revision 
_pdbx_audit_revision_history.revision_date 
1 'Structure model' 1 0 2016-10-05 
2 'Structure model' 1 1 2017-09-20 
3 'Structure model' 1 2 2019-12-11 
4 'Structure model' 1 3 2020-07-29 
5 'Structure model' 1 4 2023-09-27 
6 'Structure model' 1 5 2024-11-13 
# 
loop_
_pdbx_audit_revision_details.ordinal 
_pdbx_audit_revision_details.revision_ordinal 
_pdbx_audit_revision_details.data_content_type 
_pdbx_audit_revision_details.provider 
_pdbx_audit_revision_details.type 
_pdbx_audit_revision_details.description 
_pdbx_audit_revision_details.details 
1 1 'Structure model' repository 'Initial release' ?                          ? 
2 4 'Structure model' repository Remediation       'Carbohydrate remediation' ? 
# 
loop_
_pdbx_audit_revision_group.ordinal 
_pdbx_audit_revision_group.revision_ordinal 
_pdbx_audit_revision_group.data_content_type 
_pdbx_audit_revision_group.group 
1  2 'Structure model' 'Author supporting evidence' 
2  2 'Structure model' 'Database references'        
3  2 'Structure model' 'Derived calculations'       
4  3 'Structure model' 'Author supporting evidence' 
5  4 'Structure model' 'Data collection'            
6  4 'Structure model' 'Derived calculations'       
7  4 'Structure model' 'Structure summary'          
8  5 'Structure model' 'Data collection'            
9  5 'Structure model' 'Database references'        
10 5 'Structure model' 'Refinement description'     
11 5 'Structure model' 'Structure summary'          
12 6 'Structure model' 'Structure summary'          
# 
loop_
_pdbx_audit_revision_category.ordinal 
_pdbx_audit_revision_category.revision_ordinal 
_pdbx_audit_revision_category.data_content_type 
_pdbx_audit_revision_category.category 
1  2 'Structure model' citation                      
2  2 'Structure model' pdbx_audit_support            
3  2 'Structure model' pdbx_struct_oper_list         
4  3 'Structure model' pdbx_audit_support            
5  4 'Structure model' chem_comp                     
6  4 'Structure model' entity                        
7  4 'Structure model' pdbx_chem_comp_identifier     
8  4 'Structure model' pdbx_entity_nonpoly           
9  4 'Structure model' struct_conn                   
10 4 'Structure model' struct_site                   
11 4 'Structure model' struct_site_gen               
12 5 'Structure model' chem_comp                     
13 5 'Structure model' chem_comp_atom                
14 5 'Structure model' chem_comp_bond                
15 5 'Structure model' database_2                    
16 5 'Structure model' pdbx_initial_refinement_model 
17 6 'Structure model' pdbx_entry_details            
18 6 'Structure model' pdbx_modification_feature     
# 
loop_
_pdbx_audit_revision_item.ordinal 
_pdbx_audit_revision_item.revision_ordinal 
_pdbx_audit_revision_item.data_content_type 
_pdbx_audit_revision_item.item 
1  2 'Structure model' '_citation.journal_id_CSD'                  
2  2 'Structure model' '_pdbx_audit_support.funding_organization'  
3  2 'Structure model' '_pdbx_struct_oper_list.symmetry_operation' 
4  3 'Structure model' '_pdbx_audit_support.funding_organization'  
5  4 'Structure model' '_chem_comp.name'                           
6  4 'Structure model' '_chem_comp.type'                           
7  4 'Structure model' '_entity.pdbx_description'                  
8  4 'Structure model' '_pdbx_entity_nonpoly.name'                 
9  4 'Structure model' '_struct_conn.pdbx_role'                    
10 5 'Structure model' '_chem_comp.pdbx_synonyms'                  
11 5 'Structure model' '_database_2.pdbx_DOI'                      
12 5 'Structure model' '_database_2.pdbx_database_accession'       
# 
_pdbx_database_status.status_code                     REL 
_pdbx_database_status.status_code_sf                  REL 
_pdbx_database_status.status_code_mr                  ? 
_pdbx_database_status.entry_id                        5IDL 
_pdbx_database_status.recvd_initial_deposition_date   2016-02-24 
_pdbx_database_status.SG_entry                        N 
_pdbx_database_status.deposit_site                    RCSB 
_pdbx_database_status.process_site                    RCSB 
_pdbx_database_status.status_code_cs                  ? 
_pdbx_database_status.methods_development_category    ? 
_pdbx_database_status.pdb_format_compatible           Y 
_pdbx_database_status.status_code_nmr_data            ? 
# 
loop_
_audit_author.name 
_audit_author.pdbx_ordinal 
'Julien, J.P.'    1 
'Ereno-Orbea, J.' 2 
'Jardine, J.G.'   3 
'Schief, W.R.'    4 
'Wilson, I.A.'    5 
# 
_citation.abstract                  ? 
_citation.abstract_id_CAS           ? 
_citation.book_id_ISBN              ? 
_citation.book_publisher            ? 
_citation.book_publisher_city       ? 
_citation.book_title                ? 
_citation.coordinate_linkage        ? 
_citation.country                   US 
_citation.database_id_Medline       ? 
_citation.details                   ? 
_citation.id                        primary 
_citation.journal_abbrev            Science 
_citation.journal_id_ASTM           SCIEAS 
_citation.journal_id_CSD            0038 
_citation.journal_id_ISSN           1095-9203 
_citation.journal_full              ? 
_citation.journal_issue             ? 
_citation.journal_volume            351 
_citation.language                  ? 
_citation.page_first                1458 
_citation.page_last                 1463 
_citation.title                     
'HIV-1 broadly neutralizing antibody precursor B cells revealed by germline-targeting immunogen.' 
_citation.year                      2016 
_citation.database_id_CSD           ? 
_citation.pdbx_database_id_DOI      10.1126/science.aad9195 
_citation.pdbx_database_id_PubMed   27013733 
_citation.unpublished_flag          ? 
# 
loop_
_citation_author.citation_id 
_citation_author.name 
_citation_author.ordinal 
_citation_author.identifier_ORCID 
primary 'Jardine, J.G.'        1  ? 
primary 'Kulp, D.W.'           2  ? 
primary 'Havenar-Daughton, C.' 3  ? 
primary 'Sarkar, A.'           4  ? 
primary 'Briney, B.'           5  ? 
primary 'Sok, D.'              6  ? 
primary 'Sesterhenn, F.'       7  ? 
primary 'Ereno-Orbea, J.'      8  ? 
primary 'Kalyuzhniy, O.'       9  ? 
primary 'Deresa, I.'           10 ? 
primary 'Hu, X.'               11 ? 
primary 'Spencer, S.'          12 ? 
primary 'Jones, M.'            13 ? 
primary 'Georgeson, E.'        14 ? 
primary 'Adachi, Y.'           15 ? 
primary 'Kubitz, M.'           16 ? 
primary 'deCamp, A.C.'         17 ? 
primary 'Julien, J.P.'         18 ? 
primary 'Wilson, I.A.'         19 ? 
primary 'Burton, D.R.'         20 ? 
primary 'Crotty, S.'           21 ? 
primary 'Schief, W.R.'         22 ? 
# 
loop_
_entity.id 
_entity.type 
_entity.src_method 
_entity.pdbx_description 
_entity.formula_weight 
_entity.pdbx_number_of_molecules 
_entity.pdbx_ec 
_entity.pdbx_mutation 
_entity.pdbx_fragment 
_entity.details 
1 polymer     man 'Germline-targeting HIV-1 gp120 engineered outer domain, eOD-GT8' 19731.150 1 ? ? ? ? 
2 non-polymer man 2-acetamido-2-deoxy-beta-D-glucopyranose                          221.208   2 ? ? ? ? 
# 
_entity_poly.entity_id                      1 
_entity_poly.type                           'polypeptide(L)' 
_entity_poly.nstd_linkage                   no 
_entity_poly.nstd_monomer                   no 
_entity_poly.pdbx_seq_one_letter_code       
;DTITLPCRPAPPPHCSSNITGLILTRQGGYSNANTVIFRPSGGDWRDIARCQIAGTVVSTQLFLNGSLAEEEVVIRSEDW
RDNAKSICVQLATSVEIACTGAGHCAISRAKWANTLKQIASKLREQYGAKTIIFKPSSGGDPEFVNHSFNCGGEFFYCAS
TQLFASTWFASTGTKHHHHHH
;
_entity_poly.pdbx_seq_one_letter_code_can   
;DTITLPCRPAPPPHCSSNITGLILTRQGGYSNANTVIFRPSGGDWRDIARCQIAGTVVSTQLFLNGSLAEEEVVIRSEDW
RDNAKSICVQLATSVEIACTGAGHCAISRAKWANTLKQIASKLREQYGAKTIIFKPSSGGDPEFVNHSFNCGGEFFYCAS
TQLFASTWFASTGTKHHHHHH
;
_entity_poly.pdbx_strand_id                 A 
_entity_poly.pdbx_target_identifier         ? 
# 
_pdbx_entity_nonpoly.entity_id   2 
_pdbx_entity_nonpoly.name        2-acetamido-2-deoxy-beta-D-glucopyranose 
_pdbx_entity_nonpoly.comp_id     NAG 
# 
loop_
_entity_poly_seq.entity_id 
_entity_poly_seq.num 
_entity_poly_seq.mon_id 
_entity_poly_seq.hetero 
1 1   ASP n 
1 2   THR n 
1 3   ILE n 
1 4   THR n 
1 5   LEU n 
1 6   PRO n 
1 7   CYS n 
1 8   ARG n 
1 9   PRO n 
1 10  ALA n 
1 11  PRO n 
1 12  PRO n 
1 13  PRO n 
1 14  HIS n 
1 15  CYS n 
1 16  SER n 
1 17  SER n 
1 18  ASN n 
1 19  ILE n 
1 20  THR n 
1 21  GLY n 
1 22  LEU n 
1 23  ILE n 
1 24  LEU n 
1 25  THR n 
1 26  ARG n 
1 27  GLN n 
1 28  GLY n 
1 29  GLY n 
1 30  TYR n 
1 31  SER n 
1 32  ASN n 
1 33  ALA n 
1 34  ASN n 
1 35  THR n 
1 36  VAL n 
1 37  ILE n 
1 38  PHE n 
1 39  ARG n 
1 40  PRO n 
1 41  SER n 
1 42  GLY n 
1 43  GLY n 
1 44  ASP n 
1 45  TRP n 
1 46  ARG n 
1 47  ASP n 
1 48  ILE n 
1 49  ALA n 
1 50  ARG n 
1 51  CYS n 
1 52  GLN n 
1 53  ILE n 
1 54  ALA n 
1 55  GLY n 
1 56  THR n 
1 57  VAL n 
1 58  VAL n 
1 59  SER n 
1 60  THR n 
1 61  GLN n 
1 62  LEU n 
1 63  PHE n 
1 64  LEU n 
1 65  ASN n 
1 66  GLY n 
1 67  SER n 
1 68  LEU n 
1 69  ALA n 
1 70  GLU n 
1 71  GLU n 
1 72  GLU n 
1 73  VAL n 
1 74  VAL n 
1 75  ILE n 
1 76  ARG n 
1 77  SER n 
1 78  GLU n 
1 79  ASP n 
1 80  TRP n 
1 81  ARG n 
1 82  ASP n 
1 83  ASN n 
1 84  ALA n 
1 85  LYS n 
1 86  SER n 
1 87  ILE n 
1 88  CYS n 
1 89  VAL n 
1 90  GLN n 
1 91  LEU n 
1 92  ALA n 
1 93  THR n 
1 94  SER n 
1 95  VAL n 
1 96  GLU n 
1 97  ILE n 
1 98  ALA n 
1 99  CYS n 
1 100 THR n 
1 101 GLY n 
1 102 ALA n 
1 103 GLY n 
1 104 HIS n 
1 105 CYS n 
1 106 ALA n 
1 107 ILE n 
1 108 SER n 
1 109 ARG n 
1 110 ALA n 
1 111 LYS n 
1 112 TRP n 
1 113 ALA n 
1 114 ASN n 
1 115 THR n 
1 116 LEU n 
1 117 LYS n 
1 118 GLN n 
1 119 ILE n 
1 120 ALA n 
1 121 SER n 
1 122 LYS n 
1 123 LEU n 
1 124 ARG n 
1 125 GLU n 
1 126 GLN n 
1 127 TYR n 
1 128 GLY n 
1 129 ALA n 
1 130 LYS n 
1 131 THR n 
1 132 ILE n 
1 133 ILE n 
1 134 PHE n 
1 135 LYS n 
1 136 PRO n 
1 137 SER n 
1 138 SER n 
1 139 GLY n 
1 140 GLY n 
1 141 ASP n 
1 142 PRO n 
1 143 GLU n 
1 144 PHE n 
1 145 VAL n 
1 146 ASN n 
1 147 HIS n 
1 148 SER n 
1 149 PHE n 
1 150 ASN n 
1 151 CYS n 
1 152 GLY n 
1 153 GLY n 
1 154 GLU n 
1 155 PHE n 
1 156 PHE n 
1 157 TYR n 
1 158 CYS n 
1 159 ALA n 
1 160 SER n 
1 161 THR n 
1 162 GLN n 
1 163 LEU n 
1 164 PHE n 
1 165 ALA n 
1 166 SER n 
1 167 THR n 
1 168 TRP n 
1 169 PHE n 
1 170 ALA n 
1 171 SER n 
1 172 THR n 
1 173 GLY n 
1 174 THR n 
1 175 LYS n 
1 176 HIS n 
1 177 HIS n 
1 178 HIS n 
1 179 HIS n 
1 180 HIS n 
1 181 HIS n 
# 
_entity_src_gen.entity_id                          1 
_entity_src_gen.pdbx_src_id                        1 
_entity_src_gen.pdbx_alt_source_flag               sample 
_entity_src_gen.pdbx_seq_type                      'Biological sequence' 
_entity_src_gen.pdbx_beg_seq_num                   1 
_entity_src_gen.pdbx_end_seq_num                   181 
_entity_src_gen.gene_src_common_name               ? 
_entity_src_gen.gene_src_genus                     ? 
_entity_src_gen.pdbx_gene_src_gene                 ? 
_entity_src_gen.gene_src_species                   ? 
_entity_src_gen.gene_src_strain                    ? 
_entity_src_gen.gene_src_tissue                    ? 
_entity_src_gen.gene_src_tissue_fraction           ? 
_entity_src_gen.gene_src_details                   ? 
_entity_src_gen.pdbx_gene_src_fragment             ? 
_entity_src_gen.pdbx_gene_src_scientific_name      'Human immunodeficiency virus 1' 
_entity_src_gen.pdbx_gene_src_ncbi_taxonomy_id     11676 
_entity_src_gen.pdbx_gene_src_variant              ? 
_entity_src_gen.pdbx_gene_src_cell_line            ? 
_entity_src_gen.pdbx_gene_src_atcc                 ? 
_entity_src_gen.pdbx_gene_src_organ                ? 
_entity_src_gen.pdbx_gene_src_organelle            ? 
_entity_src_gen.pdbx_gene_src_cell                 ? 
_entity_src_gen.pdbx_gene_src_cellular_location    ? 
_entity_src_gen.host_org_common_name               ? 
_entity_src_gen.pdbx_host_org_scientific_name      'Homo sapiens' 
_entity_src_gen.pdbx_host_org_ncbi_taxonomy_id     9606 
_entity_src_gen.host_org_genus                     ? 
_entity_src_gen.pdbx_host_org_gene                 ? 
_entity_src_gen.pdbx_host_org_organ                ? 
_entity_src_gen.host_org_species                   ? 
_entity_src_gen.pdbx_host_org_tissue               ? 
_entity_src_gen.pdbx_host_org_tissue_fraction      ? 
_entity_src_gen.pdbx_host_org_strain               ? 
_entity_src_gen.pdbx_host_org_variant              ? 
_entity_src_gen.pdbx_host_org_cell_line            ? 
_entity_src_gen.pdbx_host_org_atcc                 ? 
_entity_src_gen.pdbx_host_org_culture_collection   ? 
_entity_src_gen.pdbx_host_org_cell                 ? 
_entity_src_gen.pdbx_host_org_organelle            ? 
_entity_src_gen.pdbx_host_org_cellular_location    ? 
_entity_src_gen.pdbx_host_org_vector_type          ? 
_entity_src_gen.pdbx_host_org_vector               ? 
_entity_src_gen.host_org_details                   ? 
_entity_src_gen.expression_system_id               ? 
_entity_src_gen.plasmid_name                       ? 
_entity_src_gen.plasmid_details                    ? 
_entity_src_gen.pdbx_description                   ? 
# 
loop_
_chem_comp.id 
_chem_comp.type 
_chem_comp.mon_nstd_flag 
_chem_comp.name 
_chem_comp.pdbx_synonyms 
_chem_comp.formula 
_chem_comp.formula_weight 
ALA 'L-peptide linking'          y ALANINE                                  ? 'C3 H7 N O2'     89.093  
ARG 'L-peptide linking'          y ARGININE                                 ? 'C6 H15 N4 O2 1' 175.209 
ASN 'L-peptide linking'          y ASPARAGINE                               ? 'C4 H8 N2 O3'    132.118 
ASP 'L-peptide linking'          y 'ASPARTIC ACID'                          ? 'C4 H7 N O4'     133.103 
CYS 'L-peptide linking'          y CYSTEINE                                 ? 'C3 H7 N O2 S'   121.158 
GLN 'L-peptide linking'          y GLUTAMINE                                ? 'C5 H10 N2 O3'   146.144 
GLU 'L-peptide linking'          y 'GLUTAMIC ACID'                          ? 'C5 H9 N O4'     147.129 
GLY 'peptide linking'            y GLYCINE                                  ? 'C2 H5 N O2'     75.067  
HIS 'L-peptide linking'          y HISTIDINE                                ? 'C6 H10 N3 O2 1' 156.162 
ILE 'L-peptide linking'          y ISOLEUCINE                               ? 'C6 H13 N O2'    131.173 
LEU 'L-peptide linking'          y LEUCINE                                  ? 'C6 H13 N O2'    131.173 
LYS 'L-peptide linking'          y LYSINE                                   ? 'C6 H15 N2 O2 1' 147.195 
NAG 'D-saccharide, beta linking' . 2-acetamido-2-deoxy-beta-D-glucopyranose 
;N-acetyl-beta-D-glucosamine; 2-acetamido-2-deoxy-beta-D-glucose; 2-acetamido-2-deoxy-D-glucose; 2-acetamido-2-deoxy-glucose; N-ACETYL-D-GLUCOSAMINE
;
'C8 H15 N O6'    221.208 
PHE 'L-peptide linking'          y PHENYLALANINE                            ? 'C9 H11 N O2'    165.189 
PRO 'L-peptide linking'          y PROLINE                                  ? 'C5 H9 N O2'     115.130 
SER 'L-peptide linking'          y SERINE                                   ? 'C3 H7 N O3'     105.093 
THR 'L-peptide linking'          y THREONINE                                ? 'C4 H9 N O3'     119.119 
TRP 'L-peptide linking'          y TRYPTOPHAN                               ? 'C11 H12 N2 O2'  204.225 
TYR 'L-peptide linking'          y TYROSINE                                 ? 'C9 H11 N O3'    181.189 
VAL 'L-peptide linking'          y VALINE                                   ? 'C5 H11 N O2'    117.146 
# 
loop_
_pdbx_chem_comp_identifier.comp_id 
_pdbx_chem_comp_identifier.type 
_pdbx_chem_comp_identifier.program 
_pdbx_chem_comp_identifier.program_version 
_pdbx_chem_comp_identifier.identifier 
NAG 'CONDENSED IUPAC CARBOHYDRATE SYMBOL' GMML     1.0 DGlcpNAcb                      
NAG 'COMMON NAME'                         GMML     1.0 N-acetyl-b-D-glucopyranosamine 
NAG 'IUPAC CARBOHYDRATE SYMBOL'           PDB-CARE 1.0 b-D-GlcpNAc                    
NAG 'SNFG CARBOHYDRATE SYMBOL'            GMML     1.0 GlcNAc                         
# 
loop_
_pdbx_poly_seq_scheme.asym_id 
_pdbx_poly_seq_scheme.entity_id 
_pdbx_poly_seq_scheme.seq_id 
_pdbx_poly_seq_scheme.mon_id 
_pdbx_poly_seq_scheme.ndb_seq_num 
_pdbx_poly_seq_scheme.pdb_seq_num 
_pdbx_poly_seq_scheme.auth_seq_num 
_pdbx_poly_seq_scheme.pdb_mon_id 
_pdbx_poly_seq_scheme.auth_mon_id 
_pdbx_poly_seq_scheme.pdb_strand_id 
_pdbx_poly_seq_scheme.pdb_ins_code 
_pdbx_poly_seq_scheme.hetero 
A 1 1   ASP 1   1   1   ASP ASP A . n 
A 1 2   THR 2   2   2   THR THR A . n 
A 1 3   ILE 3   3   3   ILE ILE A . n 
A 1 4   THR 4   4   4   THR THR A . n 
A 1 5   LEU 5   5   5   LEU LEU A . n 
A 1 6   PRO 6   6   6   PRO PRO A . n 
A 1 7   CYS 7   7   7   CYS CYS A . n 
A 1 8   ARG 8   8   8   ARG ARG A . n 
A 1 9   PRO 9   9   9   PRO PRO A . n 
A 1 10  ALA 10  10  10  ALA ALA A . n 
A 1 11  PRO 11  11  11  PRO PRO A . n 
A 1 12  PRO 12  12  12  PRO PRO A . n 
A 1 13  PRO 13  13  13  PRO PRO A . n 
A 1 14  HIS 14  14  14  HIS HIS A . n 
A 1 15  CYS 15  15  15  CYS CYS A . n 
A 1 16  SER 16  16  16  SER SER A . n 
A 1 17  SER 17  17  17  SER SER A . n 
A 1 18  ASN 18  18  18  ASN ASN A . n 
A 1 19  ILE 19  19  19  ILE ILE A . n 
A 1 20  THR 20  20  20  THR THR A . n 
A 1 21  GLY 21  21  21  GLY GLY A . n 
A 1 22  LEU 22  22  22  LEU LEU A . n 
A 1 23  ILE 23  23  23  ILE ILE A . n 
A 1 24  LEU 24  24  24  LEU LEU A . n 
A 1 25  THR 25  25  25  THR THR A . n 
A 1 26  ARG 26  26  26  ARG ARG A . n 
A 1 27  GLN 27  27  27  GLN GLN A . n 
A 1 28  GLY 28  28  ?   ?   ?   A . n 
A 1 29  GLY 29  29  ?   ?   ?   A . n 
A 1 30  TYR 30  30  ?   ?   ?   A . n 
A 1 31  SER 31  31  ?   ?   ?   A . n 
A 1 32  ASN 32  32  ?   ?   ?   A . n 
A 1 33  ALA 33  33  33  ALA ALA A . n 
A 1 34  ASN 34  34  34  ASN ASN A . n 
A 1 35  THR 35  35  35  THR THR A . n 
A 1 36  VAL 36  36  36  VAL VAL A . n 
A 1 37  ILE 37  37  37  ILE ILE A . n 
A 1 38  PHE 38  38  38  PHE PHE A . n 
A 1 39  ARG 39  39  39  ARG ARG A . n 
A 1 40  PRO 40  40  40  PRO PRO A . n 
A 1 41  SER 41  41  41  SER SER A . n 
A 1 42  GLY 42  42  42  GLY GLY A . n 
A 1 43  GLY 43  43  43  GLY GLY A . n 
A 1 44  ASP 44  44  44  ASP ASP A . n 
A 1 45  TRP 45  45  45  TRP TRP A . n 
A 1 46  ARG 46  46  46  ARG ARG A . n 
A 1 47  ASP 47  47  47  ASP ASP A . n 
A 1 48  ILE 48  48  48  ILE ILE A . n 
A 1 49  ALA 49  49  49  ALA ALA A . n 
A 1 50  ARG 50  50  50  ARG ARG A . n 
A 1 51  CYS 51  51  51  CYS CYS A . n 
A 1 52  GLN 52  52  52  GLN GLN A . n 
A 1 53  ILE 53  53  53  ILE ILE A . n 
A 1 54  ALA 54  54  54  ALA ALA A . n 
A 1 55  GLY 55  55  55  GLY GLY A . n 
A 1 56  THR 56  56  56  THR THR A . n 
A 1 57  VAL 57  57  57  VAL VAL A . n 
A 1 58  VAL 58  58  58  VAL VAL A . n 
A 1 59  SER 59  59  59  SER SER A . n 
A 1 60  THR 60  60  60  THR THR A . n 
A 1 61  GLN 61  61  61  GLN GLN A . n 
A 1 62  LEU 62  62  62  LEU LEU A . n 
A 1 63  PHE 63  63  63  PHE PHE A . n 
A 1 64  LEU 64  64  64  LEU LEU A . n 
A 1 65  ASN 65  65  65  ASN ASN A . n 
A 1 66  GLY 66  66  66  GLY GLY A . n 
A 1 67  SER 67  67  67  SER SER A . n 
A 1 68  LEU 68  68  68  LEU LEU A . n 
A 1 69  ALA 69  69  69  ALA ALA A . n 
A 1 70  GLU 70  70  70  GLU GLU A . n 
A 1 71  GLU 71  71  71  GLU GLU A . n 
A 1 72  GLU 72  72  72  GLU GLU A . n 
A 1 73  VAL 73  73  73  VAL VAL A . n 
A 1 74  VAL 74  74  74  VAL VAL A . n 
A 1 75  ILE 75  75  75  ILE ILE A . n 
A 1 76  ARG 76  76  76  ARG ARG A . n 
A 1 77  SER 77  77  77  SER SER A . n 
A 1 78  GLU 78  78  78  GLU GLU A . n 
A 1 79  ASP 79  79  79  ASP ASP A . n 
A 1 80  TRP 80  80  80  TRP TRP A . n 
A 1 81  ARG 81  81  81  ARG ARG A . n 
A 1 82  ASP 82  82  82  ASP ASP A . n 
A 1 83  ASN 83  83  83  ASN ASN A . n 
A 1 84  ALA 84  84  84  ALA ALA A . n 
A 1 85  LYS 85  85  85  LYS LYS A . n 
A 1 86  SER 86  86  86  SER SER A . n 
A 1 87  ILE 87  87  87  ILE ILE A . n 
A 1 88  CYS 88  88  88  CYS CYS A . n 
A 1 89  VAL 89  89  89  VAL VAL A . n 
A 1 90  GLN 90  90  90  GLN GLN A . n 
A 1 91  LEU 91  91  91  LEU LEU A . n 
A 1 92  ALA 92  92  92  ALA ALA A . n 
A 1 93  THR 93  93  93  THR THR A . n 
A 1 94  SER 94  94  94  SER SER A . n 
A 1 95  VAL 95  95  95  VAL VAL A . n 
A 1 96  GLU 96  96  96  GLU GLU A . n 
A 1 97  ILE 97  97  97  ILE ILE A . n 
A 1 98  ALA 98  98  98  ALA ALA A . n 
A 1 99  CYS 99  99  99  CYS CYS A . n 
A 1 100 THR 100 100 100 THR THR A . n 
A 1 101 GLY 101 101 101 GLY GLY A . n 
A 1 102 ALA 102 102 102 ALA ALA A . n 
A 1 103 GLY 103 103 103 GLY GLY A . n 
A 1 104 HIS 104 104 104 HIS HIS A . n 
A 1 105 CYS 105 105 105 CYS CYS A . n 
A 1 106 ALA 106 106 106 ALA ALA A . n 
A 1 107 ILE 107 107 107 ILE ILE A . n 
A 1 108 SER 108 108 108 SER SER A . n 
A 1 109 ARG 109 109 109 ARG ARG A . n 
A 1 110 ALA 110 110 110 ALA ALA A . n 
A 1 111 LYS 111 111 111 LYS LYS A . n 
A 1 112 TRP 112 112 112 TRP TRP A . n 
A 1 113 ALA 113 113 113 ALA ALA A . n 
A 1 114 ASN 114 114 114 ASN ASN A . n 
A 1 115 THR 115 115 115 THR THR A . n 
A 1 116 LEU 116 116 116 LEU LEU A . n 
A 1 117 LYS 117 117 117 LYS LYS A . n 
A 1 118 GLN 118 118 118 GLN GLN A . n 
A 1 119 ILE 119 119 119 ILE ILE A . n 
A 1 120 ALA 120 120 120 ALA ALA A . n 
A 1 121 SER 121 121 121 SER SER A . n 
A 1 122 LYS 122 122 122 LYS LYS A . n 
A 1 123 LEU 123 123 123 LEU LEU A . n 
A 1 124 ARG 124 124 124 ARG ARG A . n 
A 1 125 GLU 125 125 125 GLU GLU A . n 
A 1 126 GLN 126 126 126 GLN GLN A . n 
A 1 127 TYR 127 127 127 TYR TYR A . n 
A 1 128 GLY 128 128 128 GLY GLY A . n 
A 1 129 ALA 129 129 129 ALA ALA A . n 
A 1 130 LYS 130 130 130 LYS LYS A . n 
A 1 131 THR 131 131 131 THR THR A . n 
A 1 132 ILE 132 132 132 ILE ILE A . n 
A 1 133 ILE 133 133 133 ILE ILE A . n 
A 1 134 PHE 134 134 134 PHE PHE A . n 
A 1 135 LYS 135 135 135 LYS LYS A . n 
A 1 136 PRO 136 136 136 PRO PRO A . n 
A 1 137 SER 137 137 137 SER SER A . n 
A 1 138 SER 138 138 ?   ?   ?   A . n 
A 1 139 GLY 139 139 ?   ?   ?   A . n 
A 1 140 GLY 140 140 ?   ?   ?   A . n 
A 1 141 ASP 141 141 141 ASP ASP A . n 
A 1 142 PRO 142 142 142 PRO PRO A . n 
A 1 143 GLU 143 143 143 GLU GLU A . n 
A 1 144 PHE 144 144 144 PHE PHE A . n 
A 1 145 VAL 145 145 145 VAL VAL A . n 
A 1 146 ASN 146 146 146 ASN ASN A . n 
A 1 147 HIS 147 147 147 HIS HIS A . n 
A 1 148 SER 148 148 148 SER SER A . n 
A 1 149 PHE 149 149 149 PHE PHE A . n 
A 1 150 ASN 150 150 150 ASN ASN A . n 
A 1 151 CYS 151 151 151 CYS CYS A . n 
A 1 152 GLY 152 152 152 GLY GLY A . n 
A 1 153 GLY 153 153 153 GLY GLY A . n 
A 1 154 GLU 154 154 154 GLU GLU A . n 
A 1 155 PHE 155 155 155 PHE PHE A . n 
A 1 156 PHE 156 156 156 PHE PHE A . n 
A 1 157 TYR 157 157 157 TYR TYR A . n 
A 1 158 CYS 158 158 158 CYS CYS A . n 
A 1 159 ALA 159 159 159 ALA ALA A . n 
A 1 160 SER 160 160 160 SER SER A . n 
A 1 161 THR 161 161 161 THR THR A . n 
A 1 162 GLN 162 162 162 GLN GLN A . n 
A 1 163 LEU 163 163 163 LEU LEU A . n 
A 1 164 PHE 164 164 164 PHE PHE A . n 
A 1 165 ALA 165 165 165 ALA ALA A . n 
A 1 166 SER 166 166 166 SER SER A . n 
A 1 167 THR 167 167 167 THR THR A . n 
A 1 168 TRP 168 168 168 TRP TRP A . n 
A 1 169 PHE 169 169 169 PHE PHE A . n 
A 1 170 ALA 170 170 170 ALA ALA A . n 
A 1 171 SER 171 171 ?   ?   ?   A . n 
A 1 172 THR 172 172 ?   ?   ?   A . n 
A 1 173 GLY 173 173 ?   ?   ?   A . n 
A 1 174 THR 174 174 ?   ?   ?   A . n 
A 1 175 LYS 175 175 ?   ?   ?   A . n 
A 1 176 HIS 176 176 ?   ?   ?   A . n 
A 1 177 HIS 177 177 ?   ?   ?   A . n 
A 1 178 HIS 178 178 ?   ?   ?   A . n 
A 1 179 HIS 179 179 ?   ?   ?   A . n 
A 1 180 HIS 180 180 ?   ?   ?   A . n 
A 1 181 HIS 181 181 ?   ?   ?   A . n 
# 
loop_
_pdbx_nonpoly_scheme.asym_id 
_pdbx_nonpoly_scheme.entity_id 
_pdbx_nonpoly_scheme.mon_id 
_pdbx_nonpoly_scheme.ndb_seq_num 
_pdbx_nonpoly_scheme.pdb_seq_num 
_pdbx_nonpoly_scheme.auth_seq_num 
_pdbx_nonpoly_scheme.pdb_mon_id 
_pdbx_nonpoly_scheme.auth_mon_id 
_pdbx_nonpoly_scheme.pdb_strand_id 
_pdbx_nonpoly_scheme.pdb_ins_code 
B 2 NAG 1 201 1018 NAG NAG A . 
C 2 NAG 1 202 1065 NAG NAG A . 
# 
loop_
_pdbx_unobs_or_zero_occ_atoms.id 
_pdbx_unobs_or_zero_occ_atoms.PDB_model_num 
_pdbx_unobs_or_zero_occ_atoms.polymer_flag 
_pdbx_unobs_or_zero_occ_atoms.occupancy_flag 
_pdbx_unobs_or_zero_occ_atoms.auth_asym_id 
_pdbx_unobs_or_zero_occ_atoms.auth_comp_id 
_pdbx_unobs_or_zero_occ_atoms.auth_seq_id 
_pdbx_unobs_or_zero_occ_atoms.PDB_ins_code 
_pdbx_unobs_or_zero_occ_atoms.auth_atom_id 
_pdbx_unobs_or_zero_occ_atoms.label_alt_id 
_pdbx_unobs_or_zero_occ_atoms.label_asym_id 
_pdbx_unobs_or_zero_occ_atoms.label_comp_id 
_pdbx_unobs_or_zero_occ_atoms.label_seq_id 
_pdbx_unobs_or_zero_occ_atoms.label_atom_id 
1  1 Y 1 A ASP 1   ? CG  ? A ASP 1   CG  
2  1 Y 1 A ASP 1   ? OD1 ? A ASP 1   OD1 
3  1 Y 1 A ASP 1   ? OD2 ? A ASP 1   OD2 
4  1 Y 1 A ARG 46  ? CG  ? A ARG 46  CG  
5  1 Y 1 A ARG 46  ? CD  ? A ARG 46  CD  
6  1 Y 1 A ARG 46  ? NE  ? A ARG 46  NE  
7  1 Y 1 A ARG 46  ? CZ  ? A ARG 46  CZ  
8  1 Y 1 A ARG 46  ? NH1 ? A ARG 46  NH1 
9  1 Y 1 A ARG 46  ? NH2 ? A ARG 46  NH2 
10 1 Y 1 A ASP 47  ? CG  ? A ASP 47  CG  
11 1 Y 1 A ASP 47  ? OD1 ? A ASP 47  OD1 
12 1 Y 1 A ASP 47  ? OD2 ? A ASP 47  OD2 
13 1 Y 1 A ARG 50  ? CG  ? A ARG 50  CG  
14 1 Y 1 A ARG 50  ? CD  ? A ARG 50  CD  
15 1 Y 1 A ARG 50  ? NE  ? A ARG 50  NE  
16 1 Y 1 A ARG 50  ? CZ  ? A ARG 50  CZ  
17 1 Y 1 A ARG 50  ? NH1 ? A ARG 50  NH1 
18 1 Y 1 A ARG 50  ? NH2 ? A ARG 50  NH2 
19 1 Y 1 A ARG 81  ? CG  ? A ARG 81  CG  
20 1 Y 1 A ARG 81  ? CD  ? A ARG 81  CD  
21 1 Y 1 A ARG 81  ? NE  ? A ARG 81  NE  
22 1 Y 1 A ARG 81  ? CZ  ? A ARG 81  CZ  
23 1 Y 1 A ARG 81  ? NH1 ? A ARG 81  NH1 
24 1 Y 1 A ARG 81  ? NH2 ? A ARG 81  NH2 
25 1 Y 1 A GLU 143 ? CG  ? A GLU 143 CG  
26 1 Y 1 A GLU 143 ? CD  ? A GLU 143 CD  
27 1 Y 1 A GLU 143 ? OE1 ? A GLU 143 OE1 
28 1 Y 1 A GLU 143 ? OE2 ? A GLU 143 OE2 
# 
loop_
_software.citation_id 
_software.classification 
_software.compiler_name 
_software.compiler_version 
_software.contact_author 
_software.contact_author_email 
_software.date 
_software.description 
_software.dependencies 
_software.hardware 
_software.language 
_software.location 
_software.mods 
_software.name 
_software.os 
_software.os_version 
_software.type 
_software.version 
_software.pdbx_ordinal 
? 'data scaling'    ? ? ? ? ? ? ? ? ? ? ? XSCALE      ? ? ? .    1 
? refinement        ? ? ? ? ? ? ? ? ? ? ? PHENIX      ? ? ? .    2 
? 'data extraction' ? ? ? ? ? ? ? ? ? ? ? PDB_EXTRACT ? ? ? 3.20 3 
? phasing           ? ? ? ? ? ? ? ? ? ? ? PHASER      ? ? ? .    4 
# 
_cell.angle_alpha                  90.000 
_cell.angle_alpha_esd              ? 
_cell.angle_beta                   90.000 
_cell.angle_beta_esd               ? 
_cell.angle_gamma                  90.000 
_cell.angle_gamma_esd              ? 
_cell.entry_id                     5IDL 
_cell.details                      ? 
_cell.formula_units_Z              ? 
_cell.length_a                     34.330 
_cell.length_a_esd                 ? 
_cell.length_b                     53.060 
_cell.length_b_esd                 ? 
_cell.length_c                     77.990 
_cell.length_c_esd                 ? 
_cell.volume                       ? 
_cell.volume_esd                   ? 
_cell.Z_PDB                        4 
_cell.reciprocal_angle_alpha       ? 
_cell.reciprocal_angle_beta        ? 
_cell.reciprocal_angle_gamma       ? 
_cell.reciprocal_angle_alpha_esd   ? 
_cell.reciprocal_angle_beta_esd    ? 
_cell.reciprocal_angle_gamma_esd   ? 
_cell.reciprocal_length_a          ? 
_cell.reciprocal_length_b          ? 
_cell.reciprocal_length_c          ? 
_cell.reciprocal_length_a_esd      ? 
_cell.reciprocal_length_b_esd      ? 
_cell.reciprocal_length_c_esd      ? 
_cell.pdbx_unique_axis             ? 
# 
_symmetry.entry_id                         5IDL 
_symmetry.cell_setting                     ? 
_symmetry.Int_Tables_number                19 
_symmetry.space_group_name_Hall            ? 
_symmetry.space_group_name_H-M             'P 21 21 21' 
_symmetry.pdbx_full_space_group_name_H-M   ? 
# 
_exptl.absorpt_coefficient_mu     ? 
_exptl.absorpt_correction_T_max   ? 
_exptl.absorpt_correction_T_min   ? 
_exptl.absorpt_correction_type    ? 
_exptl.absorpt_process_details    ? 
_exptl.entry_id                   5IDL 
_exptl.crystals_number            1 
_exptl.details                    ? 
_exptl.method                     'X-RAY DIFFRACTION' 
_exptl.method_details             ? 
# 
_exptl_crystal.colour                      ? 
_exptl_crystal.density_diffrn              ? 
_exptl_crystal.density_Matthews            1.80 
_exptl_crystal.density_method              ? 
_exptl_crystal.density_percent_sol         31.67 
_exptl_crystal.description                 ? 
_exptl_crystal.F_000                       ? 
_exptl_crystal.id                          1 
_exptl_crystal.preparation                 ? 
_exptl_crystal.size_max                    ? 
_exptl_crystal.size_mid                    ? 
_exptl_crystal.size_min                    ? 
_exptl_crystal.size_rad                    ? 
_exptl_crystal.colour_lustre               ? 
_exptl_crystal.colour_modifier             ? 
_exptl_crystal.colour_primary              ? 
_exptl_crystal.density_meas                ? 
_exptl_crystal.density_meas_esd            ? 
_exptl_crystal.density_meas_gt             ? 
_exptl_crystal.density_meas_lt             ? 
_exptl_crystal.density_meas_temp           ? 
_exptl_crystal.density_meas_temp_esd       ? 
_exptl_crystal.density_meas_temp_gt        ? 
_exptl_crystal.density_meas_temp_lt        ? 
_exptl_crystal.pdbx_crystal_image_url      ? 
_exptl_crystal.pdbx_crystal_image_format   ? 
_exptl_crystal.pdbx_mosaicity              ? 
_exptl_crystal.pdbx_mosaicity_esd          ? 
# 
_exptl_crystal_grow.apparatus       ? 
_exptl_crystal_grow.atmosphere      ? 
_exptl_crystal_grow.crystal_id      1 
_exptl_crystal_grow.details         ? 
_exptl_crystal_grow.method          'VAPOR DIFFUSION, SITTING DROP' 
_exptl_crystal_grow.method_ref      ? 
_exptl_crystal_grow.pH              7.5 
_exptl_crystal_grow.pressure        ? 
_exptl_crystal_grow.pressure_esd    ? 
_exptl_crystal_grow.seeding         ? 
_exptl_crystal_grow.seeding_ref     ? 
_exptl_crystal_grow.temp            293 
_exptl_crystal_grow.temp_details    ? 
_exptl_crystal_grow.temp_esd        ? 
_exptl_crystal_grow.time            ? 
_exptl_crystal_grow.pdbx_details    '2% (v/v) PEG 400, 2M ammonium sulfate, 0.1M HEPES pH 7.5' 
_exptl_crystal_grow.pdbx_pH_range   ? 
# 
_diffrn.ambient_environment    ? 
_diffrn.ambient_temp           100 
_diffrn.ambient_temp_details   ? 
_diffrn.ambient_temp_esd       ? 
_diffrn.crystal_id             1 
_diffrn.crystal_support        ? 
_diffrn.crystal_treatment      ? 
_diffrn.details                ? 
_diffrn.id                     1 
_diffrn.ambient_pressure       ? 
_diffrn.ambient_pressure_esd   ? 
_diffrn.ambient_pressure_gt    ? 
_diffrn.ambient_pressure_lt    ? 
_diffrn.ambient_temp_gt        ? 
_diffrn.ambient_temp_lt        ? 
# 
_diffrn_detector.details                      ? 
_diffrn_detector.detector                     PIXEL 
_diffrn_detector.diffrn_id                    1 
_diffrn_detector.type                         'DECTRIS PILATUS 6M' 
_diffrn_detector.area_resol_mean              ? 
_diffrn_detector.dtime                        ? 
_diffrn_detector.pdbx_frames_total            ? 
_diffrn_detector.pdbx_collection_time_total   ? 
_diffrn_detector.pdbx_collection_date         2014-05-14 
# 
_diffrn_radiation.collimation                      ? 
_diffrn_radiation.diffrn_id                        1 
_diffrn_radiation.filter_edge                      ? 
_diffrn_radiation.inhomogeneity                    ? 
_diffrn_radiation.monochromator                    ? 
_diffrn_radiation.polarisn_norm                    ? 
_diffrn_radiation.polarisn_ratio                   ? 
_diffrn_radiation.probe                            ? 
_diffrn_radiation.type                             ? 
_diffrn_radiation.xray_symbol                      ? 
_diffrn_radiation.wavelength_id                    1 
_diffrn_radiation.pdbx_monochromatic_or_laue_m_l   M 
_diffrn_radiation.pdbx_wavelength_list             ? 
_diffrn_radiation.pdbx_wavelength                  ? 
_diffrn_radiation.pdbx_diffrn_protocol             'SINGLE WAVELENGTH' 
_diffrn_radiation.pdbx_analyzer                    ? 
_diffrn_radiation.pdbx_scattering_type             x-ray 
# 
_diffrn_radiation_wavelength.id           1 
_diffrn_radiation_wavelength.wavelength   0.97945 
_diffrn_radiation_wavelength.wt           1.0 
# 
_diffrn_source.current                     ? 
_diffrn_source.details                     ? 
_diffrn_source.diffrn_id                   1 
_diffrn_source.power                       ? 
_diffrn_source.size                        ? 
_diffrn_source.source                      SYNCHROTRON 
_diffrn_source.target                      ? 
_diffrn_source.type                        'SSRL BEAMLINE BL11-1' 
_diffrn_source.voltage                     ? 
_diffrn_source.take-off_angle              ? 
_diffrn_source.pdbx_wavelength_list        0.97945 
_diffrn_source.pdbx_wavelength             ? 
_diffrn_source.pdbx_synchrotron_beamline   BL11-1 
_diffrn_source.pdbx_synchrotron_site       SSRL 
# 
_reflns.B_iso_Wilson_estimate            62.610 
_reflns.entry_id                         5IDL 
_reflns.data_reduction_details           ? 
_reflns.data_reduction_method            ? 
_reflns.d_resolution_high                2.840 
_reflns.d_resolution_low                 40.0 
_reflns.details                          ? 
_reflns.limit_h_max                      ? 
_reflns.limit_h_min                      ? 
_reflns.limit_k_max                      ? 
_reflns.limit_k_min                      ? 
_reflns.limit_l_max                      ? 
_reflns.limit_l_min                      ? 
_reflns.number_all                       ? 
_reflns.number_obs                       3333 
_reflns.observed_criterion               ? 
_reflns.observed_criterion_F_max         ? 
_reflns.observed_criterion_F_min         ? 
_reflns.observed_criterion_I_max         ? 
_reflns.observed_criterion_I_min         ? 
_reflns.observed_criterion_sigma_F       ? 
_reflns.observed_criterion_sigma_I       -3.000 
_reflns.percent_possible_obs             99.400 
_reflns.R_free_details                   ? 
_reflns.Rmerge_F_all                     ? 
_reflns.Rmerge_F_obs                     ? 
_reflns.Friedel_coverage                 ? 
_reflns.number_gt                        ? 
_reflns.threshold_expression             ? 
_reflns.pdbx_redundancy                  5.8 
_reflns.pdbx_Rmerge_I_obs                0.131 
_reflns.pdbx_Rmerge_I_all                ? 
_reflns.pdbx_Rsym_value                  ? 
_reflns.pdbx_netI_over_av_sigmaI         ? 
_reflns.pdbx_netI_over_sigmaI            6.930 
_reflns.pdbx_res_netI_over_av_sigmaI_2   ? 
_reflns.pdbx_res_netI_over_sigmaI_2      ? 
_reflns.pdbx_chi_squared                 ? 
_reflns.pdbx_scaling_rejects             ? 
_reflns.pdbx_d_res_high_opt              ? 
_reflns.pdbx_d_res_low_opt               ? 
_reflns.pdbx_d_res_opt_method            ? 
_reflns.phase_calculation_details        ? 
_reflns.pdbx_Rrim_I_all                  ? 
_reflns.pdbx_Rpim_I_all                  ? 
_reflns.pdbx_d_opt                       ? 
_reflns.pdbx_number_measured_all         ? 
_reflns.pdbx_diffrn_id                   1 
_reflns.pdbx_ordinal                     1 
_reflns.pdbx_CC_half                     0.994 
_reflns.pdbx_R_split                     ? 
# 
loop_
_reflns_shell.d_res_high 
_reflns_shell.d_res_low 
_reflns_shell.meanI_over_sigI_all 
_reflns_shell.meanI_over_sigI_obs 
_reflns_shell.number_measured_all 
_reflns_shell.number_measured_obs 
_reflns_shell.number_possible 
_reflns_shell.number_unique_all 
_reflns_shell.number_unique_obs 
_reflns_shell.percent_possible_all 
_reflns_shell.percent_possible_obs 
_reflns_shell.Rmerge_F_all 
_reflns_shell.Rmerge_F_obs 
_reflns_shell.Rmerge_I_all 
_reflns_shell.Rmerge_I_obs 
_reflns_shell.meanI_over_sigI_gt 
_reflns_shell.meanI_over_uI_all 
_reflns_shell.meanI_over_uI_gt 
_reflns_shell.number_measured_gt 
_reflns_shell.number_unique_gt 
_reflns_shell.percent_possible_gt 
_reflns_shell.Rmerge_F_gt 
_reflns_shell.Rmerge_I_gt 
_reflns_shell.pdbx_redundancy 
_reflns_shell.pdbx_Rsym_value 
_reflns_shell.pdbx_chi_squared 
_reflns_shell.pdbx_netI_over_sigmaI_all 
_reflns_shell.pdbx_netI_over_sigmaI_obs 
_reflns_shell.pdbx_Rrim_I_all 
_reflns_shell.pdbx_Rpim_I_all 
_reflns_shell.pdbx_rejects 
_reflns_shell.pdbx_ordinal 
_reflns_shell.pdbx_diffrn_id 
_reflns_shell.pdbx_CC_half 
_reflns_shell.pdbx_R_split 
2.840  2.920  ? 1.400  ? ? ? ? ? 98.900  ? ? ? ? 0.779 ? ? ? ? ? ? ? ? ? ? ? ? ? ? ? ? 1  1 ? ? 
2.920  3.000  ? 1.790  ? ? ? ? ? 99.800  ? ? ? ? 0.564 ? ? ? ? ? ? ? ? ? ? ? ? ? ? ? ? 2  1 ? ? 
3.000  3.080  ? 2.020  ? ? ? ? ? 99.300  ? ? ? ? 0.581 ? ? ? ? ? ? ? ? ? ? ? ? ? ? ? ? 3  1 ? ? 
3.080  3.180  ? 2.450  ? ? ? ? ? 100.000 ? ? ? ? 0.457 ? ? ? ? ? ? ? ? ? ? ? ? ? ? ? ? 4  1 ? ? 
3.180  3.280  ? 3.430  ? ? ? ? ? 99.800  ? ? ? ? 0.296 ? ? ? ? ? ? ? ? ? ? ? ? ? ? ? ? 5  1 ? ? 
3.280  3.400  ? 3.330  ? ? ? ? ? 98.800  ? ? ? ? 0.294 ? ? ? ? ? ? ? ? ? ? ? ? ? ? ? ? 6  1 ? ? 
3.400  3.530  ? 4.020  ? ? ? ? ? 99.200  ? ? ? ? 0.249 ? ? ? ? ? ? ? ? ? ? ? ? ? ? ? ? 7  1 ? ? 
3.530  3.670  ? 5.510  ? ? ? ? ? 100.000 ? ? ? ? 0.194 ? ? ? ? ? ? ? ? ? ? ? ? ? ? ? ? 8  1 ? ? 
3.670  3.830  ? 6.520  ? ? ? ? ? 99.700  ? ? ? ? 0.167 ? ? ? ? ? ? ? ? ? ? ? ? ? ? ? ? 9  1 ? ? 
3.830  4.020  ? 7.480  ? ? ? ? ? 98.300  ? ? ? ? 0.126 ? ? ? ? ? ? ? ? ? ? ? ? ? ? ? ? 10 1 ? ? 
4.020  4.240  ? 9.310  ? ? ? ? ? 98.800  ? ? ? ? 0.110 ? ? ? ? ? ? ? ? ? ? ? ? ? ? ? ? 11 1 ? ? 
4.240  4.500  ? 10.280 ? ? ? ? ? 100.000 ? ? ? ? 0.100 ? ? ? ? ? ? ? ? ? ? ? ? ? ? ? ? 12 1 ? ? 
4.500  4.810  ? 12.620 ? ? ? ? ? 99.700  ? ? ? ? 0.077 ? ? ? ? ? ? ? ? ? ? ? ? ? ? ? ? 13 1 ? ? 
4.810  5.190  ? 13.840 ? ? ? ? ? 100.000 ? ? ? ? 0.071 ? ? ? ? ? ? ? ? ? ? ? ? ? ? ? ? 14 1 ? ? 
5.190  5.690  ? 12.300 ? ? ? ? ? 100.000 ? ? ? ? 0.076 ? ? ? ? ? ? ? ? ? ? ? ? ? ? ? ? 15 1 ? ? 
5.690  6.360  ? 11.410 ? ? ? ? ? 99.100  ? ? ? ? 0.087 ? ? ? ? ? ? ? ? ? ? ? ? ? ? ? ? 16 1 ? ? 
6.360  7.340  ? 11.000 ? ? ? ? ? 100.000 ? ? ? ? 0.086 ? ? ? ? ? ? ? ? ? ? ? ? ? ? ? ? 17 1 ? ? 
7.340  8.990  ? 18.180 ? ? ? ? ? 99.400  ? ? ? ? 0.046 ? ? ? ? ? ? ? ? ? ? ? ? ? ? ? ? 18 1 ? ? 
8.990  12.710 ? 22.380 ? ? ? ? ? 99.300  ? ? ? ? 0.048 ? ? ? ? ? ? ? ? ? ? ? ? ? ? ? ? 19 1 ? ? 
12.710 ?      ? 24.590 ? ? ? ? ? 95.700  ? ? ? ? 0.033 ? ? ? ? ? ? ? ? ? ? ? ? ? ? ? ? 20 1 ? ? 
# 
_refine.aniso_B[1][1]                            ? 
_refine.aniso_B[1][2]                            ? 
_refine.aniso_B[1][3]                            ? 
_refine.aniso_B[2][2]                            ? 
_refine.aniso_B[2][3]                            ? 
_refine.aniso_B[3][3]                            ? 
_refine.B_iso_max                                94.090 
_refine.B_iso_mean                               52.3497 
_refine.B_iso_min                                33.990 
_refine.correlation_coeff_Fo_to_Fc               ? 
_refine.correlation_coeff_Fo_to_Fc_free          ? 
_refine.details                                  ? 
_refine.diff_density_max                         ? 
_refine.diff_density_max_esd                     ? 
_refine.diff_density_min                         ? 
_refine.diff_density_min_esd                     ? 
_refine.diff_density_rms                         ? 
_refine.diff_density_rms_esd                     ? 
_refine.entry_id                                 5IDL 
_refine.pdbx_refine_id                           'X-RAY DIFFRACTION' 
_refine.ls_abs_structure_details                 ? 
_refine.ls_abs_structure_Flack                   ? 
_refine.ls_abs_structure_Flack_esd               ? 
_refine.ls_abs_structure_Rogers                  ? 
_refine.ls_abs_structure_Rogers_esd              ? 
_refine.ls_d_res_high                            2.9000 
_refine.ls_d_res_low                             31.4220 
_refine.ls_extinction_coef                       ? 
_refine.ls_extinction_coef_esd                   ? 
_refine.ls_extinction_expression                 ? 
_refine.ls_extinction_method                     ? 
_refine.ls_goodness_of_fit_all                   ? 
_refine.ls_goodness_of_fit_all_esd               ? 
_refine.ls_goodness_of_fit_obs                   ? 
_refine.ls_goodness_of_fit_obs_esd               ? 
_refine.ls_hydrogen_treatment                    ? 
_refine.ls_matrix_type                           ? 
_refine.ls_number_constraints                    ? 
_refine.ls_number_parameters                     ? 
_refine.ls_number_reflns_all                     ? 
_refine.ls_number_reflns_obs                     3332 
_refine.ls_number_reflns_R_free                  243 
_refine.ls_number_reflns_R_work                  ? 
_refine.ls_number_restraints                     ? 
_refine.ls_percent_reflns_obs                    96.6 
_refine.ls_percent_reflns_R_free                 10.0200 
_refine.ls_R_factor_all                          ? 
_refine.ls_R_factor_obs                          0.2575 
_refine.ls_R_factor_R_free                       0.2971 
_refine.ls_R_factor_R_free_error                 ? 
_refine.ls_R_factor_R_free_error_details         ? 
_refine.ls_R_factor_R_work                       0.2531 
_refine.ls_R_Fsqd_factor_obs                     ? 
_refine.ls_R_I_factor_obs                        ? 
_refine.ls_redundancy_reflns_all                 ? 
_refine.ls_redundancy_reflns_obs                 ? 
_refine.ls_restrained_S_all                      ? 
_refine.ls_restrained_S_obs                      ? 
_refine.ls_shift_over_esd_max                    ? 
_refine.ls_shift_over_esd_mean                   ? 
_refine.ls_structure_factor_coef                 ? 
_refine.ls_weighting_details                     ? 
_refine.ls_weighting_scheme                      ? 
_refine.ls_wR_factor_all                         ? 
_refine.ls_wR_factor_obs                         ? 
_refine.ls_wR_factor_R_free                      ? 
_refine.ls_wR_factor_R_work                      ? 
_refine.occupancy_max                            ? 
_refine.occupancy_min                            ? 
_refine.solvent_model_details                    ? 
_refine.solvent_model_param_bsol                 ? 
_refine.solvent_model_param_ksol                 ? 
_refine.ls_R_factor_gt                           ? 
_refine.ls_goodness_of_fit_gt                    ? 
_refine.ls_goodness_of_fit_ref                   ? 
_refine.ls_shift_over_su_max                     ? 
_refine.ls_shift_over_su_max_lt                  ? 
_refine.ls_shift_over_su_mean                    ? 
_refine.ls_shift_over_su_mean_lt                 ? 
_refine.pdbx_ls_sigma_I                          ? 
_refine.pdbx_ls_sigma_F                          ? 
_refine.pdbx_ls_sigma_Fsqd                       ? 
_refine.pdbx_data_cutoff_high_absF               ? 
_refine.pdbx_data_cutoff_high_rms_absF           ? 
_refine.pdbx_data_cutoff_low_absF                ? 
_refine.pdbx_isotropic_thermal_model             ? 
_refine.pdbx_ls_cross_valid_method               'FREE R-VALUE' 
_refine.pdbx_method_to_determine_struct          'MOLECULAR REPLACEMENT' 
_refine.pdbx_starting_model                      4JPJ 
_refine.pdbx_stereochemistry_target_values       ? 
_refine.pdbx_R_Free_selection_details            ? 
_refine.pdbx_stereochem_target_val_spec_case     ? 
_refine.pdbx_overall_ESU_R                       ? 
_refine.pdbx_overall_ESU_R_Free                  ? 
_refine.pdbx_solvent_vdw_probe_radii             1.1100 
_refine.pdbx_solvent_ion_probe_radii             ? 
_refine.pdbx_solvent_shrinkage_radii             0.9000 
_refine.pdbx_real_space_R                        ? 
_refine.pdbx_density_correlation                 ? 
_refine.pdbx_pd_number_of_powder_patterns        ? 
_refine.pdbx_pd_number_of_points                 ? 
_refine.pdbx_pd_meas_number_of_points            ? 
_refine.pdbx_pd_proc_ls_prof_R_factor            ? 
_refine.pdbx_pd_proc_ls_prof_wR_factor           ? 
_refine.pdbx_pd_Marquardt_correlation_coeff      ? 
_refine.pdbx_pd_Fsqrd_R_factor                   ? 
_refine.pdbx_pd_ls_matrix_band_width             ? 
_refine.pdbx_overall_phase_error                 28.9600 
_refine.pdbx_overall_SU_R_free_Cruickshank_DPI   ? 
_refine.pdbx_overall_SU_R_free_Blow_DPI          ? 
_refine.pdbx_overall_SU_R_Blow_DPI               ? 
_refine.pdbx_TLS_residual_ADP_flag               ? 
_refine.pdbx_diffrn_id                           1 
_refine.overall_SU_B                             ? 
_refine.overall_SU_ML                            0.3300 
_refine.overall_SU_R_Cruickshank_DPI             ? 
_refine.overall_SU_R_free                        ? 
_refine.overall_FOM_free_R_set                   ? 
_refine.overall_FOM_work_R_set                   ? 
_refine.pdbx_average_fsc_overall                 ? 
_refine.pdbx_average_fsc_work                    ? 
_refine.pdbx_average_fsc_free                    ? 
# 
_refine_hist.cycle_id                         final 
_refine_hist.pdbx_refine_id                   'X-RAY DIFFRACTION' 
_refine_hist.d_res_high                       2.9000 
_refine_hist.d_res_low                        31.4220 
_refine_hist.pdbx_number_atoms_ligand         28 
_refine_hist.number_atoms_solvent             0 
_refine_hist.number_atoms_total               1245 
_refine_hist.pdbx_number_residues_total       162 
_refine_hist.pdbx_B_iso_mean_ligand           58.83 
_refine_hist.pdbx_number_atoms_protein        1217 
_refine_hist.pdbx_number_atoms_nucleic_acid   0 
# 
loop_
_refine_ls_restr.pdbx_refine_id 
_refine_ls_restr.criterion 
_refine_ls_restr.dev_ideal 
_refine_ls_restr.dev_ideal_target 
_refine_ls_restr.number 
_refine_ls_restr.rejects 
_refine_ls_restr.type 
_refine_ls_restr.weight 
_refine_ls_restr.pdbx_restraint_function 
'X-RAY DIFFRACTION' ? 0.002  ? 1278 ? f_bond_d           ? ? 
'X-RAY DIFFRACTION' ? 0.455  ? 1745 ? f_angle_d          ? ? 
'X-RAY DIFFRACTION' ? 0.042  ? 206  ? f_chiral_restr     ? ? 
'X-RAY DIFFRACTION' ? 0.003  ? 220  ? f_plane_restr      ? ? 
'X-RAY DIFFRACTION' ? 13.888 ? 756  ? f_dihedral_angle_d ? ? 
# 
loop_
_refine_ls_shell.pdbx_refine_id 
_refine_ls_shell.d_res_high 
_refine_ls_shell.d_res_low 
_refine_ls_shell.number_reflns_all 
_refine_ls_shell.number_reflns_obs 
_refine_ls_shell.number_reflns_R_free 
_refine_ls_shell.number_reflns_R_work 
_refine_ls_shell.percent_reflns_obs 
_refine_ls_shell.percent_reflns_R_free 
_refine_ls_shell.R_factor_all 
_refine_ls_shell.R_factor_obs 
_refine_ls_shell.R_factor_R_free 
_refine_ls_shell.R_factor_R_free_error 
_refine_ls_shell.R_factor_R_work 
_refine_ls_shell.redundancy_reflns_all 
_refine_ls_shell.redundancy_reflns_obs 
_refine_ls_shell.wR_factor_all 
_refine_ls_shell.wR_factor_obs 
_refine_ls_shell.wR_factor_R_free 
_refine_ls_shell.wR_factor_R_work 
_refine_ls_shell.pdbx_total_number_of_bins_used 
_refine_ls_shell.pdbx_phase_error 
_refine_ls_shell.pdbx_fsc_work 
_refine_ls_shell.pdbx_fsc_free 
'X-RAY DIFFRACTION' 2.9004 3.6533 . . 157 1413 95.0000 . . . 0.3498 . .      . . . . . . . . . . 
'X-RAY DIFFRACTION' 3.6533 .      . . 177 1585 99.0000 . . . 0.2762 . 0.2357 . . . . . . . . . . 
# 
_struct.entry_id                     5IDL 
_struct.title                        'Crystal structure of the germline-targeting HIV-1 gp120 engineered outer domain, eOD-GT8' 
_struct.pdbx_model_details           ? 
_struct.pdbx_formula_weight          ? 
_struct.pdbx_formula_weight_method   ? 
_struct.pdbx_model_type_details      ? 
_struct.pdbx_CASP_flag               ? 
# 
_struct_keywords.entry_id        5IDL 
_struct_keywords.text            'HIV Env, germline-targeting immunogen, VIRAL PROTEIN' 
_struct_keywords.pdbx_keywords   'VIRAL PROTEIN' 
# 
loop_
_struct_asym.id 
_struct_asym.pdbx_blank_PDB_chainid_flag 
_struct_asym.pdbx_modified 
_struct_asym.entity_id 
_struct_asym.details 
A N N 1 ? 
B N N 2 ? 
C N N 2 ? 
# 
_struct_ref.id                         1 
_struct_ref.db_name                    PDB 
_struct_ref.db_code                    5IDL 
_struct_ref.pdbx_db_accession          5IDL 
_struct_ref.pdbx_db_isoform            ? 
_struct_ref.entity_id                  1 
_struct_ref.pdbx_seq_one_letter_code   ? 
_struct_ref.pdbx_align_begin           1 
# 
_struct_ref_seq.align_id                      1 
_struct_ref_seq.ref_id                        1 
_struct_ref_seq.pdbx_PDB_id_code              5IDL 
_struct_ref_seq.pdbx_strand_id                A 
_struct_ref_seq.seq_align_beg                 1 
_struct_ref_seq.pdbx_seq_align_beg_ins_code   ? 
_struct_ref_seq.seq_align_end                 181 
_struct_ref_seq.pdbx_seq_align_end_ins_code   ? 
_struct_ref_seq.pdbx_db_accession             5IDL 
_struct_ref_seq.db_align_beg                  1 
_struct_ref_seq.pdbx_db_align_beg_ins_code    ? 
_struct_ref_seq.db_align_end                  181 
_struct_ref_seq.pdbx_db_align_end_ins_code    ? 
_struct_ref_seq.pdbx_auth_seq_align_beg       1 
_struct_ref_seq.pdbx_auth_seq_align_end       181 
# 
_pdbx_struct_assembly.id                   1 
_pdbx_struct_assembly.details              author_and_software_defined_assembly 
_pdbx_struct_assembly.method_details       PISA 
_pdbx_struct_assembly.oligomeric_details   monomeric 
_pdbx_struct_assembly.oligomeric_count     1 
# 
_pdbx_struct_assembly_gen.assembly_id       1 
_pdbx_struct_assembly_gen.oper_expression   1 
_pdbx_struct_assembly_gen.asym_id_list      A,B,C 
# 
_pdbx_struct_oper_list.id                   1 
_pdbx_struct_oper_list.type                 'identity operation' 
_pdbx_struct_oper_list.name                 1_555 
_pdbx_struct_oper_list.symmetry_operation   x,y,z 
_pdbx_struct_oper_list.matrix[1][1]         1.0000000000 
_pdbx_struct_oper_list.matrix[1][2]         0.0000000000 
_pdbx_struct_oper_list.matrix[1][3]         0.0000000000 
_pdbx_struct_oper_list.vector[1]            0.0000000000 
_pdbx_struct_oper_list.matrix[2][1]         0.0000000000 
_pdbx_struct_oper_list.matrix[2][2]         1.0000000000 
_pdbx_struct_oper_list.matrix[2][3]         0.0000000000 
_pdbx_struct_oper_list.vector[2]            0.0000000000 
_pdbx_struct_oper_list.matrix[3][1]         0.0000000000 
_pdbx_struct_oper_list.matrix[3][2]         0.0000000000 
_pdbx_struct_oper_list.matrix[3][3]         1.0000000000 
_pdbx_struct_oper_list.vector[3]            0.0000000000 
# 
loop_
_struct_conf.conf_type_id 
_struct_conf.id 
_struct_conf.pdbx_PDB_helix_id 
_struct_conf.beg_label_comp_id 
_struct_conf.beg_label_asym_id 
_struct_conf.beg_label_seq_id 
_struct_conf.pdbx_beg_PDB_ins_code 
_struct_conf.end_label_comp_id 
_struct_conf.end_label_asym_id 
_struct_conf.end_label_seq_id 
_struct_conf.pdbx_end_PDB_ins_code 
_struct_conf.beg_auth_comp_id 
_struct_conf.beg_auth_asym_id 
_struct_conf.beg_auth_seq_id 
_struct_conf.end_auth_comp_id 
_struct_conf.end_auth_asym_id 
_struct_conf.end_auth_seq_id 
_struct_conf.pdbx_PDB_helix_class 
_struct_conf.details 
_struct_conf.pdbx_PDB_helix_length 
HELX_P HELX_P1 AA1 PRO A 12  ? SER A 16  ? PRO A 12  SER A 16  5 ? 5  
HELX_P HELX_P2 AA2 ASP A 44  ? ARG A 50  ? ASP A 44  ARG A 50  1 ? 7  
HELX_P HELX_P3 AA3 ARG A 109 ? GLY A 128 ? ARG A 109 GLY A 128 1 ? 20 
HELX_P HELX_P4 AA4 PRO A 142 ? ASN A 146 ? PRO A 142 ASN A 146 1 ? 5  
# 
_struct_conf_type.id          HELX_P 
_struct_conf_type.criteria    ? 
_struct_conf_type.reference   ? 
# 
loop_
_struct_conn.id 
_struct_conn.conn_type_id 
_struct_conn.pdbx_leaving_atom_flag 
_struct_conn.pdbx_PDB_id 
_struct_conn.ptnr1_label_asym_id 
_struct_conn.ptnr1_label_comp_id 
_struct_conn.ptnr1_label_seq_id 
_struct_conn.ptnr1_label_atom_id 
_struct_conn.pdbx_ptnr1_label_alt_id 
_struct_conn.pdbx_ptnr1_PDB_ins_code 
_struct_conn.pdbx_ptnr1_standard_comp_id 
_struct_conn.ptnr1_symmetry 
_struct_conn.ptnr2_label_asym_id 
_struct_conn.ptnr2_label_comp_id 
_struct_conn.ptnr2_label_seq_id 
_struct_conn.ptnr2_label_atom_id 
_struct_conn.pdbx_ptnr2_label_alt_id 
_struct_conn.pdbx_ptnr2_PDB_ins_code 
_struct_conn.ptnr1_auth_asym_id 
_struct_conn.ptnr1_auth_comp_id 
_struct_conn.ptnr1_auth_seq_id 
_struct_conn.ptnr2_auth_asym_id 
_struct_conn.ptnr2_auth_comp_id 
_struct_conn.ptnr2_auth_seq_id 
_struct_conn.ptnr2_symmetry 
_struct_conn.pdbx_ptnr3_label_atom_id 
_struct_conn.pdbx_ptnr3_label_seq_id 
_struct_conn.pdbx_ptnr3_label_comp_id 
_struct_conn.pdbx_ptnr3_label_asym_id 
_struct_conn.pdbx_ptnr3_label_alt_id 
_struct_conn.pdbx_ptnr3_PDB_ins_code 
_struct_conn.details 
_struct_conn.pdbx_dist_value 
_struct_conn.pdbx_value_order 
_struct_conn.pdbx_role 
disulf1 disulf ?   ? A CYS 7  SG  ? ? ? 1_555 A CYS 158 SG ? ? A CYS 7  A CYS 158 1_555 ? ? ? ? ? ? ? 2.032 ? ?               
disulf2 disulf ?   ? A CYS 15 SG  ? ? ? 1_555 A CYS 151 SG ? ? A CYS 15 A CYS 151 1_555 ? ? ? ? ? ? ? 2.030 ? ?               
disulf3 disulf ?   ? A CYS 51 SG  ? ? ? 1_555 A CYS 88  SG ? ? A CYS 51 A CYS 88  1_555 ? ? ? ? ? ? ? 2.031 ? ?               
disulf4 disulf ?   ? A CYS 99 SG  ? ? ? 1_555 A CYS 105 SG ? ? A CYS 99 A CYS 105 1_555 ? ? ? ? ? ? ? 2.030 ? ?               
covale1 covale one ? A ASN 18 ND2 ? ? ? 1_555 B NAG .   C1 ? ? A ASN 18 A NAG 201 1_555 ? ? ? ? ? ? ? 1.439 ? N-Glycosylation 
covale2 covale one ? A ASN 65 ND2 ? ? ? 1_555 C NAG .   C1 ? ? A ASN 65 A NAG 202 1_555 ? ? ? ? ? ? ? 1.441 ? N-Glycosylation 
# 
loop_
_struct_conn_type.id 
_struct_conn_type.criteria 
_struct_conn_type.reference 
disulf ? ? 
covale ? ? 
# 
loop_
_pdbx_modification_feature.ordinal 
_pdbx_modification_feature.label_comp_id 
_pdbx_modification_feature.label_asym_id 
_pdbx_modification_feature.label_seq_id 
_pdbx_modification_feature.label_alt_id 
_pdbx_modification_feature.modified_residue_label_comp_id 
_pdbx_modification_feature.modified_residue_label_asym_id 
_pdbx_modification_feature.modified_residue_label_seq_id 
_pdbx_modification_feature.modified_residue_label_alt_id 
_pdbx_modification_feature.auth_comp_id 
_pdbx_modification_feature.auth_asym_id 
_pdbx_modification_feature.auth_seq_id 
_pdbx_modification_feature.PDB_ins_code 
_pdbx_modification_feature.symmetry 
_pdbx_modification_feature.modified_residue_auth_comp_id 
_pdbx_modification_feature.modified_residue_auth_asym_id 
_pdbx_modification_feature.modified_residue_auth_seq_id 
_pdbx_modification_feature.modified_residue_PDB_ins_code 
_pdbx_modification_feature.modified_residue_symmetry 
_pdbx_modification_feature.comp_id_linking_atom 
_pdbx_modification_feature.modified_residue_id_linking_atom 
_pdbx_modification_feature.modified_residue_id 
_pdbx_modification_feature.ref_pcm_id 
_pdbx_modification_feature.ref_comp_id 
_pdbx_modification_feature.type 
_pdbx_modification_feature.category 
1 NAG B .  ? ASN A 18  ? NAG A 201 ? 1_555 ASN A 18  ? 1_555 C1 ND2 ASN 1 NAG N-Glycosylation Carbohydrate       
2 NAG C .  ? ASN A 65  ? NAG A 202 ? 1_555 ASN A 65  ? 1_555 C1 ND2 ASN 1 NAG N-Glycosylation Carbohydrate       
3 CYS A 7  ? CYS A 158 ? CYS A 7   ? 1_555 CYS A 158 ? 1_555 SG SG  .   . .   None            'Disulfide bridge' 
4 CYS A 15 ? CYS A 151 ? CYS A 15  ? 1_555 CYS A 151 ? 1_555 SG SG  .   . .   None            'Disulfide bridge' 
5 CYS A 51 ? CYS A 88  ? CYS A 51  ? 1_555 CYS A 88  ? 1_555 SG SG  .   . .   None            'Disulfide bridge' 
6 CYS A 99 ? CYS A 105 ? CYS A 99  ? 1_555 CYS A 105 ? 1_555 SG SG  .   . .   None            'Disulfide bridge' 
# 
_struct_mon_prot_cis.pdbx_id                1 
_struct_mon_prot_cis.label_comp_id          ARG 
_struct_mon_prot_cis.label_seq_id           8 
_struct_mon_prot_cis.label_asym_id          A 
_struct_mon_prot_cis.label_alt_id           . 
_struct_mon_prot_cis.pdbx_PDB_ins_code      ? 
_struct_mon_prot_cis.auth_comp_id           ARG 
_struct_mon_prot_cis.auth_seq_id            8 
_struct_mon_prot_cis.auth_asym_id           A 
_struct_mon_prot_cis.pdbx_label_comp_id_2   PRO 
_struct_mon_prot_cis.pdbx_label_seq_id_2    9 
_struct_mon_prot_cis.pdbx_label_asym_id_2   A 
_struct_mon_prot_cis.pdbx_PDB_ins_code_2    ? 
_struct_mon_prot_cis.pdbx_auth_comp_id_2    PRO 
_struct_mon_prot_cis.pdbx_auth_seq_id_2     9 
_struct_mon_prot_cis.pdbx_auth_asym_id_2    A 
_struct_mon_prot_cis.pdbx_PDB_model_num     1 
_struct_mon_prot_cis.pdbx_omega_angle       -2.09 
# 
loop_
_struct_sheet.id 
_struct_sheet.type 
_struct_sheet.number_strands 
_struct_sheet.details 
AA1 ? 7 ? 
AA2 ? 6 ? 
# 
loop_
_struct_sheet_order.sheet_id 
_struct_sheet_order.range_id_1 
_struct_sheet_order.range_id_2 
_struct_sheet_order.offset 
_struct_sheet_order.sense 
AA1 1 2 ? anti-parallel 
AA1 2 3 ? anti-parallel 
AA1 3 4 ? anti-parallel 
AA1 4 5 ? anti-parallel 
AA1 5 6 ? anti-parallel 
AA1 6 7 ? anti-parallel 
AA2 1 2 ? anti-parallel 
AA2 2 3 ? anti-parallel 
AA2 3 4 ? anti-parallel 
AA2 4 5 ? parallel      
AA2 5 6 ? anti-parallel 
# 
loop_
_struct_sheet_range.sheet_id 
_struct_sheet_range.id 
_struct_sheet_range.beg_label_comp_id 
_struct_sheet_range.beg_label_asym_id 
_struct_sheet_range.beg_label_seq_id 
_struct_sheet_range.pdbx_beg_PDB_ins_code 
_struct_sheet_range.end_label_comp_id 
_struct_sheet_range.end_label_asym_id 
_struct_sheet_range.end_label_seq_id 
_struct_sheet_range.pdbx_end_PDB_ins_code 
_struct_sheet_range.beg_auth_comp_id 
_struct_sheet_range.beg_auth_asym_id 
_struct_sheet_range.beg_auth_seq_id 
_struct_sheet_range.end_auth_comp_id 
_struct_sheet_range.end_auth_asym_id 
_struct_sheet_range.end_auth_seq_id 
AA1 1 LEU A 62  ? LEU A 64  ? LEU A 62  LEU A 64  
AA1 2 SER A 17  ? ARG A 26  ? SER A 17  ARG A 26  
AA1 3 ILE A 87  ? CYS A 99  ? ILE A 87  CYS A 99  
AA1 4 HIS A 104 ? SER A 108 ? HIS A 104 SER A 108 
AA1 5 THR A 2   ? ARG A 8   ? THR A 2   ARG A 8   
AA1 6 GLU A 154 ? CYS A 158 ? GLU A 154 CYS A 158 
AA1 7 HIS A 147 ? CYS A 151 ? HIS A 147 CYS A 151 
AA2 1 VAL A 74  ? ARG A 76  ? VAL A 74  ARG A 76  
AA2 2 ILE A 87  ? CYS A 99  ? ILE A 87  CYS A 99  
AA2 3 SER A 17  ? ARG A 26  ? SER A 17  ARG A 26  
AA2 4 THR A 35  ? PRO A 40  ? THR A 35  PRO A 40  
AA2 5 THR A 131 ? PHE A 134 ? THR A 131 PHE A 134 
AA2 6 SER A 166 ? TRP A 168 ? SER A 166 TRP A 168 
# 
loop_
_pdbx_struct_sheet_hbond.sheet_id 
_pdbx_struct_sheet_hbond.range_id_1 
_pdbx_struct_sheet_hbond.range_id_2 
_pdbx_struct_sheet_hbond.range_1_label_atom_id 
_pdbx_struct_sheet_hbond.range_1_label_comp_id 
_pdbx_struct_sheet_hbond.range_1_label_asym_id 
_pdbx_struct_sheet_hbond.range_1_label_seq_id 
_pdbx_struct_sheet_hbond.range_1_PDB_ins_code 
_pdbx_struct_sheet_hbond.range_1_auth_atom_id 
_pdbx_struct_sheet_hbond.range_1_auth_comp_id 
_pdbx_struct_sheet_hbond.range_1_auth_asym_id 
_pdbx_struct_sheet_hbond.range_1_auth_seq_id 
_pdbx_struct_sheet_hbond.range_2_label_atom_id 
_pdbx_struct_sheet_hbond.range_2_label_comp_id 
_pdbx_struct_sheet_hbond.range_2_label_asym_id 
_pdbx_struct_sheet_hbond.range_2_label_seq_id 
_pdbx_struct_sheet_hbond.range_2_PDB_ins_code 
_pdbx_struct_sheet_hbond.range_2_auth_atom_id 
_pdbx_struct_sheet_hbond.range_2_auth_comp_id 
_pdbx_struct_sheet_hbond.range_2_auth_asym_id 
_pdbx_struct_sheet_hbond.range_2_auth_seq_id 
AA1 1 2 O PHE A 63  ? O PHE A 63  N GLY A 21  ? N GLY A 21  
AA1 2 3 N ILE A 19  ? N ILE A 19  O VAL A 95  ? O VAL A 95  
AA1 3 4 N ALA A 98  ? N ALA A 98  O ALA A 106 ? O ALA A 106 
AA1 4 5 O ILE A 107 ? O ILE A 107 N ILE A 3   ? N ILE A 3   
AA1 5 6 N ARG A 8   ? N ARG A 8   O TYR A 157 ? O TYR A 157 
AA1 6 7 O GLU A 154 ? O GLU A 154 N CYS A 151 ? N CYS A 151 
AA2 1 2 N VAL A 74  ? N VAL A 74  O GLN A 90  ? O GLN A 90  
AA2 2 3 O VAL A 95  ? O VAL A 95  N ILE A 19  ? N ILE A 19  
AA2 3 4 N THR A 25  ? N THR A 25  O ARG A 39  ? O ARG A 39  
AA2 4 5 N PHE A 38  ? N PHE A 38  O ILE A 133 ? O ILE A 133 
AA2 5 6 N ILE A 132 ? N ILE A 132 O TRP A 168 ? O TRP A 168 
# 
_pdbx_entry_details.entry_id                   5IDL 
_pdbx_entry_details.compound_details           ? 
_pdbx_entry_details.source_details             ? 
_pdbx_entry_details.nonpolymer_details         ? 
_pdbx_entry_details.sequence_details           ? 
_pdbx_entry_details.has_ligand_of_interest     ? 
_pdbx_entry_details.has_protein_modification   Y 
# 
loop_
_pdbx_validate_torsion.id 
_pdbx_validate_torsion.PDB_model_num 
_pdbx_validate_torsion.auth_comp_id 
_pdbx_validate_torsion.auth_asym_id 
_pdbx_validate_torsion.auth_seq_id 
_pdbx_validate_torsion.PDB_ins_code 
_pdbx_validate_torsion.label_alt_id 
_pdbx_validate_torsion.phi 
_pdbx_validate_torsion.psi 
1 1 GLN A 61  ? ? 67.31   -38.81 
2 1 ASP A 79  ? ? -160.97 109.99 
3 1 PHE A 164 ? ? -116.54 77.20  
4 1 ALA A 165 ? ? -161.06 54.05  
# 
loop_
_pdbx_unobs_or_zero_occ_residues.id 
_pdbx_unobs_or_zero_occ_residues.PDB_model_num 
_pdbx_unobs_or_zero_occ_residues.polymer_flag 
_pdbx_unobs_or_zero_occ_residues.occupancy_flag 
_pdbx_unobs_or_zero_occ_residues.auth_asym_id 
_pdbx_unobs_or_zero_occ_residues.auth_comp_id 
_pdbx_unobs_or_zero_occ_residues.auth_seq_id 
_pdbx_unobs_or_zero_occ_residues.PDB_ins_code 
_pdbx_unobs_or_zero_occ_residues.label_asym_id 
_pdbx_unobs_or_zero_occ_residues.label_comp_id 
_pdbx_unobs_or_zero_occ_residues.label_seq_id 
1  1 Y 1 A GLY 28  ? A GLY 28  
2  1 Y 1 A GLY 29  ? A GLY 29  
3  1 Y 1 A TYR 30  ? A TYR 30  
4  1 Y 1 A SER 31  ? A SER 31  
5  1 Y 1 A ASN 32  ? A ASN 32  
6  1 Y 1 A SER 138 ? A SER 138 
7  1 Y 1 A GLY 139 ? A GLY 139 
8  1 Y 1 A GLY 140 ? A GLY 140 
9  1 Y 1 A SER 171 ? A SER 171 
10 1 Y 1 A THR 172 ? A THR 172 
11 1 Y 1 A GLY 173 ? A GLY 173 
12 1 Y 1 A THR 174 ? A THR 174 
13 1 Y 1 A LYS 175 ? A LYS 175 
14 1 Y 1 A HIS 176 ? A HIS 176 
15 1 Y 1 A HIS 177 ? A HIS 177 
16 1 Y 1 A HIS 178 ? A HIS 178 
17 1 Y 1 A HIS 179 ? A HIS 179 
18 1 Y 1 A HIS 180 ? A HIS 180 
19 1 Y 1 A HIS 181 ? A HIS 181 
# 
loop_
_chem_comp_atom.comp_id 
_chem_comp_atom.atom_id 
_chem_comp_atom.type_symbol 
_chem_comp_atom.pdbx_aromatic_flag 
_chem_comp_atom.pdbx_stereo_config 
_chem_comp_atom.pdbx_ordinal 
ALA N    N N N 1   
ALA CA   C N S 2   
ALA C    C N N 3   
ALA O    O N N 4   
ALA CB   C N N 5   
ALA OXT  O N N 6   
ALA H    H N N 7   
ALA H2   H N N 8   
ALA HA   H N N 9   
ALA HB1  H N N 10  
ALA HB2  H N N 11  
ALA HB3  H N N 12  
ALA HXT  H N N 13  
ARG N    N N N 14  
ARG CA   C N S 15  
ARG C    C N N 16  
ARG O    O N N 17  
ARG CB   C N N 18  
ARG CG   C N N 19  
ARG CD   C N N 20  
ARG NE   N N N 21  
ARG CZ   C N N 22  
ARG NH1  N N N 23  
ARG NH2  N N N 24  
ARG OXT  O N N 25  
ARG H    H N N 26  
ARG H2   H N N 27  
ARG HA   H N N 28  
ARG HB2  H N N 29  
ARG HB3  H N N 30  
ARG HG2  H N N 31  
ARG HG3  H N N 32  
ARG HD2  H N N 33  
ARG HD3  H N N 34  
ARG HE   H N N 35  
ARG HH11 H N N 36  
ARG HH12 H N N 37  
ARG HH21 H N N 38  
ARG HH22 H N N 39  
ARG HXT  H N N 40  
ASN N    N N N 41  
ASN CA   C N S 42  
ASN C    C N N 43  
ASN O    O N N 44  
ASN CB   C N N 45  
ASN CG   C N N 46  
ASN OD1  O N N 47  
ASN ND2  N N N 48  
ASN OXT  O N N 49  
ASN H    H N N 50  
ASN H2   H N N 51  
ASN HA   H N N 52  
ASN HB2  H N N 53  
ASN HB3  H N N 54  
ASN HD21 H N N 55  
ASN HD22 H N N 56  
ASN HXT  H N N 57  
ASP N    N N N 58  
ASP CA   C N S 59  
ASP C    C N N 60  
ASP O    O N N 61  
ASP CB   C N N 62  
ASP CG   C N N 63  
ASP OD1  O N N 64  
ASP OD2  O N N 65  
ASP OXT  O N N 66  
ASP H    H N N 67  
ASP H2   H N N 68  
ASP HA   H N N 69  
ASP HB2  H N N 70  
ASP HB3  H N N 71  
ASP HD2  H N N 72  
ASP HXT  H N N 73  
CYS N    N N N 74  
CYS CA   C N R 75  
CYS C    C N N 76  
CYS O    O N N 77  
CYS CB   C N N 78  
CYS SG   S N N 79  
CYS OXT  O N N 80  
CYS H    H N N 81  
CYS H2   H N N 82  
CYS HA   H N N 83  
CYS HB2  H N N 84  
CYS HB3  H N N 85  
CYS HG   H N N 86  
CYS HXT  H N N 87  
GLN N    N N N 88  
GLN CA   C N S 89  
GLN C    C N N 90  
GLN O    O N N 91  
GLN CB   C N N 92  
GLN CG   C N N 93  
GLN CD   C N N 94  
GLN OE1  O N N 95  
GLN NE2  N N N 96  
GLN OXT  O N N 97  
GLN H    H N N 98  
GLN H2   H N N 99  
GLN HA   H N N 100 
GLN HB2  H N N 101 
GLN HB3  H N N 102 
GLN HG2  H N N 103 
GLN HG3  H N N 104 
GLN HE21 H N N 105 
GLN HE22 H N N 106 
GLN HXT  H N N 107 
GLU N    N N N 108 
GLU CA   C N S 109 
GLU C    C N N 110 
GLU O    O N N 111 
GLU CB   C N N 112 
GLU CG   C N N 113 
GLU CD   C N N 114 
GLU OE1  O N N 115 
GLU OE2  O N N 116 
GLU OXT  O N N 117 
GLU H    H N N 118 
GLU H2   H N N 119 
GLU HA   H N N 120 
GLU HB2  H N N 121 
GLU HB3  H N N 122 
GLU HG2  H N N 123 
GLU HG3  H N N 124 
GLU HE2  H N N 125 
GLU HXT  H N N 126 
GLY N    N N N 127 
GLY CA   C N N 128 
GLY C    C N N 129 
GLY O    O N N 130 
GLY OXT  O N N 131 
GLY H    H N N 132 
GLY H2   H N N 133 
GLY HA2  H N N 134 
GLY HA3  H N N 135 
GLY HXT  H N N 136 
HIS N    N N N 137 
HIS CA   C N S 138 
HIS C    C N N 139 
HIS O    O N N 140 
HIS CB   C N N 141 
HIS CG   C Y N 142 
HIS ND1  N Y N 143 
HIS CD2  C Y N 144 
HIS CE1  C Y N 145 
HIS NE2  N Y N 146 
HIS OXT  O N N 147 
HIS H    H N N 148 
HIS H2   H N N 149 
HIS HA   H N N 150 
HIS HB2  H N N 151 
HIS HB3  H N N 152 
HIS HD1  H N N 153 
HIS HD2  H N N 154 
HIS HE1  H N N 155 
HIS HE2  H N N 156 
HIS HXT  H N N 157 
ILE N    N N N 158 
ILE CA   C N S 159 
ILE C    C N N 160 
ILE O    O N N 161 
ILE CB   C N S 162 
ILE CG1  C N N 163 
ILE CG2  C N N 164 
ILE CD1  C N N 165 
ILE OXT  O N N 166 
ILE H    H N N 167 
ILE H2   H N N 168 
ILE HA   H N N 169 
ILE HB   H N N 170 
ILE HG12 H N N 171 
ILE HG13 H N N 172 
ILE HG21 H N N 173 
ILE HG22 H N N 174 
ILE HG23 H N N 175 
ILE HD11 H N N 176 
ILE HD12 H N N 177 
ILE HD13 H N N 178 
ILE HXT  H N N 179 
LEU N    N N N 180 
LEU CA   C N S 181 
LEU C    C N N 182 
LEU O    O N N 183 
LEU CB   C N N 184 
LEU CG   C N N 185 
LEU CD1  C N N 186 
LEU CD2  C N N 187 
LEU OXT  O N N 188 
LEU H    H N N 189 
LEU H2   H N N 190 
LEU HA   H N N 191 
LEU HB2  H N N 192 
LEU HB3  H N N 193 
LEU HG   H N N 194 
LEU HD11 H N N 195 
LEU HD12 H N N 196 
LEU HD13 H N N 197 
LEU HD21 H N N 198 
LEU HD22 H N N 199 
LEU HD23 H N N 200 
LEU HXT  H N N 201 
LYS N    N N N 202 
LYS CA   C N S 203 
LYS C    C N N 204 
LYS O    O N N 205 
LYS CB   C N N 206 
LYS CG   C N N 207 
LYS CD   C N N 208 
LYS CE   C N N 209 
LYS NZ   N N N 210 
LYS OXT  O N N 211 
LYS H    H N N 212 
LYS H2   H N N 213 
LYS HA   H N N 214 
LYS HB2  H N N 215 
LYS HB3  H N N 216 
LYS HG2  H N N 217 
LYS HG3  H N N 218 
LYS HD2  H N N 219 
LYS HD3  H N N 220 
LYS HE2  H N N 221 
LYS HE3  H N N 222 
LYS HZ1  H N N 223 
LYS HZ2  H N N 224 
LYS HZ3  H N N 225 
LYS HXT  H N N 226 
NAG C1   C N R 227 
NAG C2   C N R 228 
NAG C3   C N R 229 
NAG C4   C N S 230 
NAG C5   C N R 231 
NAG C6   C N N 232 
NAG C7   C N N 233 
NAG C8   C N N 234 
NAG N2   N N N 235 
NAG O1   O N N 236 
NAG O3   O N N 237 
NAG O4   O N N 238 
NAG O5   O N N 239 
NAG O6   O N N 240 
NAG O7   O N N 241 
NAG H1   H N N 242 
NAG H2   H N N 243 
NAG H3   H N N 244 
NAG H4   H N N 245 
NAG H5   H N N 246 
NAG H61  H N N 247 
NAG H62  H N N 248 
NAG H81  H N N 249 
NAG H82  H N N 250 
NAG H83  H N N 251 
NAG HN2  H N N 252 
NAG HO1  H N N 253 
NAG HO3  H N N 254 
NAG HO4  H N N 255 
NAG HO6  H N N 256 
PHE N    N N N 257 
PHE CA   C N S 258 
PHE C    C N N 259 
PHE O    O N N 260 
PHE CB   C N N 261 
PHE CG   C Y N 262 
PHE CD1  C Y N 263 
PHE CD2  C Y N 264 
PHE CE1  C Y N 265 
PHE CE2  C Y N 266 
PHE CZ   C Y N 267 
PHE OXT  O N N 268 
PHE H    H N N 269 
PHE H2   H N N 270 
PHE HA   H N N 271 
PHE HB2  H N N 272 
PHE HB3  H N N 273 
PHE HD1  H N N 274 
PHE HD2  H N N 275 
PHE HE1  H N N 276 
PHE HE2  H N N 277 
PHE HZ   H N N 278 
PHE HXT  H N N 279 
PRO N    N N N 280 
PRO CA   C N S 281 
PRO C    C N N 282 
PRO O    O N N 283 
PRO CB   C N N 284 
PRO CG   C N N 285 
PRO CD   C N N 286 
PRO OXT  O N N 287 
PRO H    H N N 288 
PRO HA   H N N 289 
PRO HB2  H N N 290 
PRO HB3  H N N 291 
PRO HG2  H N N 292 
PRO HG3  H N N 293 
PRO HD2  H N N 294 
PRO HD3  H N N 295 
PRO HXT  H N N 296 
SER N    N N N 297 
SER CA   C N S 298 
SER C    C N N 299 
SER O    O N N 300 
SER CB   C N N 301 
SER OG   O N N 302 
SER OXT  O N N 303 
SER H    H N N 304 
SER H2   H N N 305 
SER HA   H N N 306 
SER HB2  H N N 307 
SER HB3  H N N 308 
SER HG   H N N 309 
SER HXT  H N N 310 
THR N    N N N 311 
THR CA   C N S 312 
THR C    C N N 313 
THR O    O N N 314 
THR CB   C N R 315 
THR OG1  O N N 316 
THR CG2  C N N 317 
THR OXT  O N N 318 
THR H    H N N 319 
THR H2   H N N 320 
THR HA   H N N 321 
THR HB   H N N 322 
THR HG1  H N N 323 
THR HG21 H N N 324 
THR HG22 H N N 325 
THR HG23 H N N 326 
THR HXT  H N N 327 
TRP N    N N N 328 
TRP CA   C N S 329 
TRP C    C N N 330 
TRP O    O N N 331 
TRP CB   C N N 332 
TRP CG   C Y N 333 
TRP CD1  C Y N 334 
TRP CD2  C Y N 335 
TRP NE1  N Y N 336 
TRP CE2  C Y N 337 
TRP CE3  C Y N 338 
TRP CZ2  C Y N 339 
TRP CZ3  C Y N 340 
TRP CH2  C Y N 341 
TRP OXT  O N N 342 
TRP H    H N N 343 
TRP H2   H N N 344 
TRP HA   H N N 345 
TRP HB2  H N N 346 
TRP HB3  H N N 347 
TRP HD1  H N N 348 
TRP HE1  H N N 349 
TRP HE3  H N N 350 
TRP HZ2  H N N 351 
TRP HZ3  H N N 352 
TRP HH2  H N N 353 
TRP HXT  H N N 354 
TYR N    N N N 355 
TYR CA   C N S 356 
TYR C    C N N 357 
TYR O    O N N 358 
TYR CB   C N N 359 
TYR CG   C Y N 360 
TYR CD1  C Y N 361 
TYR CD2  C Y N 362 
TYR CE1  C Y N 363 
TYR CE2  C Y N 364 
TYR CZ   C Y N 365 
TYR OH   O N N 366 
TYR OXT  O N N 367 
TYR H    H N N 368 
TYR H2   H N N 369 
TYR HA   H N N 370 
TYR HB2  H N N 371 
TYR HB3  H N N 372 
TYR HD1  H N N 373 
TYR HD2  H N N 374 
TYR HE1  H N N 375 
TYR HE2  H N N 376 
TYR HH   H N N 377 
TYR HXT  H N N 378 
VAL N    N N N 379 
VAL CA   C N S 380 
VAL C    C N N 381 
VAL O    O N N 382 
VAL CB   C N N 383 
VAL CG1  C N N 384 
VAL CG2  C N N 385 
VAL OXT  O N N 386 
VAL H    H N N 387 
VAL H2   H N N 388 
VAL HA   H N N 389 
VAL HB   H N N 390 
VAL HG11 H N N 391 
VAL HG12 H N N 392 
VAL HG13 H N N 393 
VAL HG21 H N N 394 
VAL HG22 H N N 395 
VAL HG23 H N N 396 
VAL HXT  H N N 397 
# 
loop_
_chem_comp_bond.comp_id 
_chem_comp_bond.atom_id_1 
_chem_comp_bond.atom_id_2 
_chem_comp_bond.value_order 
_chem_comp_bond.pdbx_aromatic_flag 
_chem_comp_bond.pdbx_stereo_config 
_chem_comp_bond.pdbx_ordinal 
ALA N   CA   sing N N 1   
ALA N   H    sing N N 2   
ALA N   H2   sing N N 3   
ALA CA  C    sing N N 4   
ALA CA  CB   sing N N 5   
ALA CA  HA   sing N N 6   
ALA C   O    doub N N 7   
ALA C   OXT  sing N N 8   
ALA CB  HB1  sing N N 9   
ALA CB  HB2  sing N N 10  
ALA CB  HB3  sing N N 11  
ALA OXT HXT  sing N N 12  
ARG N   CA   sing N N 13  
ARG N   H    sing N N 14  
ARG N   H2   sing N N 15  
ARG CA  C    sing N N 16  
ARG CA  CB   sing N N 17  
ARG CA  HA   sing N N 18  
ARG C   O    doub N N 19  
ARG C   OXT  sing N N 20  
ARG CB  CG   sing N N 21  
ARG CB  HB2  sing N N 22  
ARG CB  HB3  sing N N 23  
ARG CG  CD   sing N N 24  
ARG CG  HG2  sing N N 25  
ARG CG  HG3  sing N N 26  
ARG CD  NE   sing N N 27  
ARG CD  HD2  sing N N 28  
ARG CD  HD3  sing N N 29  
ARG NE  CZ   sing N N 30  
ARG NE  HE   sing N N 31  
ARG CZ  NH1  sing N N 32  
ARG CZ  NH2  doub N N 33  
ARG NH1 HH11 sing N N 34  
ARG NH1 HH12 sing N N 35  
ARG NH2 HH21 sing N N 36  
ARG NH2 HH22 sing N N 37  
ARG OXT HXT  sing N N 38  
ASN N   CA   sing N N 39  
ASN N   H    sing N N 40  
ASN N   H2   sing N N 41  
ASN CA  C    sing N N 42  
ASN CA  CB   sing N N 43  
ASN CA  HA   sing N N 44  
ASN C   O    doub N N 45  
ASN C   OXT  sing N N 46  
ASN CB  CG   sing N N 47  
ASN CB  HB2  sing N N 48  
ASN CB  HB3  sing N N 49  
ASN CG  OD1  doub N N 50  
ASN CG  ND2  sing N N 51  
ASN ND2 HD21 sing N N 52  
ASN ND2 HD22 sing N N 53  
ASN OXT HXT  sing N N 54  
ASP N   CA   sing N N 55  
ASP N   H    sing N N 56  
ASP N   H2   sing N N 57  
ASP CA  C    sing N N 58  
ASP CA  CB   sing N N 59  
ASP CA  HA   sing N N 60  
ASP C   O    doub N N 61  
ASP C   OXT  sing N N 62  
ASP CB  CG   sing N N 63  
ASP CB  HB2  sing N N 64  
ASP CB  HB3  sing N N 65  
ASP CG  OD1  doub N N 66  
ASP CG  OD2  sing N N 67  
ASP OD2 HD2  sing N N 68  
ASP OXT HXT  sing N N 69  
CYS N   CA   sing N N 70  
CYS N   H    sing N N 71  
CYS N   H2   sing N N 72  
CYS CA  C    sing N N 73  
CYS CA  CB   sing N N 74  
CYS CA  HA   sing N N 75  
CYS C   O    doub N N 76  
CYS C   OXT  sing N N 77  
CYS CB  SG   sing N N 78  
CYS CB  HB2  sing N N 79  
CYS CB  HB3  sing N N 80  
CYS SG  HG   sing N N 81  
CYS OXT HXT  sing N N 82  
GLN N   CA   sing N N 83  
GLN N   H    sing N N 84  
GLN N   H2   sing N N 85  
GLN CA  C    sing N N 86  
GLN CA  CB   sing N N 87  
GLN CA  HA   sing N N 88  
GLN C   O    doub N N 89  
GLN C   OXT  sing N N 90  
GLN CB  CG   sing N N 91  
GLN CB  HB2  sing N N 92  
GLN CB  HB3  sing N N 93  
GLN CG  CD   sing N N 94  
GLN CG  HG2  sing N N 95  
GLN CG  HG3  sing N N 96  
GLN CD  OE1  doub N N 97  
GLN CD  NE2  sing N N 98  
GLN NE2 HE21 sing N N 99  
GLN NE2 HE22 sing N N 100 
GLN OXT HXT  sing N N 101 
GLU N   CA   sing N N 102 
GLU N   H    sing N N 103 
GLU N   H2   sing N N 104 
GLU CA  C    sing N N 105 
GLU CA  CB   sing N N 106 
GLU CA  HA   sing N N 107 
GLU C   O    doub N N 108 
GLU C   OXT  sing N N 109 
GLU CB  CG   sing N N 110 
GLU CB  HB2  sing N N 111 
GLU CB  HB3  sing N N 112 
GLU CG  CD   sing N N 113 
GLU CG  HG2  sing N N 114 
GLU CG  HG3  sing N N 115 
GLU CD  OE1  doub N N 116 
GLU CD  OE2  sing N N 117 
GLU OE2 HE2  sing N N 118 
GLU OXT HXT  sing N N 119 
GLY N   CA   sing N N 120 
GLY N   H    sing N N 121 
GLY N   H2   sing N N 122 
GLY CA  C    sing N N 123 
GLY CA  HA2  sing N N 124 
GLY CA  HA3  sing N N 125 
GLY C   O    doub N N 126 
GLY C   OXT  sing N N 127 
GLY OXT HXT  sing N N 128 
HIS N   CA   sing N N 129 
HIS N   H    sing N N 130 
HIS N   H2   sing N N 131 
HIS CA  C    sing N N 132 
HIS CA  CB   sing N N 133 
HIS CA  HA   sing N N 134 
HIS C   O    doub N N 135 
HIS C   OXT  sing N N 136 
HIS CB  CG   sing N N 137 
HIS CB  HB2  sing N N 138 
HIS CB  HB3  sing N N 139 
HIS CG  ND1  sing Y N 140 
HIS CG  CD2  doub Y N 141 
HIS ND1 CE1  doub Y N 142 
HIS ND1 HD1  sing N N 143 
HIS CD2 NE2  sing Y N 144 
HIS CD2 HD2  sing N N 145 
HIS CE1 NE2  sing Y N 146 
HIS CE1 HE1  sing N N 147 
HIS NE2 HE2  sing N N 148 
HIS OXT HXT  sing N N 149 
ILE N   CA   sing N N 150 
ILE N   H    sing N N 151 
ILE N   H2   sing N N 152 
ILE CA  C    sing N N 153 
ILE CA  CB   sing N N 154 
ILE CA  HA   sing N N 155 
ILE C   O    doub N N 156 
ILE C   OXT  sing N N 157 
ILE CB  CG1  sing N N 158 
ILE CB  CG2  sing N N 159 
ILE CB  HB   sing N N 160 
ILE CG1 CD1  sing N N 161 
ILE CG1 HG12 sing N N 162 
ILE CG1 HG13 sing N N 163 
ILE CG2 HG21 sing N N 164 
ILE CG2 HG22 sing N N 165 
ILE CG2 HG23 sing N N 166 
ILE CD1 HD11 sing N N 167 
ILE CD1 HD12 sing N N 168 
ILE CD1 HD13 sing N N 169 
ILE OXT HXT  sing N N 170 
LEU N   CA   sing N N 171 
LEU N   H    sing N N 172 
LEU N   H2   sing N N 173 
LEU CA  C    sing N N 174 
LEU CA  CB   sing N N 175 
LEU CA  HA   sing N N 176 
LEU C   O    doub N N 177 
LEU C   OXT  sing N N 178 
LEU CB  CG   sing N N 179 
LEU CB  HB2  sing N N 180 
LEU CB  HB3  sing N N 181 
LEU CG  CD1  sing N N 182 
LEU CG  CD2  sing N N 183 
LEU CG  HG   sing N N 184 
LEU CD1 HD11 sing N N 185 
LEU CD1 HD12 sing N N 186 
LEU CD1 HD13 sing N N 187 
LEU CD2 HD21 sing N N 188 
LEU CD2 HD22 sing N N 189 
LEU CD2 HD23 sing N N 190 
LEU OXT HXT  sing N N 191 
LYS N   CA   sing N N 192 
LYS N   H    sing N N 193 
LYS N   H2   sing N N 194 
LYS CA  C    sing N N 195 
LYS CA  CB   sing N N 196 
LYS CA  HA   sing N N 197 
LYS C   O    doub N N 198 
LYS C   OXT  sing N N 199 
LYS CB  CG   sing N N 200 
LYS CB  HB2  sing N N 201 
LYS CB  HB3  sing N N 202 
LYS CG  CD   sing N N 203 
LYS CG  HG2  sing N N 204 
LYS CG  HG3  sing N N 205 
LYS CD  CE   sing N N 206 
LYS CD  HD2  sing N N 207 
LYS CD  HD3  sing N N 208 
LYS CE  NZ   sing N N 209 
LYS CE  HE2  sing N N 210 
LYS CE  HE3  sing N N 211 
LYS NZ  HZ1  sing N N 212 
LYS NZ  HZ2  sing N N 213 
LYS NZ  HZ3  sing N N 214 
LYS OXT HXT  sing N N 215 
NAG C1  C2   sing N N 216 
NAG C1  O1   sing N N 217 
NAG C1  O5   sing N N 218 
NAG C1  H1   sing N N 219 
NAG C2  C3   sing N N 220 
NAG C2  N2   sing N N 221 
NAG C2  H2   sing N N 222 
NAG C3  C4   sing N N 223 
NAG C3  O3   sing N N 224 
NAG C3  H3   sing N N 225 
NAG C4  C5   sing N N 226 
NAG C4  O4   sing N N 227 
NAG C4  H4   sing N N 228 
NAG C5  C6   sing N N 229 
NAG C5  O5   sing N N 230 
NAG C5  H5   sing N N 231 
NAG C6  O6   sing N N 232 
NAG C6  H61  sing N N 233 
NAG C6  H62  sing N N 234 
NAG C7  C8   sing N N 235 
NAG C7  N2   sing N N 236 
NAG C7  O7   doub N N 237 
NAG C8  H81  sing N N 238 
NAG C8  H82  sing N N 239 
NAG C8  H83  sing N N 240 
NAG N2  HN2  sing N N 241 
NAG O1  HO1  sing N N 242 
NAG O3  HO3  sing N N 243 
NAG O4  HO4  sing N N 244 
NAG O6  HO6  sing N N 245 
PHE N   CA   sing N N 246 
PHE N   H    sing N N 247 
PHE N   H2   sing N N 248 
PHE CA  C    sing N N 249 
PHE CA  CB   sing N N 250 
PHE CA  HA   sing N N 251 
PHE C   O    doub N N 252 
PHE C   OXT  sing N N 253 
PHE CB  CG   sing N N 254 
PHE CB  HB2  sing N N 255 
PHE CB  HB3  sing N N 256 
PHE CG  CD1  doub Y N 257 
PHE CG  CD2  sing Y N 258 
PHE CD1 CE1  sing Y N 259 
PHE CD1 HD1  sing N N 260 
PHE CD2 CE2  doub Y N 261 
PHE CD2 HD2  sing N N 262 
PHE CE1 CZ   doub Y N 263 
PHE CE1 HE1  sing N N 264 
PHE CE2 CZ   sing Y N 265 
PHE CE2 HE2  sing N N 266 
PHE CZ  HZ   sing N N 267 
PHE OXT HXT  sing N N 268 
PRO N   CA   sing N N 269 
PRO N   CD   sing N N 270 
PRO N   H    sing N N 271 
PRO CA  C    sing N N 272 
PRO CA  CB   sing N N 273 
PRO CA  HA   sing N N 274 
PRO C   O    doub N N 275 
PRO C   OXT  sing N N 276 
PRO CB  CG   sing N N 277 
PRO CB  HB2  sing N N 278 
PRO CB  HB3  sing N N 279 
PRO CG  CD   sing N N 280 
PRO CG  HG2  sing N N 281 
PRO CG  HG3  sing N N 282 
PRO CD  HD2  sing N N 283 
PRO CD  HD3  sing N N 284 
PRO OXT HXT  sing N N 285 
SER N   CA   sing N N 286 
SER N   H    sing N N 287 
SER N   H2   sing N N 288 
SER CA  C    sing N N 289 
SER CA  CB   sing N N 290 
SER CA  HA   sing N N 291 
SER C   O    doub N N 292 
SER C   OXT  sing N N 293 
SER CB  OG   sing N N 294 
SER CB  HB2  sing N N 295 
SER CB  HB3  sing N N 296 
SER OG  HG   sing N N 297 
SER OXT HXT  sing N N 298 
THR N   CA   sing N N 299 
THR N   H    sing N N 300 
THR N   H2   sing N N 301 
THR CA  C    sing N N 302 
THR CA  CB   sing N N 303 
THR CA  HA   sing N N 304 
THR C   O    doub N N 305 
THR C   OXT  sing N N 306 
THR CB  OG1  sing N N 307 
THR CB  CG2  sing N N 308 
THR CB  HB   sing N N 309 
THR OG1 HG1  sing N N 310 
THR CG2 HG21 sing N N 311 
THR CG2 HG22 sing N N 312 
THR CG2 HG23 sing N N 313 
THR OXT HXT  sing N N 314 
TRP N   CA   sing N N 315 
TRP N   H    sing N N 316 
TRP N   H2   sing N N 317 
TRP CA  C    sing N N 318 
TRP CA  CB   sing N N 319 
TRP CA  HA   sing N N 320 
TRP C   O    doub N N 321 
TRP C   OXT  sing N N 322 
TRP CB  CG   sing N N 323 
TRP CB  HB2  sing N N 324 
TRP CB  HB3  sing N N 325 
TRP CG  CD1  doub Y N 326 
TRP CG  CD2  sing Y N 327 
TRP CD1 NE1  sing Y N 328 
TRP CD1 HD1  sing N N 329 
TRP CD2 CE2  doub Y N 330 
TRP CD2 CE3  sing Y N 331 
TRP NE1 CE2  sing Y N 332 
TRP NE1 HE1  sing N N 333 
TRP CE2 CZ2  sing Y N 334 
TRP CE3 CZ3  doub Y N 335 
TRP CE3 HE3  sing N N 336 
TRP CZ2 CH2  doub Y N 337 
TRP CZ2 HZ2  sing N N 338 
TRP CZ3 CH2  sing Y N 339 
TRP CZ3 HZ3  sing N N 340 
TRP CH2 HH2  sing N N 341 
TRP OXT HXT  sing N N 342 
TYR N   CA   sing N N 343 
TYR N   H    sing N N 344 
TYR N   H2   sing N N 345 
TYR CA  C    sing N N 346 
TYR CA  CB   sing N N 347 
TYR CA  HA   sing N N 348 
TYR C   O    doub N N 349 
TYR C   OXT  sing N N 350 
TYR CB  CG   sing N N 351 
TYR CB  HB2  sing N N 352 
TYR CB  HB3  sing N N 353 
TYR CG  CD1  doub Y N 354 
TYR CG  CD2  sing Y N 355 
TYR CD1 CE1  sing Y N 356 
TYR CD1 HD1  sing N N 357 
TYR CD2 CE2  doub Y N 358 
TYR CD2 HD2  sing N N 359 
TYR CE1 CZ   doub Y N 360 
TYR CE1 HE1  sing N N 361 
TYR CE2 CZ   sing Y N 362 
TYR CE2 HE2  sing N N 363 
TYR CZ  OH   sing N N 364 
TYR OH  HH   sing N N 365 
TYR OXT HXT  sing N N 366 
VAL N   CA   sing N N 367 
VAL N   H    sing N N 368 
VAL N   H2   sing N N 369 
VAL CA  C    sing N N 370 
VAL CA  CB   sing N N 371 
VAL CA  HA   sing N N 372 
VAL C   O    doub N N 373 
VAL C   OXT  sing N N 374 
VAL CB  CG1  sing N N 375 
VAL CB  CG2  sing N N 376 
VAL CB  HB   sing N N 377 
VAL CG1 HG11 sing N N 378 
VAL CG1 HG12 sing N N 379 
VAL CG1 HG13 sing N N 380 
VAL CG2 HG21 sing N N 381 
VAL CG2 HG22 sing N N 382 
VAL CG2 HG23 sing N N 383 
VAL OXT HXT  sing N N 384 
# 
loop_
_pdbx_audit_support.funding_organization 
_pdbx_audit_support.country 
_pdbx_audit_support.grant_number 
_pdbx_audit_support.ordinal 
'National Institutes of Health/National Institute Of Allergy and Infectious Diseases (NIH/NIAID)' 'United States' 'P01 AI82362' 1 
'National Institutes of Health/National Institute Of Allergy and Infectious Diseases (NIH/NIAID)' 'United States' 
'CHAVI-ID 1UM1AI100663' 2 
CAVD                                                                                              'United States' 
'IAVI NAC Center'       3 
'National Institutes of Health/National Institute Of Allergy and Infectious Diseases (NIH/NIAID)' 'United States' 'R01 AI084817' 4 
# 
_pdbx_initial_refinement_model.id               1 
_pdbx_initial_refinement_model.entity_id_list   ? 
_pdbx_initial_refinement_model.type             'experimental model' 
_pdbx_initial_refinement_model.source_name      PDB 
_pdbx_initial_refinement_model.accession_code   4JPJ 
_pdbx_initial_refinement_model.details          ? 
# 
_atom_sites.entry_id                    5IDL 
_atom_sites.fract_transf_matrix[1][1]   0.01793123 
_atom_sites.fract_transf_matrix[1][2]   -0.02011783 
_atom_sites.fract_transf_matrix[1][3]   -0.01105634 
_atom_sites.fract_transf_matrix[2][1]   -0.01485282 
_atom_sites.fract_transf_matrix[2][2]   -0.01018255 
_atom_sites.fract_transf_matrix[2][3]   -0.00556048 
_atom_sites.fract_transf_matrix[3][1]   -0.00001675 
_atom_sites.fract_transf_matrix[3][2]   0.00616406 
_atom_sites.fract_transf_matrix[3][3]   -0.01124312 
_atom_sites.fract_transf_vector[1]      0.119079 
_atom_sites.fract_transf_vector[2]      -0.077275 
_atom_sites.fract_transf_vector[3]      -0.215161 
# 
loop_
_atom_type.symbol 
C 
N 
O 
S 
# 
loop_
_atom_site.group_PDB 
_atom_site.id 
_atom_site.type_symbol 
_atom_site.label_atom_id 
_atom_site.label_alt_id 
_atom_site.label_comp_id 
_atom_site.label_asym_id 
_atom_site.label_entity_id 
_atom_site.label_seq_id 
_atom_site.pdbx_PDB_ins_code 
_atom_site.Cartn_x 
_atom_site.Cartn_y 
_atom_site.Cartn_z 
_atom_site.occupancy 
_atom_site.B_iso_or_equiv 
_atom_site.pdbx_formal_charge 
_atom_site.auth_seq_id 
_atom_site.auth_comp_id 
_atom_site.auth_asym_id 
_atom_site.auth_atom_id 
_atom_site.pdbx_PDB_model_num 
ATOM   1    N N   . ASP A 1 1   ? -18.182 3.777   1.868   1.00 56.44 ?  1   ASP A N   1 
ATOM   2    C CA  . ASP A 1 1   ? -17.916 5.057   2.512   1.00 60.22 ?  1   ASP A CA  1 
ATOM   3    C C   . ASP A 1 1   ? -16.702 4.954   3.415   1.00 59.55 ?  1   ASP A C   1 
ATOM   4    O O   . ASP A 1 1   ? -15.874 5.864   3.469   1.00 58.91 ?  1   ASP A O   1 
ATOM   5    C CB  . ASP A 1 1   ? -19.135 5.520   3.312   1.00 81.20 ?  1   ASP A CB  1 
ATOM   6    N N   . THR A 1 2   ? -16.599 3.835   4.127   1.00 58.99 ?  2   THR A N   1 
ATOM   7    C CA  . THR A 1 2   ? -15.465 3.599   5.005   1.00 53.41 ?  2   THR A CA  1 
ATOM   8    C C   . THR A 1 2   ? -15.045 2.141   4.897   1.00 52.19 ?  2   THR A C   1 
ATOM   9    O O   . THR A 1 2   ? -15.894 1.245   4.864   1.00 56.72 ?  2   THR A O   1 
ATOM   10   C CB  . THR A 1 2   ? -15.802 3.963   6.456   1.00 59.71 ?  2   THR A CB  1 
ATOM   11   O OG1 . THR A 1 2   ? -17.037 3.346   6.841   1.00 67.77 ?  2   THR A OG1 1 
ATOM   12   C CG2 . THR A 1 2   ? -15.935 5.474   6.613   1.00 61.38 ?  2   THR A CG2 1 
ATOM   13   N N   . ILE A 1 3   ? -13.738 1.920   4.805   1.00 48.49 ?  3   ILE A N   1 
ATOM   14   C CA  . ILE A 1 3   ? -13.149 0.589   4.827   1.00 45.10 ?  3   ILE A CA  1 
ATOM   15   C C   . ILE A 1 3   ? -12.592 0.354   6.222   1.00 45.95 ?  3   ILE A C   1 
ATOM   16   O O   . ILE A 1 3   ? -11.814 1.169   6.732   1.00 46.27 ?  3   ILE A O   1 
ATOM   17   C CB  . ILE A 1 3   ? -12.053 0.443   3.758   1.00 43.60 ?  3   ILE A CB  1 
ATOM   18   C CG1 . ILE A 1 3   ? -12.566 0.927   2.401   1.00 46.50 ?  3   ILE A CG1 1 
ATOM   19   C CG2 . ILE A 1 3   ? -11.590 -1.001  3.663   1.00 44.24 ?  3   ILE A CG2 1 
ATOM   20   C CD1 . ILE A 1 3   ? -11.557 0.792   1.281   1.00 42.10 ?  3   ILE A CD1 1 
ATOM   21   N N   . THR A 1 4   ? -12.997 -0.749  6.843   1.00 44.90 ?  4   THR A N   1 
ATOM   22   C CA  . THR A 1 4   ? -12.664 -1.048  8.234   1.00 44.60 ?  4   THR A CA  1 
ATOM   23   C C   . THR A 1 4   ? -11.834 -2.328  8.262   1.00 40.90 ?  4   THR A C   1 
ATOM   24   O O   . THR A 1 4   ? -12.379 -3.432  8.156   1.00 40.00 ?  4   THR A O   1 
ATOM   25   C CB  . THR A 1 4   ? -13.932 -1.182  9.073   1.00 46.70 ?  4   THR A CB  1 
ATOM   26   O OG1 . THR A 1 4   ? -14.738 -0.008  8.907   1.00 46.44 ?  4   THR A OG1 1 
ATOM   27   C CG2 . THR A 1 4   ? -13.588 -1.344  10.541  1.00 48.00 ?  4   THR A CG2 1 
ATOM   28   N N   . LEU A 1 5   ? -10.523 -2.178  8.406   1.00 41.69 ?  5   LEU A N   1 
ATOM   29   C CA  . LEU A 1 5   ? -9.623  -3.328  8.405   1.00 44.24 ?  5   LEU A CA  1 
ATOM   30   C C   . LEU A 1 5   ? -9.585  -3.967  9.788   1.00 44.30 ?  5   LEU A C   1 
ATOM   31   O O   . LEU A 1 5   ? -9.428  -3.258  10.788  1.00 46.69 ?  5   LEU A O   1 
ATOM   32   C CB  . LEU A 1 5   ? -8.214  -2.909  7.998   1.00 42.78 ?  5   LEU A CB  1 
ATOM   33   C CG  . LEU A 1 5   ? -8.006  -2.264  6.630   1.00 42.15 ?  5   LEU A CG  1 
ATOM   34   C CD1 . LEU A 1 5   ? -6.551  -1.858  6.468   1.00 37.37 ?  5   LEU A CD1 1 
ATOM   35   C CD2 . LEU A 1 5   ? -8.426  -3.210  5.519   1.00 42.83 ?  5   LEU A CD2 1 
ATOM   36   N N   . PRO A 1 6   ? -9.727  -5.287  9.889   1.00 42.74 ?  6   PRO A N   1 
ATOM   37   C CA  . PRO A 1 6   ? -9.510  -5.954  11.178  1.00 43.44 ?  6   PRO A CA  1 
ATOM   38   C C   . PRO A 1 6   ? -8.025  -6.041  11.494  1.00 45.40 ?  6   PRO A C   1 
ATOM   39   O O   . PRO A 1 6   ? -7.198  -6.300  10.616  1.00 46.94 ?  6   PRO A O   1 
ATOM   40   C CB  . PRO A 1 6   ? -10.117 -7.349  10.967  1.00 40.17 ?  6   PRO A CB  1 
ATOM   41   C CG  . PRO A 1 6   ? -10.925 -7.250  9.696   1.00 38.48 ?  6   PRO A CG  1 
ATOM   42   C CD  . PRO A 1 6   ? -10.237 -6.215  8.869   1.00 39.11 ?  6   PRO A CD  1 
ATOM   43   N N   . CYS A 1 7   ? -7.689  -5.823  12.764  1.00 45.04 ?  7   CYS A N   1 
ATOM   44   C CA  . CYS A 1 7   ? -6.300  -5.763  13.194  1.00 48.90 ?  7   CYS A CA  1 
ATOM   45   C C   . CYS A 1 7   ? -6.089  -6.599  14.448  1.00 50.29 ?  7   CYS A C   1 
ATOM   46   O O   . CYS A 1 7   ? -6.982  -6.727  15.291  1.00 49.48 ?  7   CYS A O   1 
ATOM   47   C CB  . CYS A 1 7   ? -5.862  -4.317  13.458  1.00 46.32 ?  7   CYS A CB  1 
ATOM   48   S SG  . CYS A 1 7   ? -5.880  -3.232  12.007  1.00 48.75 ?  7   CYS A SG  1 
ATOM   49   N N   . ARG A 1 8   ? -4.889  -7.163  14.563  1.00 50.49 ?  8   ARG A N   1 
ATOM   50   C CA  . ARG A 1 8   ? -4.497  -7.953  15.729  1.00 49.24 ?  8   ARG A CA  1 
ATOM   51   C C   . ARG A 1 8   ? -3.031  -7.714  16.091  1.00 52.61 ?  8   ARG A C   1 
ATOM   52   O O   . ARG A 1 8   ? -2.141  -7.960  15.276  1.00 54.28 ?  8   ARG A O   1 
ATOM   53   C CB  . ARG A 1 8   ? -4.734  -9.444  15.479  1.00 47.98 ?  8   ARG A CB  1 
ATOM   54   C CG  . ARG A 1 8   ? -6.172  -9.890  15.667  1.00 55.75 ?  8   ARG A CG  1 
ATOM   55   C CD  . ARG A 1 8   ? -6.303  -11.393 15.493  1.00 56.00 ?  8   ARG A CD  1 
ATOM   56   N NE  . ARG A 1 8   ? -7.569  -11.893 16.022  1.00 62.48 ?  8   ARG A NE  1 
ATOM   57   C CZ  . ARG A 1 8   ? -8.678  -12.036 15.304  1.00 67.67 ?  8   ARG A CZ  1 
ATOM   58   N NH1 . ARG A 1 8   ? -8.682  -11.719 14.016  1.00 68.81 ?  8   ARG A NH1 1 
ATOM   59   N NH2 . ARG A 1 8   ? -9.782  -12.497 15.874  1.00 69.68 ?  8   ARG A NH2 1 
ATOM   60   N N   . PRO A 1 9   ? -2.771  -7.237  17.321  1.00 49.67 ?  9   PRO A N   1 
ATOM   61   C CA  . PRO A 1 9   ? -3.768  -6.881  18.337  1.00 47.35 ?  9   PRO A CA  1 
ATOM   62   C C   . PRO A 1 9   ? -4.431  -5.541  18.044  1.00 48.23 ?  9   PRO A C   1 
ATOM   63   O O   . PRO A 1 9   ? -4.181  -4.963  16.990  1.00 48.17 ?  9   PRO A O   1 
ATOM   64   C CB  . PRO A 1 9   ? -2.947  -6.805  19.635  1.00 42.74 ?  9   PRO A CB  1 
ATOM   65   C CG  . PRO A 1 9   ? -1.598  -7.387  19.300  1.00 47.99 ?  9   PRO A CG  1 
ATOM   66   C CD  . PRO A 1 9   ? -1.403  -7.117  17.848  1.00 49.42 ?  9   PRO A CD  1 
ATOM   67   N N   . ALA A 1 10  ? -5.258  -5.064  18.963  1.00 46.99 ?  10  ALA A N   1 
ATOM   68   C CA  . ALA A 1 10  ? -5.957  -3.797  18.784  1.00 44.48 ?  10  ALA A CA  1 
ATOM   69   C C   . ALA A 1 10  ? -4.975  -2.634  18.831  1.00 45.56 ?  10  ALA A C   1 
ATOM   70   O O   . ALA A 1 10  ? -4.409  -2.364  19.899  1.00 47.14 ?  10  ALA A O   1 
ATOM   71   C CB  . ALA A 1 10  ? -7.028  -3.630  19.860  1.00 46.03 ?  10  ALA A CB  1 
ATOM   72   N N   . PRO A 1 11  ? -4.739  -1.928  17.729  1.00 46.39 ?  11  PRO A N   1 
ATOM   73   C CA  . PRO A 1 11  ? -3.807  -0.801  17.756  1.00 45.39 ?  11  PRO A CA  1 
ATOM   74   C C   . PRO A 1 11  ? -4.427  0.393   18.454  1.00 46.65 ?  11  PRO A C   1 
ATOM   75   O O   . PRO A 1 11  ? -5.607  0.707   18.234  1.00 46.27 ?  11  PRO A O   1 
ATOM   76   C CB  . PRO A 1 11  ? -3.559  -0.507  16.265  1.00 46.66 ?  11  PRO A CB  1 
ATOM   77   C CG  . PRO A 1 11  ? -4.149  -1.680  15.518  1.00 47.98 ?  11  PRO A CG  1 
ATOM   78   C CD  . PRO A 1 11  ? -5.268  -2.163  16.377  1.00 46.89 ?  11  PRO A CD  1 
ATOM   79   N N   . PRO A 1 12  ? -3.671  1.075   19.310  1.00 47.55 ?  12  PRO A N   1 
ATOM   80   C CA  . PRO A 1 12  ? -4.199  2.259   20.003  1.00 45.81 ?  12  PRO A CA  1 
ATOM   81   C C   . PRO A 1 12  ? -4.617  3.333   19.014  1.00 46.38 ?  12  PRO A C   1 
ATOM   82   O O   . PRO A 1 12  ? -4.128  3.364   17.874  1.00 48.50 ?  12  PRO A O   1 
ATOM   83   C CB  . PRO A 1 12  ? -3.012  2.721   20.860  1.00 48.55 ?  12  PRO A CB  1 
ATOM   84   C CG  . PRO A 1 12  ? -2.196  1.489   21.063  1.00 48.94 ?  12  PRO A CG  1 
ATOM   85   C CD  . PRO A 1 12  ? -2.330  0.704   19.791  1.00 48.52 ?  12  PRO A CD  1 
ATOM   86   N N   . PRO A 1 13  ? -5.523  4.232   19.410  1.00 47.76 ?  13  PRO A N   1 
ATOM   87   C CA  . PRO A 1 13  ? -5.963  5.279   18.474  1.00 46.19 ?  13  PRO A CA  1 
ATOM   88   C C   . PRO A 1 13  ? -4.854  6.228   18.062  1.00 45.93 ?  13  PRO A C   1 
ATOM   89   O O   . PRO A 1 13  ? -4.892  6.762   16.946  1.00 47.26 ?  13  PRO A O   1 
ATOM   90   C CB  . PRO A 1 13  ? -7.069  6.005   19.254  1.00 42.34 ?  13  PRO A CB  1 
ATOM   91   C CG  . PRO A 1 13  ? -6.775  5.717   20.688  1.00 46.80 ?  13  PRO A CG  1 
ATOM   92   C CD  . PRO A 1 13  ? -6.206  4.329   20.711  1.00 45.83 ?  13  PRO A CD  1 
ATOM   93   N N   . HIS A 1 14  ? -3.863  6.453   18.922  1.00 46.52 ?  14  HIS A N   1 
ATOM   94   C CA  . HIS A 1 14  ? -2.741  7.313   18.570  1.00 47.08 ?  14  HIS A CA  1 
ATOM   95   C C   . HIS A 1 14  ? -1.721  6.618   17.677  1.00 47.45 ?  14  HIS A C   1 
ATOM   96   O O   . HIS A 1 14  ? -0.722  7.245   17.303  1.00 49.15 ?  14  HIS A O   1 
ATOM   97   C CB  . HIS A 1 14  ? -2.058  7.835   19.836  1.00 49.36 ?  14  HIS A CB  1 
ATOM   98   C CG  . HIS A 1 14  ? -1.806  6.782   20.869  1.00 52.18 ?  14  HIS A CG  1 
ATOM   99   N ND1 . HIS A 1 14  ? -2.580  6.653   22.002  1.00 56.50 ?  14  HIS A ND1 1 
ATOM   100  C CD2 . HIS A 1 14  ? -0.867  5.809   20.941  1.00 52.56 ?  14  HIS A CD2 1 
ATOM   101  C CE1 . HIS A 1 14  ? -2.128  5.646   22.728  1.00 57.19 ?  14  HIS A CE1 1 
ATOM   102  N NE2 . HIS A 1 14  ? -1.089  5.117   22.106  1.00 56.46 ?  14  HIS A NE2 1 
ATOM   103  N N   . CYS A 1 15  ? -1.939  5.352   17.332  1.00 46.10 ?  15  CYS A N   1 
ATOM   104  C CA  . CYS A 1 15  ? -1.139  4.676   16.320  1.00 44.20 ?  15  CYS A CA  1 
ATOM   105  C C   . CYS A 1 15  ? -1.649  4.928   14.910  1.00 47.95 ?  15  CYS A C   1 
ATOM   106  O O   . CYS A 1 15  ? -1.103  4.362   13.956  1.00 48.77 ?  15  CYS A O   1 
ATOM   107  C CB  . CYS A 1 15  ? -1.094  3.168   16.594  1.00 42.89 ?  15  CYS A CB  1 
ATOM   108  S SG  . CYS A 1 15  ? -0.021  2.707   17.970  1.00 53.98 ?  15  CYS A SG  1 
ATOM   109  N N   . SER A 1 16  ? -2.681  5.756   14.758  1.00 48.38 ?  16  SER A N   1 
ATOM   110  C CA  . SER A 1 16  ? -3.165  6.121   13.435  1.00 45.59 ?  16  SER A CA  1 
ATOM   111  C C   . SER A 1 16  ? -2.107  6.930   12.696  1.00 47.14 ?  16  SER A C   1 
ATOM   112  O O   . SER A 1 16  ? -1.511  7.857   13.248  1.00 46.39 ?  16  SER A O   1 
ATOM   113  C CB  . SER A 1 16  ? -4.461  6.925   13.553  1.00 44.34 ?  16  SER A CB  1 
ATOM   114  O OG  . SER A 1 16  ? -5.435  6.216   14.300  1.00 45.83 ?  16  SER A OG  1 
ATOM   115  N N   . SER A 1 17  ? -1.876  6.573   11.433  1.00 48.00 ?  17  SER A N   1 
ATOM   116  C CA  . SER A 1 17  ? -0.823  7.206   10.650  1.00 43.58 ?  17  SER A CA  1 
ATOM   117  C C   . SER A 1 17  ? -1.337  7.670   9.294   1.00 45.37 ?  17  SER A C   1 
ATOM   118  O O   . SER A 1 17  ? -2.550  7.716   9.062   1.00 47.72 ?  17  SER A O   1 
ATOM   119  C CB  . SER A 1 17  ? 0.347   6.242   10.464  1.00 42.82 ?  17  SER A CB  1 
ATOM   120  O OG  . SER A 1 17  ? -0.095  5.046   9.848   1.00 47.35 ?  17  SER A OG  1 
ATOM   121  N N   . ASN A 1 18  ? -0.419  8.016   8.394   1.00 44.01 ?  18  ASN A N   1 
ATOM   122  C CA  . ASN A 1 18  ? -0.748  8.459   7.045   1.00 45.54 ?  18  ASN A CA  1 
ATOM   123  C C   . ASN A 1 18  ? -0.111  7.515   6.038   1.00 44.67 ?  18  ASN A C   1 
ATOM   124  O O   . ASN A 1 18  ? 1.094   7.249   6.109   1.00 42.67 ?  18  ASN A O   1 
ATOM   125  C CB  . ASN A 1 18  ? -0.259  9.888   6.795   1.00 47.66 ?  18  ASN A CB  1 
ATOM   126  C CG  . ASN A 1 18  ? -1.027  10.920  7.593   1.00 56.20 ?  18  ASN A CG  1 
ATOM   127  O OD1 . ASN A 1 18  ? -2.235  10.796  7.794   1.00 54.78 ?  18  ASN A OD1 1 
ATOM   128  N ND2 . ASN A 1 18  ? -0.323  11.951  8.053   1.00 68.74 ?  18  ASN A ND2 1 
ATOM   129  N N   . ILE A 1 19  ? -0.913  7.017   5.099   1.00 45.81 ?  19  ILE A N   1 
ATOM   130  C CA  . ILE A 1 19  ? -0.411  6.161   4.026   1.00 44.41 ?  19  ILE A CA  1 
ATOM   131  C C   . ILE A 1 19  ? 0.236   7.072   2.988   1.00 43.71 ?  19  ILE A C   1 
ATOM   132  O O   . ILE A 1 19  ? -0.451  7.719   2.197   1.00 46.75 ?  19  ILE A O   1 
ATOM   133  C CB  . ILE A 1 19  ? -1.515  5.299   3.412   1.00 42.72 ?  19  ILE A CB  1 
ATOM   134  C CG1 . ILE A 1 19  ? -2.153  4.408   4.479   1.00 43.75 ?  19  ILE A CG1 1 
ATOM   135  C CG2 . ILE A 1 19  ? -0.956  4.454   2.275   1.00 41.95 ?  19  ILE A CG2 1 
ATOM   136  C CD1 . ILE A 1 19  ? -3.236  3.504   3.938   1.00 46.38 ?  19  ILE A CD1 1 
ATOM   137  N N   . THR A 1 20  ? 1.566   7.128   2.989   1.00 41.78 ?  20  THR A N   1 
ATOM   138  C CA  . THR A 1 20  ? 2.318   7.929   2.035   1.00 41.70 ?  20  THR A CA  1 
ATOM   139  C C   . THR A 1 20  ? 2.786   7.125   0.834   1.00 41.14 ?  20  THR A C   1 
ATOM   140  O O   . THR A 1 20  ? 3.387   7.695   -0.083  1.00 44.04 ?  20  THR A O   1 
ATOM   141  C CB  . THR A 1 20  ? 3.527   8.566   2.719   1.00 43.93 ?  20  THR A CB  1 
ATOM   142  O OG1 . THR A 1 20  ? 4.448   7.536   3.098   1.00 43.96 ?  20  THR A OG1 1 
ATOM   143  C CG2 . THR A 1 20  ? 3.090   9.335   3.956   1.00 45.10 ?  20  THR A CG2 1 
ATOM   144  N N   . GLY A 1 21  ? 2.538   5.824   0.821   1.00 39.79 ?  21  GLY A N   1 
ATOM   145  C CA  . GLY A 1 21  ? 2.973   4.992   -0.281  1.00 39.74 ?  21  GLY A CA  1 
ATOM   146  C C   . GLY A 1 21  ? 2.794   3.530   0.056   1.00 42.29 ?  21  GLY A C   1 
ATOM   147  O O   . GLY A 1 21  ? 2.375   3.162   1.158   1.00 43.83 ?  21  GLY A O   1 
ATOM   148  N N   . LEU A 1 22  ? 3.121   2.697   -0.928  1.00 44.42 ?  22  LEU A N   1 
ATOM   149  C CA  . LEU A 1 22  ? 3.020   1.254   -0.775  1.00 45.26 ?  22  LEU A CA  1 
ATOM   150  C C   . LEU A 1 22  ? 4.039   0.595   -1.692  1.00 43.64 ?  22  LEU A C   1 
ATOM   151  O O   . LEU A 1 22  ? 4.787   1.265   -2.411  1.00 43.09 ?  22  LEU A O   1 
ATOM   152  C CB  . LEU A 1 22  ? 1.594   0.771   -1.062  1.00 44.14 ?  22  LEU A CB  1 
ATOM   153  C CG  . LEU A 1 22  ? 0.904   1.268   -2.335  1.00 45.72 ?  22  LEU A CG  1 
ATOM   154  C CD1 . LEU A 1 22  ? 1.230   0.378   -3.521  1.00 48.39 ?  22  LEU A CD1 1 
ATOM   155  C CD2 . LEU A 1 22  ? -0.600  1.359   -2.130  1.00 45.58 ?  22  LEU A CD2 1 
ATOM   156  N N   . ILE A 1 23  ? 4.063   -0.735  -1.664  1.00 45.23 ?  23  ILE A N   1 
ATOM   157  C CA  . ILE A 1 23  ? 4.976   -1.527  -2.475  1.00 46.52 ?  23  ILE A CA  1 
ATOM   158  C C   . ILE A 1 23  ? 4.175   -2.632  -3.150  1.00 44.94 ?  23  ILE A C   1 
ATOM   159  O O   . ILE A 1 23  ? 3.404   -3.340  -2.493  1.00 44.08 ?  23  ILE A O   1 
ATOM   160  C CB  . ILE A 1 23  ? 6.132   -2.102  -1.631  1.00 50.46 ?  23  ILE A CB  1 
ATOM   161  C CG1 . ILE A 1 23  ? 7.069   -2.950  -2.493  1.00 54.74 ?  23  ILE A CG1 1 
ATOM   162  C CG2 . ILE A 1 23  ? 5.609   -2.890  -0.431  1.00 48.21 ?  23  ILE A CG2 1 
ATOM   163  C CD1 . ILE A 1 23  ? 8.279   -3.460  -1.740  1.00 58.50 ?  23  ILE A CD1 1 
ATOM   164  N N   . LEU A 1 24  ? 4.337   -2.761  -4.463  1.00 46.15 ?  24  LEU A N   1 
ATOM   165  C CA  . LEU A 1 24  ? 3.599   -3.737  -5.249  1.00 45.78 ?  24  LEU A CA  1 
ATOM   166  C C   . LEU A 1 24  ? 4.553   -4.742  -5.878  1.00 44.32 ?  24  LEU A C   1 
ATOM   167  O O   . LEU A 1 24  ? 5.769   -4.534  -5.931  1.00 45.04 ?  24  LEU A O   1 
ATOM   168  C CB  . LEU A 1 24  ? 2.767   -3.063  -6.348  1.00 44.34 ?  24  LEU A CB  1 
ATOM   169  C CG  . LEU A 1 24  ? 1.519   -2.297  -5.908  1.00 41.21 ?  24  LEU A CG  1 
ATOM   170  C CD1 . LEU A 1 24  ? 0.791   -1.722  -7.113  1.00 43.79 ?  24  LEU A CD1 1 
ATOM   171  C CD2 . LEU A 1 24  ? 0.595   -3.194  -5.097  1.00 44.24 ?  24  LEU A CD2 1 
ATOM   172  N N   . THR A 1 25  ? 3.978   -5.842  -6.358  1.00 42.13 ?  25  THR A N   1 
ATOM   173  C CA  . THR A 1 25  ? 4.726   -6.884  -7.051  1.00 43.49 ?  25  THR A CA  1 
ATOM   174  C C   . THR A 1 25  ? 3.889   -7.370  -8.223  1.00 42.75 ?  25  THR A C   1 
ATOM   175  O O   . THR A 1 25  ? 2.814   -7.945  -8.021  1.00 43.28 ?  25  THR A O   1 
ATOM   176  C CB  . THR A 1 25  ? 5.066   -8.048  -6.117  1.00 45.02 ?  25  THR A CB  1 
ATOM   177  O OG1 . THR A 1 25  ? 5.886   -7.576  -5.041  1.00 49.82 ?  25  THR A OG1 1 
ATOM   178  C CG2 . THR A 1 25  ? 5.812   -9.137  -6.874  1.00 43.19 ?  25  THR A CG2 1 
ATOM   179  N N   . ARG A 1 26  ? 4.374   -7.137  -9.438  1.00 42.54 ?  26  ARG A N   1 
ATOM   180  C CA  . ARG A 1 26  ? 3.638   -7.547  -10.625 1.00 41.00 ?  26  ARG A CA  1 
ATOM   181  C C   . ARG A 1 26  ? 3.660   -9.064  -10.764 1.00 45.19 ?  26  ARG A C   1 
ATOM   182  O O   . ARG A 1 26  ? 4.671   -9.715  -10.488 1.00 47.50 ?  26  ARG A O   1 
ATOM   183  C CB  . ARG A 1 26  ? 4.229   -6.893  -11.873 1.00 42.54 ?  26  ARG A CB  1 
ATOM   184  C CG  . ARG A 1 26  ? 3.307   -6.932  -13.079 1.00 47.72 ?  26  ARG A CG  1 
ATOM   185  C CD  . ARG A 1 26  ? 3.968   -6.353  -14.320 1.00 47.94 ?  26  ARG A CD  1 
ATOM   186  N NE  . ARG A 1 26  ? 4.946   -7.267  -14.902 1.00 48.91 ?  26  ARG A NE  1 
ATOM   187  C CZ  . ARG A 1 26  ? 6.258   -7.192  -14.700 1.00 53.00 ?  26  ARG A CZ  1 
ATOM   188  N NH1 . ARG A 1 26  ? 6.760   -6.237  -13.930 1.00 52.49 ?  26  ARG A NH1 1 
ATOM   189  N NH2 . ARG A 1 26  ? 7.068   -8.071  -15.272 1.00 55.26 ?  26  ARG A NH2 1 
ATOM   190  N N   . GLN A 1 27  ? 2.536   -9.624  -11.195 1.00 47.90 ?  27  GLN A N   1 
ATOM   191  C CA  . GLN A 1 27  ? 2.410   -11.068 -11.346 1.00 47.78 ?  27  GLN A CA  1 
ATOM   192  C C   . GLN A 1 27  ? 3.123   -11.556 -12.602 1.00 50.27 ?  27  GLN A C   1 
ATOM   193  O O   . GLN A 1 27  ? 2.633   -11.376 -13.717 1.00 55.58 ?  27  GLN A O   1 
ATOM   194  C CB  . GLN A 1 27  ? 0.935   -11.475 -11.383 1.00 52.84 ?  27  GLN A CB  1 
ATOM   195  C CG  . GLN A 1 27  ? 0.704   -12.974 -11.466 1.00 64.19 ?  27  GLN A CG  1 
ATOM   196  C CD  . GLN A 1 27  ? -0.761  -13.343 -11.352 1.00 67.97 ?  27  GLN A CD  1 
ATOM   197  O OE1 . GLN A 1 27  ? -1.613  -12.485 -11.123 1.00 67.05 ?  27  GLN A OE1 1 
ATOM   198  N NE2 . GLN A 1 27  ? -1.063  -14.627 -11.510 1.00 75.42 ?  27  GLN A NE2 1 
ATOM   199  N N   . ALA A 1 33  ? -1.057  -8.894  -21.970 1.00 71.53 ?  33  ALA A N   1 
ATOM   200  C CA  . ALA A 1 33  ? -2.416  -8.489  -22.311 1.00 70.34 ?  33  ALA A CA  1 
ATOM   201  C C   . ALA A 1 33  ? -2.705  -7.080  -21.807 1.00 69.18 ?  33  ALA A C   1 
ATOM   202  O O   . ALA A 1 33  ? -1.842  -6.433  -21.214 1.00 70.59 ?  33  ALA A O   1 
ATOM   203  C CB  . ALA A 1 33  ? -3.423  -9.474  -21.735 1.00 72.14 ?  33  ALA A CB  1 
ATOM   204  N N   . ASN A 1 34  ? -3.926  -6.606  -22.053 1.00 66.20 ?  34  ASN A N   1 
ATOM   205  C CA  . ASN A 1 34  ? -4.389  -5.341  -21.502 1.00 66.69 ?  34  ASN A CA  1 
ATOM   206  C C   . ASN A 1 34  ? -4.859  -5.469  -20.056 1.00 65.32 ?  34  ASN A C   1 
ATOM   207  O O   . ASN A 1 34  ? -5.558  -4.579  -19.557 1.00 62.71 ?  34  ASN A O   1 
ATOM   208  C CB  . ASN A 1 34  ? -5.506  -4.761  -22.374 1.00 63.67 ?  34  ASN A CB  1 
ATOM   209  C CG  . ASN A 1 34  ? -6.512  -5.809  -22.811 1.00 67.11 ?  34  ASN A CG  1 
ATOM   210  O OD1 . ASN A 1 34  ? -6.617  -6.877  -22.206 1.00 73.42 ?  34  ASN A OD1 1 
ATOM   211  N ND2 . ASN A 1 34  ? -7.256  -5.508  -23.868 1.00 59.36 ?  34  ASN A ND2 1 
ATOM   212  N N   . THR A 1 35  ? -4.490  -6.559  -19.384 1.00 65.87 ?  35  THR A N   1 
ATOM   213  C CA  . THR A 1 35  ? -4.840  -6.800  -17.987 1.00 62.53 ?  35  THR A CA  1 
ATOM   214  C C   . THR A 1 35  ? -3.568  -7.187  -17.246 1.00 61.67 ?  35  THR A C   1 
ATOM   215  O O   . THR A 1 35  ? -2.980  -8.237  -17.524 1.00 64.50 ?  35  THR A O   1 
ATOM   216  C CB  . THR A 1 35  ? -5.896  -7.901  -17.859 1.00 61.27 ?  35  THR A CB  1 
ATOM   217  O OG1 . THR A 1 35  ? -5.379  -9.124  -18.400 1.00 71.30 ?  35  THR A OG1 1 
ATOM   218  C CG2 . THR A 1 35  ? -7.166  -7.523  -18.607 1.00 67.30 ?  35  THR A CG2 1 
ATOM   219  N N   . VAL A 1 36  ? -3.141  -6.344  -16.308 1.00 55.81 ?  36  VAL A N   1 
ATOM   220  C CA  . VAL A 1 36  ? -1.958  -6.599  -15.496 1.00 52.70 ?  36  VAL A CA  1 
ATOM   221  C C   . VAL A 1 36  ? -2.376  -6.629  -14.033 1.00 53.80 ?  36  VAL A C   1 
ATOM   222  O O   . VAL A 1 36  ? -3.167  -5.792  -13.586 1.00 54.16 ?  36  VAL A O   1 
ATOM   223  C CB  . VAL A 1 36  ? -0.859  -5.543  -15.737 1.00 52.63 ?  36  VAL A CB  1 
ATOM   224  C CG1 . VAL A 1 36  ? 0.358   -5.842  -14.888 1.00 52.74 ?  36  VAL A CG1 1 
ATOM   225  C CG2 . VAL A 1 36  ? -0.475  -5.511  -17.206 1.00 59.37 ?  36  VAL A CG2 1 
ATOM   226  N N   . ILE A 1 37  ? -1.843  -7.597  -13.291 1.00 50.06 ?  37  ILE A N   1 
ATOM   227  C CA  . ILE A 1 37  ? -2.240  -7.858  -11.913 1.00 50.94 ?  37  ILE A CA  1 
ATOM   228  C C   . ILE A 1 37  ? -1.096  -7.487  -10.980 1.00 50.78 ?  37  ILE A C   1 
ATOM   229  O O   . ILE A 1 37  ? 0.069   -7.803  -11.250 1.00 47.66 ?  37  ILE A O   1 
ATOM   230  C CB  . ILE A 1 37  ? -2.648  -9.334  -11.731 1.00 49.58 ?  37  ILE A CB  1 
ATOM   231  C CG1 . ILE A 1 37  ? -3.768  -9.697  -12.707 1.00 54.95 ?  37  ILE A CG1 1 
ATOM   232  C CG2 . ILE A 1 37  ? -3.072  -9.600  -10.301 1.00 48.81 ?  37  ILE A CG2 1 
ATOM   233  C CD1 . ILE A 1 37  ? -4.181  -11.151 -12.654 1.00 55.85 ?  37  ILE A CD1 1 
ATOM   234  N N   . PHE A 1 38  ? -1.433  -6.818  -9.877  1.00 49.54 ?  38  PHE A N   1 
ATOM   235  C CA  . PHE A 1 38  ? -0.464  -6.413  -8.869  1.00 45.56 ?  38  PHE A CA  1 
ATOM   236  C C   . PHE A 1 38  ? -0.934  -6.860  -7.491  1.00 45.86 ?  38  PHE A C   1 
ATOM   237  O O   . PHE A 1 38  ? -2.134  -6.900  -7.207  1.00 48.46 ?  38  PHE A O   1 
ATOM   238  C CB  . PHE A 1 38  ? -0.248  -4.895  -8.868  1.00 44.02 ?  38  PHE A CB  1 
ATOM   239  C CG  . PHE A 1 38  ? 0.288   -4.356  -10.163 1.00 44.89 ?  38  PHE A CG  1 
ATOM   240  C CD1 . PHE A 1 38  ? 1.652   -4.286  -10.386 1.00 43.58 ?  38  PHE A CD1 1 
ATOM   241  C CD2 . PHE A 1 38  ? -0.574  -3.918  -11.155 1.00 47.50 ?  38  PHE A CD2 1 
ATOM   242  C CE1 . PHE A 1 38  ? 2.147   -3.791  -11.575 1.00 45.82 ?  38  PHE A CE1 1 
ATOM   243  C CE2 . PHE A 1 38  ? -0.083  -3.422  -12.347 1.00 51.57 ?  38  PHE A CE2 1 
ATOM   244  C CZ  . PHE A 1 38  ? 1.280   -3.357  -12.556 1.00 49.43 ?  38  PHE A CZ  1 
ATOM   245  N N   . ARG A 1 39  ? 0.028   -7.196  -6.636  1.00 41.52 ?  39  ARG A N   1 
ATOM   246  C CA  . ARG A 1 39  ? -0.228  -7.637  -5.275  1.00 41.92 ?  39  ARG A CA  1 
ATOM   247  C C   . ARG A 1 39  ? 0.692   -6.907  -4.311  1.00 44.27 ?  39  ARG A C   1 
ATOM   248  O O   . ARG A 1 39  ? 1.784   -6.477  -4.697  1.00 45.88 ?  39  ARG A O   1 
ATOM   249  C CB  . ARG A 1 39  ? -0.008  -9.149  -5.131  1.00 43.87 ?  39  ARG A CB  1 
ATOM   250  C CG  . ARG A 1 39  ? -0.489  -9.987  -6.307  1.00 47.61 ?  39  ARG A CG  1 
ATOM   251  C CD  . ARG A 1 39  ? -0.355  -11.474 -6.020  1.00 48.26 ?  39  ARG A CD  1 
ATOM   252  N NE  . ARG A 1 39  ? -1.605  -12.057 -5.543  1.00 51.35 ?  39  ARG A NE  1 
ATOM   253  C CZ  . ARG A 1 39  ? -2.440  -12.757 -6.306  1.00 52.53 ?  39  ARG A CZ  1 
ATOM   254  N NH1 . ARG A 1 39  ? -3.559  -13.248 -5.792  1.00 51.66 ?  39  ARG A NH1 1 
ATOM   255  N NH2 . ARG A 1 39  ? -2.154  -12.968 -7.584  1.00 53.12 ?  39  ARG A NH2 1 
ATOM   256  N N   . PRO A 1 40  ? 0.277   -6.737  -3.056  1.00 43.67 ?  40  PRO A N   1 
ATOM   257  C CA  . PRO A 1 40  ? 1.173   -6.137  -2.059  1.00 43.45 ?  40  PRO A CA  1 
ATOM   258  C C   . PRO A 1 40  ? 2.375   -7.037  -1.806  1.00 47.97 ?  40  PRO A C   1 
ATOM   259  O O   . PRO A 1 40  ? 2.234   -8.245  -1.606  1.00 49.32 ?  40  PRO A O   1 
ATOM   260  C CB  . PRO A 1 40  ? 0.287   -6.008  -0.815  1.00 44.09 ?  40  PRO A CB  1 
ATOM   261  C CG  . PRO A 1 40  ? -0.797  -7.019  -1.014  1.00 44.76 ?  40  PRO A CG  1 
ATOM   262  C CD  . PRO A 1 40  ? -1.046  -7.052  -2.490  1.00 43.16 ?  40  PRO A CD  1 
ATOM   263  N N   . SER A 1 41  ? 3.558   -6.434  -1.813  1.00 48.51 ?  41  SER A N   1 
ATOM   264  C CA  . SER A 1 41  ? 4.789   -7.208  -1.753  1.00 50.80 ?  41  SER A CA  1 
ATOM   265  C C   . SER A 1 41  ? 4.969   -7.849  -0.383  1.00 55.51 ?  41  SER A C   1 
ATOM   266  O O   . SER A 1 41  ? 4.605   -7.271  0.648   1.00 53.28 ?  41  SER A O   1 
ATOM   267  C CB  . SER A 1 41  ? 5.989   -6.317  -2.078  1.00 50.33 ?  41  SER A CB  1 
ATOM   268  O OG  . SER A 1 41  ? 7.212   -6.973  -1.798  1.00 52.90 ?  41  SER A OG  1 
ATOM   269  N N   . GLY A 1 42  ? 5.525   -9.059  -0.383  1.00 62.26 ?  42  GLY A N   1 
ATOM   270  C CA  . GLY A 1 42  ? 5.925   -9.742  0.826   1.00 68.27 ?  42  GLY A CA  1 
ATOM   271  C C   . GLY A 1 42  ? 7.417   -9.729  1.069   1.00 76.26 ?  42  GLY A C   1 
ATOM   272  O O   . GLY A 1 42  ? 7.889   -10.416 1.984   1.00 80.36 ?  42  GLY A O   1 
ATOM   273  N N   . GLY A 1 43  ? 8.179   -8.978  0.274   1.00 77.81 ?  43  GLY A N   1 
ATOM   274  C CA  . GLY A 1 43  ? 9.615   -8.934  0.463   1.00 81.73 ?  43  GLY A CA  1 
ATOM   275  C C   . GLY A 1 43  ? 9.984   -8.331  1.805   1.00 90.35 ?  43  GLY A C   1 
ATOM   276  O O   . GLY A 1 43  ? 9.227   -7.559  2.397   1.00 94.09 ?  43  GLY A O   1 
ATOM   277  N N   . ASP A 1 44  ? 11.175  -8.693  2.278   1.00 85.53 ?  44  ASP A N   1 
ATOM   278  C CA  . ASP A 1 44  ? 11.645  -8.292  3.597   1.00 84.73 ?  44  ASP A CA  1 
ATOM   279  C C   . ASP A 1 44  ? 11.680  -6.777  3.744   1.00 82.24 ?  44  ASP A C   1 
ATOM   280  O O   . ASP A 1 44  ? 11.602  -6.045  2.751   1.00 81.61 ?  44  ASP A O   1 
ATOM   281  C CB  . ASP A 1 44  ? 13.034  -8.878  3.867   1.00 82.96 ?  44  ASP A CB  1 
ATOM   282  C CG  . ASP A 1 44  ? 13.058  -10.389 3.755   1.00 84.35 ?  44  ASP A CG  1 
ATOM   283  O OD1 . ASP A 1 44  ? 11.991  -11.012 3.934   1.00 83.49 ?  44  ASP A OD1 1 
ATOM   284  O OD2 . ASP A 1 44  ? 14.139  -10.952 3.486   1.00 87.93 ?  44  ASP A OD2 1 
ATOM   285  N N   . TRP A 1 45  ? 11.793  -6.300  4.985   1.00 83.79 ?  45  TRP A N   1 
ATOM   286  C CA  . TRP A 1 45  ? 11.937  -4.870  5.218   1.00 84.01 ?  45  TRP A CA  1 
ATOM   287  C C   . TRP A 1 45  ? 13.171  -4.302  4.529   1.00 81.88 ?  45  TRP A C   1 
ATOM   288  O O   . TRP A 1 45  ? 13.264  -3.084  4.346   1.00 79.02 ?  45  TRP A O   1 
ATOM   289  C CB  . TRP A 1 45  ? 11.985  -4.594  6.721   1.00 82.15 ?  45  TRP A CB  1 
ATOM   290  C CG  . TRP A 1 45  ? 10.697  -4.902  7.418   1.00 83.30 ?  45  TRP A CG  1 
ATOM   291  C CD1 . TRP A 1 45  ? 9.608   -4.091  7.512   1.00 80.46 ?  45  TRP A CD1 1 
ATOM   292  C CD2 . TRP A 1 45  ? 10.360  -6.110  8.115   1.00 84.96 ?  45  TRP A CD2 1 
ATOM   293  N NE1 . TRP A 1 45  ? 8.617   -4.709  8.234   1.00 87.54 ?  45  TRP A NE1 1 
ATOM   294  C CE2 . TRP A 1 45  ? 9.050   -5.952  8.610   1.00 80.58 ?  45  TRP A CE2 1 
ATOM   295  C CE3 . TRP A 1 45  ? 11.038  -7.305  8.368   1.00 85.06 ?  45  TRP A CE3 1 
ATOM   296  C CZ2 . TRP A 1 45  ? 8.406   -6.945  9.344   1.00 80.25 ?  45  TRP A CZ2 1 
ATOM   297  C CZ3 . TRP A 1 45  ? 10.396  -8.291  9.098   1.00 85.98 ?  45  TRP A CZ3 1 
ATOM   298  C CH2 . TRP A 1 45  ? 9.093   -8.104  9.577   1.00 81.24 ?  45  TRP A CH2 1 
ATOM   299  N N   . ARG A 1 46  ? 14.122  -5.159  4.148   1.00 83.60 ?  46  ARG A N   1 
ATOM   300  C CA  . ARG A 1 46  ? 15.221  -4.716  3.298   1.00 84.14 ?  46  ARG A CA  1 
ATOM   301  C C   . ARG A 1 46  ? 14.726  -4.377  1.897   1.00 81.03 ?  46  ARG A C   1 
ATOM   302  O O   . ARG A 1 46  ? 15.171  -3.393  1.298   1.00 82.24 ?  46  ARG A O   1 
ATOM   303  C CB  . ARG A 1 46  ? 16.306  -5.789  3.241   1.00 81.95 ?  46  ARG A CB  1 
ATOM   304  N N   . ASP A 1 47  ? 13.806  -5.185  1.358   1.00 82.24 ?  47  ASP A N   1 
ATOM   305  C CA  . ASP A 1 47  ? 13.196  -4.861  0.073   1.00 82.87 ?  47  ASP A CA  1 
ATOM   306  C C   . ASP A 1 47  ? 12.350  -3.602  0.168   1.00 79.55 ?  47  ASP A C   1 
ATOM   307  O O   . ASP A 1 47  ? 12.172  -2.895  -0.828  1.00 78.11 ?  47  ASP A O   1 
ATOM   308  C CB  . ASP A 1 47  ? 12.353  -6.037  -0.420  1.00 82.65 ?  47  ASP A CB  1 
ATOM   309  N N   . ILE A 1 48  ? 11.815  -3.317  1.357   1.00 79.67 ?  48  ILE A N   1 
ATOM   310  C CA  . ILE A 1 48  ? 11.113  -2.063  1.592   1.00 76.71 ?  48  ILE A CA  1 
ATOM   311  C C   . ILE A 1 48  ? 12.080  -0.886  1.549   1.00 77.99 ?  48  ILE A C   1 
ATOM   312  O O   . ILE A 1 48  ? 11.715  0.211   1.108   1.00 76.80 ?  48  ILE A O   1 
ATOM   313  C CB  . ILE A 1 48  ? 10.359  -2.158  2.933   1.00 77.34 ?  48  ILE A CB  1 
ATOM   314  C CG1 . ILE A 1 48  ? 9.042   -2.917  2.744   1.00 72.76 ?  48  ILE A CG1 1 
ATOM   315  C CG2 . ILE A 1 48  ? 10.135  -0.785  3.554   1.00 77.21 ?  48  ILE A CG2 1 
ATOM   316  C CD1 . ILE A 1 48  ? 8.417   -3.395  4.031   1.00 70.50 ?  48  ILE A CD1 1 
ATOM   317  N N   . ALA A 1 49  ? 13.332  -1.097  1.966   1.00 78.25 ?  49  ALA A N   1 
ATOM   318  C CA  . ALA A 1 49  ? 14.281  0.009   2.057   1.00 76.04 ?  49  ALA A CA  1 
ATOM   319  C C   . ALA A 1 49  ? 14.622  0.573   0.683   1.00 72.65 ?  49  ALA A C   1 
ATOM   320  O O   . ALA A 1 49  ? 14.819  1.785   0.536   1.00 73.73 ?  49  ALA A O   1 
ATOM   321  C CB  . ALA A 1 49  ? 15.547  -0.448  2.781   1.00 79.16 ?  49  ALA A CB  1 
ATOM   322  N N   . ARG A 1 50  ? 14.687  -0.285  -0.340  1.00 73.92 ?  50  ARG A N   1 
ATOM   323  C CA  . ARG A 1 50  ? 15.048  0.172   -1.680  1.00 74.63 ?  50  ARG A CA  1 
ATOM   324  C C   . ARG A 1 50  ? 14.042  1.155   -2.269  1.00 75.22 ?  50  ARG A C   1 
ATOM   325  O O   . ARG A 1 50  ? 14.330  1.759   -3.309  1.00 75.16 ?  50  ARG A O   1 
ATOM   326  C CB  . ARG A 1 50  ? 15.202  -1.022  -2.622  1.00 77.48 ?  50  ARG A CB  1 
ATOM   327  N N   . CYS A 1 51  ? 12.883  1.341   -1.635  1.00 71.18 ?  51  CYS A N   1 
ATOM   328  C CA  . CYS A 1 51  ? 11.927  2.327   -2.127  1.00 65.51 ?  51  CYS A CA  1 
ATOM   329  C C   . CYS A 1 51  ? 12.337  3.748   -1.753  1.00 59.22 ?  51  CYS A C   1 
ATOM   330  O O   . CYS A 1 51  ? 12.037  4.694   -2.488  1.00 54.86 ?  51  CYS A O   1 
ATOM   331  C CB  . CYS A 1 51  ? 10.524  2.015   -1.600  1.00 62.01 ?  51  CYS A CB  1 
ATOM   332  S SG  . CYS A 1 51  ? 9.758   0.585   -2.384  1.00 68.61 ?  51  CYS A SG  1 
ATOM   333  N N   . GLN A 1 52  ? 13.001  3.911   -0.609  1.00 57.63 ?  52  GLN A N   1 
ATOM   334  C CA  . GLN A 1 52  ? 13.521  5.200   -0.147  1.00 56.30 ?  52  GLN A CA  1 
ATOM   335  C C   . GLN A 1 52  ? 12.431  6.260   -0.004  1.00 53.40 ?  52  GLN A C   1 
ATOM   336  O O   . GLN A 1 52  ? 12.664  7.441   -0.270  1.00 47.82 ?  52  GLN A O   1 
ATOM   337  C CB  . GLN A 1 52  ? 14.637  5.719   -1.059  1.00 58.02 ?  52  GLN A CB  1 
ATOM   338  C CG  . GLN A 1 52  ? 15.936  4.941   -0.966  1.00 63.26 ?  52  GLN A CG  1 
ATOM   339  C CD  . GLN A 1 52  ? 16.992  5.471   -1.921  1.00 62.85 ?  52  GLN A CD  1 
ATOM   340  O OE1 . GLN A 1 52  ? 16.730  5.657   -3.110  1.00 64.24 ?  52  GLN A OE1 1 
ATOM   341  N NE2 . GLN A 1 52  ? 18.193  5.712   -1.406  1.00 64.28 ?  52  GLN A NE2 1 
ATOM   342  N N   . ILE A 1 53  ? 11.227  5.870   0.424   1.00 49.95 ?  53  ILE A N   1 
ATOM   343  C CA  . ILE A 1 53  ? 10.151  6.825   0.664   1.00 46.16 ?  53  ILE A CA  1 
ATOM   344  C C   . ILE A 1 53  ? 9.485   6.641   2.017   1.00 45.58 ?  53  ILE A C   1 
ATOM   345  O O   . ILE A 1 53  ? 8.513   7.338   2.314   1.00 44.39 ?  53  ILE A O   1 
ATOM   346  C CB  . ILE A 1 53  ? 9.092   6.784   -0.460  1.00 44.21 ?  53  ILE A CB  1 
ATOM   347  C CG1 . ILE A 1 53  ? 8.442   5.402   -0.540  1.00 45.62 ?  53  ILE A CG1 1 
ATOM   348  C CG2 . ILE A 1 53  ? 9.710   7.182   -1.799  1.00 43.35 ?  53  ILE A CG2 1 
ATOM   349  C CD1 . ILE A 1 53  ? 7.389   5.303   -1.618  1.00 41.46 ?  53  ILE A CD1 1 
ATOM   350  N N   . ALA A 1 54  ? 9.976   5.737   2.858   1.00 46.43 ?  54  ALA A N   1 
ATOM   351  C CA  . ALA A 1 54  ? 9.403   5.541   4.178   1.00 48.51 ?  54  ALA A CA  1 
ATOM   352  C C   . ALA A 1 54  ? 9.934   6.592   5.150   1.00 48.59 ?  54  ALA A C   1 
ATOM   353  O O   . ALA A 1 54  ? 10.924  7.282   4.888   1.00 48.10 ?  54  ALA A O   1 
ATOM   354  C CB  . ALA A 1 54  ? 9.709   4.134   4.688   1.00 44.45 ?  54  ALA A CB  1 
ATOM   355  N N   . GLY A 1 55  ? 9.256   6.716   6.284   1.00 44.34 ?  55  GLY A N   1 
ATOM   356  C CA  . GLY A 1 55  ? 9.683   7.655   7.300   1.00 43.50 ?  55  GLY A CA  1 
ATOM   357  C C   . GLY A 1 55  ? 10.491  6.994   8.395   1.00 45.39 ?  55  GLY A C   1 
ATOM   358  O O   . GLY A 1 55  ? 11.557  6.425   8.135   1.00 49.19 ?  55  GLY A O   1 
ATOM   359  N N   . THR A 1 56  ? 9.990   7.070   9.629   1.00 45.29 ?  56  THR A N   1 
ATOM   360  C CA  . THR A 1 56  ? 10.607  6.399   10.767  1.00 46.87 ?  56  THR A CA  1 
ATOM   361  C C   . THR A 1 56  ? 9.952   5.064   11.097  1.00 46.18 ?  56  THR A C   1 
ATOM   362  O O   . THR A 1 56  ? 10.655  4.111   11.454  1.00 44.89 ?  56  THR A O   1 
ATOM   363  C CB  . THR A 1 56  ? 10.553  7.300   12.007  1.00 46.43 ?  56  THR A CB  1 
ATOM   364  O OG1 . THR A 1 56  ? 11.243  8.527   11.747  1.00 54.66 ?  56  THR A OG1 1 
ATOM   365  C CG2 . THR A 1 56  ? 11.195  6.614   13.206  1.00 42.22 ?  56  THR A CG2 1 
ATOM   366  N N   . VAL A 1 57  ? 8.628   4.966   10.956  1.00 43.98 ?  57  VAL A N   1 
ATOM   367  C CA  . VAL A 1 57  ? 7.908   3.747   11.309  1.00 43.08 ?  57  VAL A CA  1 
ATOM   368  C C   . VAL A 1 57  ? 8.245   2.629   10.322  1.00 44.53 ?  57  VAL A C   1 
ATOM   369  O O   . VAL A 1 57  ? 8.470   2.868   9.126   1.00 43.87 ?  57  VAL A O   1 
ATOM   370  C CB  . VAL A 1 57  ? 6.393   4.018   11.374  1.00 40.34 ?  57  VAL A CB  1 
ATOM   371  C CG1 . VAL A 1 57  ? 6.128   5.218   12.263  1.00 43.10 ?  57  VAL A CG1 1 
ATOM   372  C CG2 . VAL A 1 57  ? 5.786   4.190   9.982   1.00 44.39 ?  57  VAL A CG2 1 
ATOM   373  N N   . VAL A 1 58  ? 8.278   1.399   10.831  1.00 46.02 ?  58  VAL A N   1 
ATOM   374  C CA  . VAL A 1 58  ? 8.593   0.217   10.032  1.00 46.03 ?  58  VAL A CA  1 
ATOM   375  C C   . VAL A 1 58  ? 7.294   -0.523  9.733   1.00 44.42 ?  58  VAL A C   1 
ATOM   376  O O   . VAL A 1 58  ? 6.594   -0.959  10.654  1.00 44.97 ?  58  VAL A O   1 
ATOM   377  C CB  . VAL A 1 58  ? 9.590   -0.695  10.763  1.00 49.17 ?  58  VAL A CB  1 
ATOM   378  C CG1 . VAL A 1 58  ? 9.751   -2.012  10.030  1.00 54.86 ?  58  VAL A CG1 1 
ATOM   379  C CG2 . VAL A 1 58  ? 10.934  0.002   10.929  1.00 43.15 ?  58  VAL A CG2 1 
ATOM   380  N N   . SER A 1 59  ? 6.973   -0.675  8.447   1.00 46.64 ?  59  SER A N   1 
ATOM   381  C CA  . SER A 1 59  ? 5.669   -1.192  8.051   1.00 48.32 ?  59  SER A CA  1 
ATOM   382  C C   . SER A 1 59  ? 5.768   -1.993  6.759   1.00 50.11 ?  59  SER A C   1 
ATOM   383  O O   . SER A 1 59  ? 6.543   -1.650  5.864   1.00 53.07 ?  59  SER A O   1 
ATOM   384  C CB  . SER A 1 59  ? 4.661   -0.052  7.872   1.00 48.40 ?  59  SER A CB  1 
ATOM   385  O OG  . SER A 1 59  ? 5.099   0.840   6.865   1.00 47.11 ?  59  SER A OG  1 
ATOM   386  N N   . THR A 1 60  ? 4.962   -3.048  6.671   1.00 51.96 ?  60  THR A N   1 
ATOM   387  C CA  . THR A 1 60  ? 4.879   -3.905  5.497   1.00 52.22 ?  60  THR A CA  1 
ATOM   388  C C   . THR A 1 60  ? 3.650   -3.534  4.677   1.00 50.36 ?  60  THR A C   1 
ATOM   389  O O   . THR A 1 60  ? 2.673   -2.997  5.214   1.00 50.78 ?  60  THR A O   1 
ATOM   390  C CB  . THR A 1 60  ? 4.805   -5.376  5.907   1.00 53.65 ?  60  THR A CB  1 
ATOM   391  O OG1 . THR A 1 60  ? 3.679   -5.576  6.767   1.00 55.24 ?  60  THR A OG1 1 
ATOM   392  C CG2 . THR A 1 60  ? 6.065   -5.787  6.643   1.00 60.99 ?  60  THR A CG2 1 
ATOM   393  N N   . GLN A 1 61  ? 3.717   -3.808  3.366   1.00 48.44 ?  61  GLN A N   1 
ATOM   394  C CA  . GLN A 1 61  ? 2.620   -3.564  2.427   1.00 47.56 ?  61  GLN A CA  1 
ATOM   395  C C   . GLN A 1 61  ? 2.300   -2.084  2.200   1.00 46.55 ?  61  GLN A C   1 
ATOM   396  O O   . GLN A 1 61  ? 1.992   -1.675  1.072   1.00 47.69 ?  61  GLN A O   1 
ATOM   397  C CB  . GLN A 1 61  ? 1.367   -4.310  2.898   1.00 49.87 ?  61  GLN A CB  1 
ATOM   398  C CG  . GLN A 1 61  ? 1.540   -5.806  2.723   1.00 54.90 ?  61  GLN A CG  1 
ATOM   399  C CD  . GLN A 1 61  ? 0.288   -6.613  2.961   1.00 54.81 ?  61  GLN A CD  1 
ATOM   400  O OE1 . GLN A 1 61  ? -0.696  -6.127  3.519   1.00 50.01 ?  61  GLN A OE1 1 
ATOM   401  N NE2 . GLN A 1 61  ? 0.325   -7.872  2.537   1.00 57.77 ?  61  GLN A NE2 1 
ATOM   402  N N   . LEU A 1 62  ? 2.357   -1.271  3.256   1.00 47.65 ?  62  LEU A N   1 
ATOM   403  C CA  . LEU A 1 62  ? 2.034   0.143   3.131   1.00 46.82 ?  62  LEU A CA  1 
ATOM   404  C C   . LEU A 1 62  ? 3.064   0.985   3.865   1.00 46.02 ?  62  LEU A C   1 
ATOM   405  O O   . LEU A 1 62  ? 3.547   0.606   4.935   1.00 44.46 ?  62  LEU A O   1 
ATOM   406  C CB  . LEU A 1 62  ? 0.642   0.441   3.684   1.00 45.94 ?  62  LEU A CB  1 
ATOM   407  C CG  . LEU A 1 62  ? -0.502  -0.258  2.966   1.00 42.12 ?  62  LEU A CG  1 
ATOM   408  C CD1 . LEU A 1 62  ? -1.722  -0.053  3.808   1.00 47.25 ?  62  LEU A CD1 1 
ATOM   409  C CD2 . LEU A 1 62  ? -0.691  0.326   1.577   1.00 46.04 ?  62  LEU A CD2 1 
ATOM   410  N N   . PHE A 1 63  ? 3.372   2.137   3.281   1.00 45.06 ?  63  PHE A N   1 
ATOM   411  C CA  . PHE A 1 63  ? 4.309   3.096   3.849   1.00 43.90 ?  63  PHE A CA  1 
ATOM   412  C C   . PHE A 1 63  ? 3.522   4.090   4.694   1.00 42.23 ?  63  PHE A C   1 
ATOM   413  O O   . PHE A 1 63  ? 2.818   4.954   4.158   1.00 42.23 ?  63  PHE A O   1 
ATOM   414  C CB  . PHE A 1 63  ? 5.076   3.815   2.741   1.00 44.48 ?  63  PHE A CB  1 
ATOM   415  C CG  . PHE A 1 63  ? 6.082   2.956   2.034   1.00 45.23 ?  63  PHE A CG  1 
ATOM   416  C CD1 . PHE A 1 63  ? 6.952   2.157   2.750   1.00 46.44 ?  63  PHE A CD1 1 
ATOM   417  C CD2 . PHE A 1 63  ? 6.147   2.942   0.648   1.00 45.64 ?  63  PHE A CD2 1 
ATOM   418  C CE1 . PHE A 1 63  ? 7.873   1.367   2.101   1.00 50.92 ?  63  PHE A CE1 1 
ATOM   419  C CE2 . PHE A 1 63  ? 7.067   2.150   -0.005  1.00 46.04 ?  63  PHE A CE2 1 
ATOM   420  C CZ  . PHE A 1 63  ? 7.930   1.362   0.726   1.00 51.12 ?  63  PHE A CZ  1 
ATOM   421  N N   . LEU A 1 64  ? 3.647   3.969   6.009   1.00 41.83 ?  64  LEU A N   1 
ATOM   422  C CA  . LEU A 1 64  ? 3.051   4.917   6.933   1.00 42.06 ?  64  LEU A CA  1 
ATOM   423  C C   . LEU A 1 64  ? 4.055   5.992   7.304   1.00 43.55 ?  64  LEU A C   1 
ATOM   424  O O   . LEU A 1 64  ? 5.243   5.720   7.491   1.00 41.89 ?  64  LEU A O   1 
ATOM   425  C CB  . LEU A 1 64  ? 2.577   4.215   8.200   1.00 42.51 ?  64  LEU A CB  1 
ATOM   426  C CG  . LEU A 1 64  ? 1.788   2.925   8.026   1.00 43.87 ?  64  LEU A CG  1 
ATOM   427  C CD1 . LEU A 1 64  ? 1.468   2.364   9.399   1.00 46.27 ?  64  LEU A CD1 1 
ATOM   428  C CD2 . LEU A 1 64  ? 0.525   3.162   7.207   1.00 42.13 ?  64  LEU A CD2 1 
ATOM   429  N N   . ASN A 1 65  ? 3.564   7.220   7.399   1.00 43.83 ?  65  ASN A N   1 
ATOM   430  C CA  . ASN A 1 65  ? 4.338   8.333   7.936   1.00 40.76 ?  65  ASN A CA  1 
ATOM   431  C C   . ASN A 1 65  ? 5.638   8.522   7.164   1.00 39.94 ?  65  ASN A C   1 
ATOM   432  O O   . ASN A 1 65  ? 6.681   8.860   7.726   1.00 39.89 ?  65  ASN A O   1 
ATOM   433  C CB  . ASN A 1 65  ? 4.595   8.141   9.431   1.00 40.31 ?  65  ASN A CB  1 
ATOM   434  C CG  . ASN A 1 65  ? 3.381   8.489   10.271  1.00 40.78 ?  65  ASN A CG  1 
ATOM   435  O OD1 . ASN A 1 65  ? 2.329   8.838   9.736   1.00 44.15 ?  65  ASN A OD1 1 
ATOM   436  N ND2 . ASN A 1 65  ? 3.514   8.387   11.586  1.00 40.74 ?  65  ASN A ND2 1 
ATOM   437  N N   . GLY A 1 66  ? 5.572   8.298   5.858   1.00 39.89 ?  66  GLY A N   1 
ATOM   438  C CA  . GLY A 1 66  ? 6.706   8.457   4.982   1.00 42.40 ?  66  GLY A CA  1 
ATOM   439  C C   . GLY A 1 66  ? 6.674   9.776   4.240   1.00 45.36 ?  66  GLY A C   1 
ATOM   440  O O   . GLY A 1 66  ? 6.012   10.739  4.644   1.00 48.71 ?  66  GLY A O   1 
ATOM   441  N N   . SER A 1 67  ? 7.403   9.819   3.131   1.00 43.88 ?  67  SER A N   1 
ATOM   442  C CA  . SER A 1 67  ? 7.485   11.016  2.311   1.00 42.21 ?  67  SER A CA  1 
ATOM   443  C C   . SER A 1 67  ? 6.436   10.982  1.208   1.00 46.32 ?  67  SER A C   1 
ATOM   444  O O   . SER A 1 67  ? 6.013   9.914   0.756   1.00 47.92 ?  67  SER A O   1 
ATOM   445  C CB  . SER A 1 67  ? 8.879   11.153  1.701   1.00 41.62 ?  67  SER A CB  1 
ATOM   446  O OG  . SER A 1 67  ? 9.207   10.008  0.929   1.00 41.37 ?  67  SER A OG  1 
ATOM   447  N N   . LEU A 1 68  ? 6.027   12.169  0.776   1.00 44.62 ?  68  LEU A N   1 
ATOM   448  C CA  . LEU A 1 68  ? 5.032   12.330  -0.269  1.00 40.69 ?  68  LEU A CA  1 
ATOM   449  C C   . LEU A 1 68  ? 5.676   12.893  -1.528  1.00 46.67 ?  68  LEU A C   1 
ATOM   450  O O   . LEU A 1 68  ? 6.725   13.542  -1.485  1.00 48.41 ?  68  LEU A O   1 
ATOM   451  C CB  . LEU A 1 68  ? 3.898   13.252  0.190   1.00 38.66 ?  68  LEU A CB  1 
ATOM   452  C CG  . LEU A 1 68  ? 2.984   12.747  1.305   1.00 38.87 ?  68  LEU A CG  1 
ATOM   453  C CD1 . LEU A 1 68  ? 1.983   13.820  1.693   1.00 39.96 ?  68  LEU A CD1 1 
ATOM   454  C CD2 . LEU A 1 68  ? 2.271   11.481  0.866   1.00 41.67 ?  68  LEU A CD2 1 
ATOM   455  N N   . ALA A 1 69  ? 5.031   12.628  -2.659  1.00 46.74 ?  69  ALA A N   1 
ATOM   456  C CA  . ALA A 1 69  ? 5.456   13.218  -3.916  1.00 46.09 ?  69  ALA A CA  1 
ATOM   457  C C   . ALA A 1 69  ? 4.941   14.650  -4.025  1.00 49.34 ?  69  ALA A C   1 
ATOM   458  O O   . ALA A 1 69  ? 4.010   15.059  -3.326  1.00 47.77 ?  69  ALA A O   1 
ATOM   459  C CB  . ALA A 1 69  ? 4.968   12.385  -5.100  1.00 48.14 ?  69  ALA A CB  1 
ATOM   460  N N   . GLU A 1 70  ? 5.564   15.417  -4.918  1.00 54.32 ?  70  GLU A N   1 
ATOM   461  C CA  . GLU A 1 70  ? 5.257   16.836  -5.045  1.00 60.33 ?  70  GLU A CA  1 
ATOM   462  C C   . GLU A 1 70  ? 3.866   17.073  -5.621  1.00 61.59 ?  70  GLU A C   1 
ATOM   463  O O   . GLU A 1 70  ? 2.977   17.567  -4.921  1.00 63.15 ?  70  GLU A O   1 
ATOM   464  C CB  . GLU A 1 70  ? 6.310   17.531  -5.911  1.00 64.74 ?  70  GLU A CB  1 
ATOM   465  C CG  . GLU A 1 70  ? 7.173   18.530  -5.156  1.00 70.35 ?  70  GLU A CG  1 
ATOM   466  C CD  . GLU A 1 70  ? 6.413   19.782  -4.759  1.00 74.72 ?  70  GLU A CD  1 
ATOM   467  O OE1 . GLU A 1 70  ? 5.381   20.081  -5.394  1.00 74.64 ?  70  GLU A OE1 1 
ATOM   468  O OE2 . GLU A 1 70  ? 6.851   20.468  -3.811  1.00 74.21 -1 70  GLU A OE2 1 
ATOM   469  N N   . GLU A 1 71  ? 3.667   16.725  -6.892  1.00 60.08 ?  71  GLU A N   1 
ATOM   470  C CA  . GLU A 1 71  ? 2.443   17.069  -7.605  1.00 59.66 ?  71  GLU A CA  1 
ATOM   471  C C   . GLU A 1 71  ? 1.492   15.890  -7.775  1.00 63.28 ?  71  GLU A C   1 
ATOM   472  O O   . GLU A 1 71  ? 0.301   16.013  -7.474  1.00 64.00 ?  71  GLU A O   1 
ATOM   473  C CB  . GLU A 1 71  ? 2.790   17.661  -8.978  1.00 62.47 ?  71  GLU A CB  1 
ATOM   474  C CG  . GLU A 1 71  ? 3.569   18.965  -8.908  1.00 68.44 ?  71  GLU A CG  1 
ATOM   475  C CD  . GLU A 1 71  ? 3.932   19.504  -10.278 1.00 81.53 ?  71  GLU A CD  1 
ATOM   476  O OE1 . GLU A 1 71  ? 3.793   18.757  -11.269 1.00 78.81 ?  71  GLU A OE1 1 
ATOM   477  O OE2 . GLU A 1 71  ? 4.357   20.675  -10.364 1.00 85.55 -1 71  GLU A OE2 1 
ATOM   478  N N   . GLU A 1 72  ? 1.986   14.750  -8.252  1.00 61.38 ?  72  GLU A N   1 
ATOM   479  C CA  . GLU A 1 72  ? 1.132   13.617  -8.578  1.00 54.83 ?  72  GLU A CA  1 
ATOM   480  C C   . GLU A 1 72  ? 1.792   12.330  -8.101  1.00 49.01 ?  72  GLU A C   1 
ATOM   481  O O   . GLU A 1 72  ? 2.915   12.333  -7.588  1.00 46.64 ?  72  GLU A O   1 
ATOM   482  C CB  . GLU A 1 72  ? 0.845   13.565  -10.083 1.00 55.54 ?  72  GLU A CB  1 
ATOM   483  C CG  . GLU A 1 72  ? 2.098   13.571  -10.942 1.00 58.16 ?  72  GLU A CG  1 
ATOM   484  C CD  . GLU A 1 72  ? 1.789   13.598  -12.423 1.00 60.48 ?  72  GLU A CD  1 
ATOM   485  O OE1 . GLU A 1 72  ? 0.626   13.331  -12.794 1.00 58.76 ?  72  GLU A OE1 1 
ATOM   486  O OE2 . GLU A 1 72  ? 2.707   13.887  -13.217 1.00 60.72 -1 72  GLU A OE2 1 
ATOM   487  N N   . VAL A 1 73  ? 1.077   11.217  -8.275  1.00 46.73 ?  73  VAL A N   1 
ATOM   488  C CA  . VAL A 1 73  ? 1.599   9.915   -7.884  1.00 46.21 ?  73  VAL A CA  1 
ATOM   489  C C   . VAL A 1 73  ? 2.751   9.529   -8.801  1.00 45.22 ?  73  VAL A C   1 
ATOM   490  O O   . VAL A 1 73  ? 2.678   9.688   -10.028 1.00 44.75 ?  73  VAL A O   1 
ATOM   491  C CB  . VAL A 1 73  ? 0.481   8.858   -7.917  1.00 47.51 ?  73  VAL A CB  1 
ATOM   492  C CG1 . VAL A 1 73  ? 1.036   7.476   -7.604  1.00 47.46 ?  73  VAL A CG1 1 
ATOM   493  C CG2 . VAL A 1 73  ? -0.622  9.224   -6.938  1.00 49.54 ?  73  VAL A CG2 1 
ATOM   494  N N   . VAL A 1 74  ? 3.829   9.022   -8.207  1.00 43.35 ?  74  VAL A N   1 
ATOM   495  C CA  . VAL A 1 74  ? 5.007   8.587   -8.946  1.00 45.72 ?  74  VAL A CA  1 
ATOM   496  C C   . VAL A 1 74  ? 5.302   7.140   -8.575  1.00 42.66 ?  74  VAL A C   1 
ATOM   497  O O   . VAL A 1 74  ? 5.140   6.740   -7.416  1.00 42.08 ?  74  VAL A O   1 
ATOM   498  C CB  . VAL A 1 74  ? 6.223   9.498   -8.662  1.00 44.65 ?  74  VAL A CB  1 
ATOM   499  C CG1 . VAL A 1 74  ? 6.544   9.527   -7.175  1.00 45.08 ?  74  VAL A CG1 1 
ATOM   500  C CG2 . VAL A 1 74  ? 7.434   9.059   -9.476  1.00 44.59 ?  74  VAL A CG2 1 
ATOM   501  N N   . ILE A 1 75  ? 5.709   6.350   -9.565  1.00 46.36 ?  75  ILE A N   1 
ATOM   502  C CA  . ILE A 1 75  ? 6.057   4.948   -9.368  1.00 46.58 ?  75  ILE A CA  1 
ATOM   503  C C   . ILE A 1 75  ? 7.468   4.724   -9.896  1.00 46.89 ?  75  ILE A C   1 
ATOM   504  O O   . ILE A 1 75  ? 7.816   5.208   -10.978 1.00 46.96 ?  75  ILE A O   1 
ATOM   505  C CB  . ILE A 1 75  ? 5.055   4.002   -10.060 1.00 48.06 ?  75  ILE A CB  1 
ATOM   506  C CG1 . ILE A 1 75  ? 4.868   4.384   -11.529 1.00 47.58 ?  75  ILE A CG1 1 
ATOM   507  C CG2 . ILE A 1 75  ? 3.719   4.024   -9.334  1.00 48.34 ?  75  ILE A CG2 1 
ATOM   508  C CD1 . ILE A 1 75  ? 3.882   3.503   -12.266 1.00 51.74 ?  75  ILE A CD1 1 
ATOM   509  N N   . ARG A 1 76  ? 8.277   4.001   -9.126  1.00 46.49 ?  76  ARG A N   1 
ATOM   510  C CA  . ARG A 1 76  ? 9.665   3.741   -9.474  1.00 49.09 ?  76  ARG A CA  1 
ATOM   511  C C   . ARG A 1 76  ? 9.933   2.244   -9.427  1.00 49.86 ?  76  ARG A C   1 
ATOM   512  O O   . ARG A 1 76  ? 9.203   1.480   -8.789  1.00 46.79 ?  76  ARG A O   1 
ATOM   513  C CB  . ARG A 1 76  ? 10.630  4.471   -8.530  1.00 49.14 ?  76  ARG A CB  1 
ATOM   514  C CG  . ARG A 1 76  ? 10.336  5.950   -8.361  1.00 48.02 ?  76  ARG A CG  1 
ATOM   515  C CD  . ARG A 1 76  ? 11.236  6.563   -7.303  1.00 48.77 ?  76  ARG A CD  1 
ATOM   516  N NE  . ARG A 1 76  ? 10.805  7.906   -6.929  1.00 47.39 ?  76  ARG A NE  1 
ATOM   517  C CZ  . ARG A 1 76  ? 9.895   8.163   -5.996  1.00 44.77 ?  76  ARG A CZ  1 
ATOM   518  N NH1 . ARG A 1 76  ? 9.314   7.167   -5.340  1.00 42.09 ?  76  ARG A NH1 1 
ATOM   519  N NH2 . ARG A 1 76  ? 9.565   9.416   -5.718  1.00 46.94 ?  76  ARG A NH2 1 
ATOM   520  N N   . SER A 1 77  ? 11.000  1.834   -10.108 1.00 53.17 ?  77  SER A N   1 
ATOM   521  C CA  . SER A 1 77  ? 11.397  0.435   -10.148 1.00 52.75 ?  77  SER A CA  1 
ATOM   522  C C   . SER A 1 77  ? 12.830  0.344   -10.652 1.00 50.68 ?  77  SER A C   1 
ATOM   523  O O   . SER A 1 77  ? 13.216  1.073   -11.568 1.00 56.91 ?  77  SER A O   1 
ATOM   524  C CB  . SER A 1 77  ? 10.467  -0.387  -11.049 1.00 52.88 ?  77  SER A CB  1 
ATOM   525  O OG  . SER A 1 77  ? 10.914  -1.728  -11.156 1.00 52.47 ?  77  SER A OG  1 
ATOM   526  N N   . GLU A 1 78  ? 13.612  -0.551  -10.042 1.00 54.65 ?  78  GLU A N   1 
ATOM   527  C CA  . GLU A 1 78  ? 14.964  -0.794  -10.531 1.00 57.28 ?  78  GLU A CA  1 
ATOM   528  C C   . GLU A 1 78  ? 14.948  -1.369  -11.940 1.00 55.97 ?  78  GLU A C   1 
ATOM   529  O O   . GLU A 1 78  ? 15.873  -1.125  -12.723 1.00 57.07 ?  78  GLU A O   1 
ATOM   530  C CB  . GLU A 1 78  ? 15.710  -1.739  -9.588  1.00 61.70 ?  78  GLU A CB  1 
ATOM   531  C CG  . GLU A 1 78  ? 15.858  -1.226  -8.165  1.00 62.75 ?  78  GLU A CG  1 
ATOM   532  C CD  . GLU A 1 78  ? 16.666  -2.170  -7.294  1.00 69.23 ?  78  GLU A CD  1 
ATOM   533  O OE1 . GLU A 1 78  ? 17.320  -3.078  -7.847  1.00 68.42 ?  78  GLU A OE1 1 
ATOM   534  O OE2 . GLU A 1 78  ? 16.646  -2.004  -6.055  1.00 70.77 ?  78  GLU A OE2 1 
ATOM   535  N N   . ASP A 1 79  ? 13.906  -2.126  -12.281 1.00 56.37 ?  79  ASP A N   1 
ATOM   536  C CA  . ASP A 1 79  ? 13.790  -2.723  -13.610 1.00 56.48 ?  79  ASP A CA  1 
ATOM   537  C C   . ASP A 1 79  ? 12.330  -3.098  -13.823 1.00 57.41 ?  79  ASP A C   1 
ATOM   538  O O   . ASP A 1 79  ? 11.831  -4.028  -13.181 1.00 60.37 ?  79  ASP A O   1 
ATOM   539  C CB  . ASP A 1 79  ? 14.699  -3.939  -13.739 1.00 57.34 ?  79  ASP A CB  1 
ATOM   540  C CG  . ASP A 1 79  ? 14.590  -4.608  -15.097 1.00 58.35 ?  79  ASP A CG  1 
ATOM   541  O OD1 . ASP A 1 79  ? 14.235  -3.919  -16.076 1.00 59.74 ?  79  ASP A OD1 1 
ATOM   542  O OD2 . ASP A 1 79  ? 14.865  -5.823  -15.184 1.00 58.21 ?  79  ASP A OD2 1 
ATOM   543  N N   . TRP A 1 80  ? 11.649  -2.375  -14.717 1.00 56.89 ?  80  TRP A N   1 
ATOM   544  C CA  . TRP A 1 80  ? 10.256  -2.684  -15.013 1.00 55.69 ?  80  TRP A CA  1 
ATOM   545  C C   . TRP A 1 80  ? 10.099  -4.026  -15.715 1.00 58.44 ?  80  TRP A C   1 
ATOM   546  O O   . TRP A 1 80  ? 8.999   -4.590  -15.708 1.00 59.45 ?  80  TRP A O   1 
ATOM   547  C CB  . TRP A 1 80  ? 9.637   -1.580  -15.872 1.00 55.47 ?  80  TRP A CB  1 
ATOM   548  C CG  . TRP A 1 80  ? 9.774   -0.201  -15.298 1.00 57.78 ?  80  TRP A CG  1 
ATOM   549  C CD1 . TRP A 1 80  ? 10.711  0.734   -15.630 1.00 57.18 ?  80  TRP A CD1 1 
ATOM   550  C CD2 . TRP A 1 80  ? 8.945   0.401   -14.295 1.00 57.70 ?  80  TRP A CD2 1 
ATOM   551  N NE1 . TRP A 1 80  ? 10.518  1.879   -14.896 1.00 57.52 ?  80  TRP A NE1 1 
ATOM   552  C CE2 . TRP A 1 80  ? 9.441   1.701   -14.069 1.00 58.54 ?  80  TRP A CE2 1 
ATOM   553  C CE3 . TRP A 1 80  ? 7.835   -0.034  -13.565 1.00 54.10 ?  80  TRP A CE3 1 
ATOM   554  C CZ2 . TRP A 1 80  ? 8.864   2.570   -13.144 1.00 58.82 ?  80  TRP A CZ2 1 
ATOM   555  C CZ3 . TRP A 1 80  ? 7.262   0.831   -12.648 1.00 51.02 ?  80  TRP A CZ3 1 
ATOM   556  C CH2 . TRP A 1 80  ? 7.778   2.118   -12.446 1.00 55.49 ?  80  TRP A CH2 1 
ATOM   557  N N   . ARG A 1 81  ? 11.168  -4.548  -16.319 1.00 60.00 ?  81  ARG A N   1 
ATOM   558  C CA  . ARG A 1 81  ? 11.079  -5.819  -17.028 1.00 59.81 ?  81  ARG A CA  1 
ATOM   559  C C   . ARG A 1 81  ? 11.064  -7.002  -16.068 1.00 58.14 ?  81  ARG A C   1 
ATOM   560  O O   . ARG A 1 81  ? 10.350  -7.984  -16.300 1.00 58.74 ?  81  ARG A O   1 
ATOM   561  C CB  . ARG A 1 81  ? 12.238  -5.950  -18.016 1.00 54.18 ?  81  ARG A CB  1 
ATOM   562  N N   . ASP A 1 82  ? 11.842  -6.929  -14.990 1.00 57.61 ?  82  ASP A N   1 
ATOM   563  C CA  . ASP A 1 82  ? 11.918  -8.006  -14.011 1.00 57.63 ?  82  ASP A CA  1 
ATOM   564  C C   . ASP A 1 82  ? 10.808  -7.830  -12.980 1.00 57.46 ?  82  ASP A C   1 
ATOM   565  O O   . ASP A 1 82  ? 10.753  -6.806  -12.290 1.00 58.40 ?  82  ASP A O   1 
ATOM   566  C CB  . ASP A 1 82  ? 13.289  -8.024  -13.336 1.00 60.65 ?  82  ASP A CB  1 
ATOM   567  C CG  . ASP A 1 82  ? 13.422  -9.135  -12.312 1.00 58.98 ?  82  ASP A CG  1 
ATOM   568  O OD1 . ASP A 1 82  ? 12.669  -10.127 -12.404 1.00 58.23 ?  82  ASP A OD1 1 
ATOM   569  O OD2 . ASP A 1 82  ? 14.285  -9.019  -11.416 1.00 54.10 ?  82  ASP A OD2 1 
ATOM   570  N N   . ASN A 1 83  ? 9.928   -8.828  -12.879 1.00 57.45 ?  83  ASN A N   1 
ATOM   571  C CA  . ASN A 1 83  ? 8.833   -8.767  -11.919 1.00 56.46 ?  83  ASN A CA  1 
ATOM   572  C C   . ASN A 1 83  ? 9.289   -9.036  -10.493 1.00 57.64 ?  83  ASN A C   1 
ATOM   573  O O   . ASN A 1 83  ? 8.597   -8.630  -9.551  1.00 59.99 ?  83  ASN A O   1 
ATOM   574  C CB  . ASN A 1 83  ? 7.734   -9.761  -12.301 1.00 55.27 ?  83  ASN A CB  1 
ATOM   575  C CG  . ASN A 1 83  ? 8.139   -11.202 -12.057 1.00 58.21 ?  83  ASN A CG  1 
ATOM   576  O OD1 . ASN A 1 83  ? 7.952   -11.734 -10.962 1.00 62.48 ?  83  ASN A OD1 1 
ATOM   577  N ND2 . ASN A 1 83  ? 8.696   -11.841 -13.078 1.00 55.15 ?  83  ASN A ND2 1 
ATOM   578  N N   . ALA A 1 84  ? 10.424  -9.716  -10.311 1.00 58.49 ?  84  ALA A N   1 
ATOM   579  C CA  . ALA A 1 84  ? 10.959  -9.913  -8.968  1.00 59.44 ?  84  ALA A CA  1 
ATOM   580  C C   . ALA A 1 84  ? 11.302  -8.585  -8.309  1.00 58.14 ?  84  ALA A C   1 
ATOM   581  O O   . ALA A 1 84  ? 11.255  -8.471  -7.078  1.00 62.47 ?  84  ALA A O   1 
ATOM   582  C CB  . ALA A 1 84  ? 12.188  -10.820 -9.017  1.00 59.03 ?  84  ALA A CB  1 
ATOM   583  N N   . LYS A 1 85  ? 11.650  -7.577  -9.103  1.00 58.87 ?  85  LYS A N   1 
ATOM   584  C CA  . LYS A 1 85  ? 11.823  -6.233  -8.573  1.00 57.34 ?  85  LYS A CA  1 
ATOM   585  C C   . LYS A 1 85  ? 10.463  -5.636  -8.230  1.00 56.60 ?  85  LYS A C   1 
ATOM   586  O O   . LYS A 1 85  ? 9.506   -5.742  -9.002  1.00 55.75 ?  85  LYS A O   1 
ATOM   587  C CB  . LYS A 1 85  ? 12.550  -5.348  -9.584  1.00 58.40 ?  85  LYS A CB  1 
ATOM   588  C CG  . LYS A 1 85  ? 13.925  -5.860  -9.981  1.00 61.75 ?  85  LYS A CG  1 
ATOM   589  C CD  . LYS A 1 85  ? 14.845  -5.960  -8.776  1.00 62.56 ?  85  LYS A CD  1 
ATOM   590  C CE  . LYS A 1 85  ? 16.218  -6.477  -9.166  1.00 68.50 ?  85  LYS A CE  1 
ATOM   591  N NZ  . LYS A 1 85  ? 17.131  -6.556  -7.993  1.00 73.66 ?  85  LYS A NZ  1 
ATOM   592  N N   . SER A 1 86  ? 10.380  -5.011  -7.061  1.00 53.78 ?  86  SER A N   1 
ATOM   593  C CA  . SER A 1 86  ? 9.118   -4.488  -6.564  1.00 51.73 ?  86  SER A CA  1 
ATOM   594  C C   . SER A 1 86  ? 8.908   -3.049  -7.017  1.00 50.57 ?  86  SER A C   1 
ATOM   595  O O   . SER A 1 86  ? 9.859   -2.283  -7.188  1.00 51.78 ?  86  SER A O   1 
ATOM   596  C CB  . SER A 1 86  ? 9.068   -4.569  -5.038  1.00 55.35 ?  86  SER A CB  1 
ATOM   597  O OG  . SER A 1 86  ? 9.229   -5.905  -4.594  1.00 55.84 ?  86  SER A OG  1 
ATOM   598  N N   . ILE A 1 87  ? 7.642   -2.690  -7.207  1.00 48.35 ?  87  ILE A N   1 
ATOM   599  C CA  . ILE A 1 87  ? 7.266   -1.354  -7.652  1.00 47.68 ?  87  ILE A CA  1 
ATOM   600  C C   . ILE A 1 87  ? 7.002   -0.490  -6.427  1.00 47.27 ?  87  ILE A C   1 
ATOM   601  O O   . ILE A 1 87  ? 6.180   -0.840  -5.573  1.00 48.39 ?  87  ILE A O   1 
ATOM   602  C CB  . ILE A 1 87  ? 6.034   -1.399  -8.568  1.00 44.39 ?  87  ILE A CB  1 
ATOM   603  C CG1 . ILE A 1 87  ? 6.342   -2.202  -9.831  1.00 43.72 ?  87  ILE A CG1 1 
ATOM   604  C CG2 . ILE A 1 87  ? 5.577   0.010   -8.920  1.00 43.14 ?  87  ILE A CG2 1 
ATOM   605  C CD1 . ILE A 1 87  ? 5.202   -2.238  -10.817 1.00 40.96 ?  87  ILE A CD1 1 
ATOM   606  N N   . CYS A 1 88  ? 7.694   0.642   -6.343  1.00 46.83 ?  88  CYS A N   1 
ATOM   607  C CA  . CYS A 1 88  ? 7.546   1.569   -5.228  1.00 44.71 ?  88  CYS A CA  1 
ATOM   608  C C   . CYS A 1 88  ? 6.579   2.673   -5.634  1.00 42.69 ?  88  CYS A C   1 
ATOM   609  O O   . CYS A 1 88  ? 6.900   3.511   -6.483  1.00 44.20 ?  88  CYS A O   1 
ATOM   610  C CB  . CYS A 1 88  ? 8.900   2.142   -4.826  1.00 46.67 ?  88  CYS A CB  1 
ATOM   611  S SG  . CYS A 1 88  ? 10.116  0.895   -4.359  1.00 62.92 ?  88  CYS A SG  1 
ATOM   612  N N   . VAL A 1 89  ? 5.395   2.674   -5.031  1.00 40.69 ?  89  VAL A N   1 
ATOM   613  C CA  . VAL A 1 89  ? 4.376   3.684   -5.287  1.00 40.56 ?  89  VAL A CA  1 
ATOM   614  C C   . VAL A 1 89  ? 4.473   4.741   -4.197  1.00 40.20 ?  89  VAL A C   1 
ATOM   615  O O   . VAL A 1 89  ? 4.373   4.425   -3.006  1.00 40.41 ?  89  VAL A O   1 
ATOM   616  C CB  . VAL A 1 89  ? 2.970   3.069   -5.333  1.00 39.86 ?  89  VAL A CB  1 
ATOM   617  C CG1 . VAL A 1 89  ? 1.927   4.151   -5.551  1.00 42.50 ?  89  VAL A CG1 1 
ATOM   618  C CG2 . VAL A 1 89  ? 2.886   2.008   -6.421  1.00 39.85 ?  89  VAL A CG2 1 
ATOM   619  N N   . GLN A 1 90  ? 4.672   5.993   -4.599  1.00 40.13 ?  90  GLN A N   1 
ATOM   620  C CA  . GLN A 1 90  ? 4.721   7.121   -3.678  1.00 41.41 ?  90  GLN A CA  1 
ATOM   621  C C   . GLN A 1 90  ? 3.508   8.006   -3.931  1.00 41.39 ?  90  GLN A C   1 
ATOM   622  O O   . GLN A 1 90  ? 3.337   8.529   -5.038  1.00 41.34 ?  90  GLN A O   1 
ATOM   623  C CB  . GLN A 1 90  ? 6.013   7.921   -3.846  1.00 41.75 ?  90  GLN A CB  1 
ATOM   624  C CG  . GLN A 1 90  ? 6.187   9.024   -2.813  1.00 43.47 ?  90  GLN A CG  1 
ATOM   625  C CD  . GLN A 1 90  ? 7.399   9.895   -3.082  1.00 39.51 ?  90  GLN A CD  1 
ATOM   626  O OE1 . GLN A 1 90  ? 7.875   9.986   -4.213  1.00 40.53 ?  90  GLN A OE1 1 
ATOM   627  N NE2 . GLN A 1 90  ? 7.905   10.544  -2.038  1.00 39.51 ?  90  GLN A NE2 1 
ATOM   628  N N   . LEU A 1 91  ? 2.672   8.169   -2.910  1.00 42.08 ?  91  LEU A N   1 
ATOM   629  C CA  . LEU A 1 91  ? 1.464   8.966   -3.048  1.00 44.82 ?  91  LEU A CA  1 
ATOM   630  C C   . LEU A 1 91  ? 1.788   10.453  -2.985  1.00 45.01 ?  91  LEU A C   1 
ATOM   631  O O   . LEU A 1 91  ? 2.757   10.876  -2.349  1.00 46.33 ?  91  LEU A O   1 
ATOM   632  C CB  . LEU A 1 91  ? 0.457   8.614   -1.955  1.00 44.36 ?  91  LEU A CB  1 
ATOM   633  C CG  . LEU A 1 91  ? 0.066   7.142   -1.820  1.00 38.59 ?  91  LEU A CG  1 
ATOM   634  C CD1 . LEU A 1 91  ? -1.102  6.992   -0.859  1.00 40.39 ?  91  LEU A CD1 1 
ATOM   635  C CD2 . LEU A 1 91  ? -0.268  6.544   -3.177  1.00 39.07 ?  91  LEU A CD2 1 
ATOM   636  N N   . ALA A 1 92  ? 0.962   11.249  -3.663  1.00 45.05 ?  92  ALA A N   1 
ATOM   637  C CA  . ALA A 1 92  ? 1.060   12.700  -3.575  1.00 46.51 ?  92  ALA A CA  1 
ATOM   638  C C   . ALA A 1 92  ? 0.239   13.248  -2.416  1.00 48.38 ?  92  ALA A C   1 
ATOM   639  O O   . ALA A 1 92  ? 0.684   14.166  -1.719  1.00 50.19 ?  92  ALA A O   1 
ATOM   640  C CB  . ALA A 1 92  ? 0.607   13.343  -4.888  1.00 50.19 ?  92  ALA A CB  1 
ATOM   641  N N   . THR A 1 93  ? -0.954  12.701  -2.200  1.00 48.98 ?  93  THR A N   1 
ATOM   642  C CA  . THR A 1 93  ? -1.801  13.046  -1.066  1.00 48.35 ?  93  THR A CA  1 
ATOM   643  C C   . THR A 1 93  ? -1.922  11.817  -0.173  1.00 50.05 ?  93  THR A C   1 
ATOM   644  O O   . THR A 1 93  ? -2.434  10.780  -0.608  1.00 48.80 ?  93  THR A O   1 
ATOM   645  C CB  . THR A 1 93  ? -3.179  13.518  -1.529  1.00 51.43 ?  93  THR A CB  1 
ATOM   646  O OG1 . THR A 1 93  ? -3.815  12.475  -2.280  1.00 55.35 ?  93  THR A OG1 1 
ATOM   647  C CG2 . THR A 1 93  ? -3.050  14.756  -2.403  1.00 50.34 ?  93  THR A CG2 1 
ATOM   648  N N   . SER A 1 94  ? -1.448  11.934  1.066   1.00 48.22 ?  94  SER A N   1 
ATOM   649  C CA  . SER A 1 94  ? -1.408  10.788  1.964   1.00 46.22 ?  94  SER A CA  1 
ATOM   650  C C   . SER A 1 94  ? -2.815  10.402  2.400   1.00 49.38 ?  94  SER A C   1 
ATOM   651  O O   . SER A 1 94  ? -3.614  11.259  2.788   1.00 50.52 ?  94  SER A O   1 
ATOM   652  C CB  . SER A 1 94  ? -0.546  11.098  3.188   1.00 50.44 ?  94  SER A CB  1 
ATOM   653  O OG  . SER A 1 94  ? -1.223  11.966  4.080   1.00 56.52 ?  94  SER A OG  1 
ATOM   654  N N   . VAL A 1 95  ? -3.110  9.109   2.349   1.00 49.81 ?  95  VAL A N   1 
ATOM   655  C CA  . VAL A 1 95  ? -4.395  8.584   2.796   1.00 46.76 ?  95  VAL A CA  1 
ATOM   656  C C   . VAL A 1 95  ? -4.306  8.282   4.285   1.00 43.68 ?  95  VAL A C   1 
ATOM   657  O O   . VAL A 1 95  ? -3.362  7.625   4.742   1.00 42.22 ?  95  VAL A O   1 
ATOM   658  C CB  . VAL A 1 95  ? -4.787  7.329   1.999   1.00 46.16 ?  95  VAL A CB  1 
ATOM   659  C CG1 . VAL A 1 95  ? -6.196  6.897   2.361   1.00 47.64 ?  95  VAL A CG1 1 
ATOM   660  C CG2 . VAL A 1 95  ? -4.671  7.591   0.507   1.00 43.13 ?  95  VAL A CG2 1 
ATOM   661  N N   . GLU A 1 96  ? -5.286  8.764   5.045   1.00 45.62 ?  96  GLU A N   1 
ATOM   662  C CA  . GLU A 1 96  ? -5.271  8.609   6.493   1.00 47.57 ?  96  GLU A CA  1 
ATOM   663  C C   . GLU A 1 96  ? -5.848  7.257   6.890   1.00 45.98 ?  96  GLU A C   1 
ATOM   664  O O   . GLU A 1 96  ? -6.926  6.871   6.429   1.00 45.30 ?  96  GLU A O   1 
ATOM   665  C CB  . GLU A 1 96  ? -6.068  9.732   7.157   1.00 47.42 ?  96  GLU A CB  1 
ATOM   666  C CG  . GLU A 1 96  ? -6.006  9.720   8.676   1.00 52.42 ?  96  GLU A CG  1 
ATOM   667  C CD  . GLU A 1 96  ? -7.042  10.628  9.311   1.00 63.06 ?  96  GLU A CD  1 
ATOM   668  O OE1 . GLU A 1 96  ? -8.223  10.553  8.915   1.00 66.64 ?  96  GLU A OE1 1 
ATOM   669  O OE2 . GLU A 1 96  ? -6.674  11.418  10.206  1.00 70.05 ?  96  GLU A OE2 1 
ATOM   670  N N   . ILE A 1 97  ? -5.124  6.538   7.744   1.00 42.63 ?  97  ILE A N   1 
ATOM   671  C CA  . ILE A 1 97  ? -5.606  5.304   8.353   1.00 41.46 ?  97  ILE A CA  1 
ATOM   672  C C   . ILE A 1 97  ? -5.822  5.583   9.835   1.00 43.96 ?  97  ILE A C   1 
ATOM   673  O O   . ILE A 1 97  ? -4.894  6.002   10.539  1.00 46.46 ?  97  ILE A O   1 
ATOM   674  C CB  . ILE A 1 97  ? -4.634  4.135   8.130   1.00 40.45 ?  97  ILE A CB  1 
ATOM   675  C CG1 . ILE A 1 97  ? -5.041  2.931   8.983   1.00 38.44 ?  97  ILE A CG1 1 
ATOM   676  C CG2 . ILE A 1 97  ? -3.193  4.555   8.409   1.00 39.73 ?  97  ILE A CG2 1 
ATOM   677  C CD1 . ILE A 1 97  ? -4.216  1.689   8.723   1.00 33.99 ?  97  ILE A CD1 1 
ATOM   678  N N   . ALA A 1 98  ? -7.048  5.369   10.306  1.00 39.56 ?  98  ALA A N   1 
ATOM   679  C CA  . ALA A 1 98  ? -7.448  5.743   11.658  1.00 41.60 ?  98  ALA A CA  1 
ATOM   680  C C   . ALA A 1 98  ? -7.801  4.487   12.443  1.00 45.20 ?  98  ALA A C   1 
ATOM   681  O O   . ALA A 1 98  ? -8.814  3.836   12.162  1.00 50.26 ?  98  ALA A O   1 
ATOM   682  C CB  . ALA A 1 98  ? -8.625  6.717   11.629  1.00 40.98 ?  98  ALA A CB  1 
ATOM   683  N N   . CYS A 1 99  ? -6.970  4.152   13.426  1.00 45.22 ?  99  CYS A N   1 
ATOM   684  C CA  . CYS A 1 99  ? -7.258  3.060   14.342  1.00 44.83 ?  99  CYS A CA  1 
ATOM   685  C C   . CYS A 1 99  ? -8.090  3.583   15.505  1.00 47.98 ?  99  CYS A C   1 
ATOM   686  O O   . CYS A 1 99  ? -7.882  4.704   15.977  1.00 50.71 ?  99  CYS A O   1 
ATOM   687  C CB  . CYS A 1 99  ? -5.962  2.429   14.852  1.00 46.43 ?  99  CYS A CB  1 
ATOM   688  S SG  . CYS A 1 99  ? -4.847  1.861   13.541  1.00 47.32 ?  99  CYS A SG  1 
ATOM   689  N N   . THR A 1 100 ? -9.046  2.770   15.953  1.00 50.23 ?  100 THR A N   1 
ATOM   690  C CA  . THR A 1 100 ? -9.984  3.187   16.987  1.00 47.47 ?  100 THR A CA  1 
ATOM   691  C C   . THR A 1 100 ? -9.681  2.595   18.357  1.00 50.83 ?  100 THR A C   1 
ATOM   692  O O   . THR A 1 100 ? -10.306 3.004   19.341  1.00 53.12 ?  100 THR A O   1 
ATOM   693  C CB  . THR A 1 100 ? -11.417 2.810   16.588  1.00 46.69 ?  100 THR A CB  1 
ATOM   694  O OG1 . THR A 1 100 ? -11.544 1.383   16.549  1.00 44.07 ?  100 THR A OG1 1 
ATOM   695  C CG2 . THR A 1 100 ? -11.757 3.381   15.220  1.00 48.82 ?  100 THR A CG2 1 
ATOM   696  N N   . GLY A 1 101 ? -8.745  1.652   18.448  1.00 50.34 ?  101 GLY A N   1 
ATOM   697  C CA  . GLY A 1 101 ? -8.475  0.968   19.693  1.00 47.94 ?  101 GLY A CA  1 
ATOM   698  C C   . GLY A 1 101 ? -9.404  -0.184  20.000  1.00 48.32 ?  101 GLY A C   1 
ATOM   699  O O   . GLY A 1 101 ? -9.160  -0.913  20.969  1.00 52.37 ?  101 GLY A O   1 
ATOM   700  N N   . ALA A 1 102 ? -10.462 -0.374  19.214  1.00 44.02 ?  102 ALA A N   1 
ATOM   701  C CA  . ALA A 1 102 ? -11.386 -1.484  19.389  1.00 46.23 ?  102 ALA A CA  1 
ATOM   702  C C   . ALA A 1 102 ? -11.018 -2.692  18.535  1.00 48.53 ?  102 ALA A C   1 
ATOM   703  O O   . ALA A 1 102 ? -11.822 -3.624  18.422  1.00 49.24 ?  102 ALA A O   1 
ATOM   704  C CB  . ALA A 1 102 ? -12.814 -1.037  19.071  1.00 46.97 ?  102 ALA A CB  1 
ATOM   705  N N   . GLY A 1 103 ? -9.832  -2.695  17.935  1.00 47.28 ?  103 GLY A N   1 
ATOM   706  C CA  . GLY A 1 103 ? -9.396  -3.789  17.098  1.00 45.35 ?  103 GLY A CA  1 
ATOM   707  C C   . GLY A 1 103 ? -9.500  -3.554  15.608  1.00 44.78 ?  103 GLY A C   1 
ATOM   708  O O   . GLY A 1 103 ? -9.303  -4.500  14.837  1.00 43.75 ?  103 GLY A O   1 
ATOM   709  N N   . HIS A 1 104 ? -9.800  -2.330  15.177  1.00 43.62 ?  104 HIS A N   1 
ATOM   710  C CA  . HIS A 1 104 ? -9.965  -2.025  13.764  1.00 43.52 ?  104 HIS A CA  1 
ATOM   711  C C   . HIS A 1 104 ? -9.345  -0.673  13.447  1.00 45.15 ?  104 HIS A C   1 
ATOM   712  O O   . HIS A 1 104 ? -9.473  0.277   14.225  1.00 45.60 ?  104 HIS A O   1 
ATOM   713  C CB  . HIS A 1 104 ? -11.446 -2.015  13.361  1.00 45.63 ?  104 HIS A CB  1 
ATOM   714  C CG  . HIS A 1 104 ? -12.165 -3.293  13.659  1.00 49.57 ?  104 HIS A CG  1 
ATOM   715  N ND1 . HIS A 1 104 ? -12.659 -3.595  14.911  1.00 52.35 ?  104 HIS A ND1 1 
ATOM   716  C CD2 . HIS A 1 104 ? -12.478 -4.346  12.868  1.00 48.33 ?  104 HIS A CD2 1 
ATOM   717  C CE1 . HIS A 1 104 ? -13.243 -4.779  14.877  1.00 49.95 ?  104 HIS A CE1 1 
ATOM   718  N NE2 . HIS A 1 104 ? -13.148 -5.256  13.649  1.00 51.16 ?  104 HIS A NE2 1 
ATOM   719  N N   . CYS A 1 105 ? -8.674  -0.596  12.301  1.00 45.31 ?  105 CYS A N   1 
ATOM   720  C CA  . CYS A 1 105 ? -8.179  0.658   11.751  1.00 43.96 ?  105 CYS A CA  1 
ATOM   721  C C   . CYS A 1 105 ? -8.952  0.968   10.477  1.00 42.23 ?  105 CYS A C   1 
ATOM   722  O O   . CYS A 1 105 ? -9.007  0.137   9.563   1.00 42.37 ?  105 CYS A O   1 
ATOM   723  C CB  . CYS A 1 105 ? -6.677  0.585   11.466  1.00 45.00 ?  105 CYS A CB  1 
ATOM   724  S SG  . CYS A 1 105 ? -5.677  0.123   12.900  1.00 47.50 ?  105 CYS A SG  1 
ATOM   725  N N   . ALA A 1 106 ? -9.549  2.154   10.423  1.00 41.11 ?  106 ALA A N   1 
ATOM   726  C CA  . ALA A 1 106 ? -10.486 2.518   9.372   1.00 39.07 ?  106 ALA A CA  1 
ATOM   727  C C   . ALA A 1 106 ? -9.861  3.503   8.390   1.00 40.44 ?  106 ALA A C   1 
ATOM   728  O O   . ALA A 1 106 ? -9.027  4.335   8.760   1.00 41.72 ?  106 ALA A O   1 
ATOM   729  C CB  . ALA A 1 106 ? -11.762 3.122   9.965   1.00 40.47 ?  106 ALA A CB  1 
ATOM   730  N N   . ILE A 1 107 ? -10.281 3.398   7.130   1.00 41.71 ?  107 ILE A N   1 
ATOM   731  C CA  . ILE A 1 107 ? -9.824  4.274   6.057   1.00 40.17 ?  107 ILE A CA  1 
ATOM   732  C C   . ILE A 1 107 ? -11.033 4.673   5.220   1.00 44.22 ?  107 ILE A C   1 
ATOM   733  O O   . ILE A 1 107 ? -11.937 3.863   4.995   1.00 49.34 ?  107 ILE A O   1 
ATOM   734  C CB  . ILE A 1 107 ? -8.754  3.590   5.177   1.00 38.13 ?  107 ILE A CB  1 
ATOM   735  C CG1 . ILE A 1 107 ? -7.524  3.217   6.004   1.00 44.05 ?  107 ILE A CG1 1 
ATOM   736  C CG2 . ILE A 1 107 ? -8.348  4.485   4.017   1.00 44.09 ?  107 ILE A CG2 1 
ATOM   737  C CD1 . ILE A 1 107 ? -6.470  2.471   5.220   1.00 46.91 ?  107 ILE A CD1 1 
ATOM   738  N N   . SER A 1 108 ? -11.051 5.925   4.766   1.00 41.78 ?  108 SER A N   1 
ATOM   739  C CA  . SER A 1 108 ? -12.119 6.385   3.888   1.00 46.66 ?  108 SER A CA  1 
ATOM   740  C C   . SER A 1 108 ? -12.049 5.656   2.551   1.00 46.50 ?  108 SER A C   1 
ATOM   741  O O   . SER A 1 108 ? -10.994 5.608   1.910   1.00 43.75 ?  108 SER A O   1 
ATOM   742  C CB  . SER A 1 108 ? -12.022 7.895   3.676   1.00 51.32 ?  108 SER A CB  1 
ATOM   743  O OG  . SER A 1 108 ? -10.812 8.245   3.028   1.00 55.69 ?  108 SER A OG  1 
ATOM   744  N N   . ARG A 1 109 ? -13.182 5.087   2.132   1.00 47.45 ?  109 ARG A N   1 
ATOM   745  C CA  . ARG A 1 109 ? -13.208 4.293   0.907   1.00 45.06 ?  109 ARG A CA  1 
ATOM   746  C C   . ARG A 1 109 ? -13.014 5.163   -0.328  1.00 43.86 ?  109 ARG A C   1 
ATOM   747  O O   . ARG A 1 109 ? -12.336 4.756   -1.280  1.00 43.78 ?  109 ARG A O   1 
ATOM   748  C CB  . ARG A 1 109 ? -14.526 3.527   0.813   1.00 46.39 ?  109 ARG A CB  1 
ATOM   749  C CG  . ARG A 1 109 ? -14.678 2.689   -0.444  1.00 47.31 ?  109 ARG A CG  1 
ATOM   750  C CD  . ARG A 1 109 ? -16.088 2.142   -0.549  1.00 49.04 ?  109 ARG A CD  1 
ATOM   751  N NE  . ARG A 1 109 ? -16.538 1.594   0.727   1.00 53.28 ?  109 ARG A NE  1 
ATOM   752  C CZ  . ARG A 1 109 ? -16.432 0.315   1.070   1.00 53.52 ?  109 ARG A CZ  1 
ATOM   753  N NH1 . ARG A 1 109 ? -16.866 -0.092  2.255   1.00 54.18 ?  109 ARG A NH1 1 
ATOM   754  N NH2 . ARG A 1 109 ? -15.897 -0.556  0.228   1.00 52.37 ?  109 ARG A NH2 1 
ATOM   755  N N   . ALA A 1 110 ? -13.601 6.361   -0.333  1.00 44.21 ?  110 ALA A N   1 
ATOM   756  C CA  . ALA A 1 110 ? -13.555 7.207   -1.522  1.00 41.33 ?  110 ALA A CA  1 
ATOM   757  C C   . ALA A 1 110 ? -12.132 7.653   -1.836  1.00 44.26 ?  110 ALA A C   1 
ATOM   758  O O   . ALA A 1 110 ? -11.728 7.684   -3.004  1.00 47.91 ?  110 ALA A O   1 
ATOM   759  C CB  . ALA A 1 110 ? -14.468 8.419   -1.337  1.00 42.73 ?  110 ALA A CB  1 
ATOM   760  N N   . LYS A 1 111 ? -11.355 8.002   -0.808  1.00 42.79 ?  111 LYS A N   1 
ATOM   761  C CA  . LYS A 1 111 ? -9.997  8.478   -1.044  1.00 43.74 ?  111 LYS A CA  1 
ATOM   762  C C   . LYS A 1 111 ? -9.089  7.350   -1.517  1.00 44.47 ?  111 LYS A C   1 
ATOM   763  O O   . LYS A 1 111 ? -8.231  7.559   -2.383  1.00 44.75 ?  111 LYS A O   1 
ATOM   764  C CB  . LYS A 1 111 ? -9.439  9.125   0.222   1.00 47.21 ?  111 LYS A CB  1 
ATOM   765  C CG  . LYS A 1 111 ? -8.096  9.805   0.025   1.00 44.88 ?  111 LYS A CG  1 
ATOM   766  C CD  . LYS A 1 111 ? -7.616  10.462  1.307   1.00 49.74 ?  111 LYS A CD  1 
ATOM   767  C CE  . LYS A 1 111 ? -6.323  11.223  1.081   1.00 54.64 ?  111 LYS A CE  1 
ATOM   768  N NZ  . LYS A 1 111 ? -5.846  11.886  2.327   1.00 53.89 ?  111 LYS A NZ  1 
ATOM   769  N N   . TRP A 1 112 ? -9.257  6.148   -0.960  1.00 44.09 ?  112 TRP A N   1 
ATOM   770  C CA  . TRP A 1 112 ? -8.454  5.016   -1.407  1.00 43.57 ?  112 TRP A CA  1 
ATOM   771  C C   . TRP A 1 112 ? -8.813  4.603   -2.828  1.00 46.47 ?  112 TRP A C   1 
ATOM   772  O O   . TRP A 1 112 ? -7.955  4.101   -3.562  1.00 47.16 ?  112 TRP A O   1 
ATOM   773  C CB  . TRP A 1 112 ? -8.620  3.836   -0.448  1.00 44.29 ?  112 TRP A CB  1 
ATOM   774  C CG  . TRP A 1 112 ? -7.707  2.684   -0.748  1.00 45.15 ?  112 TRP A CG  1 
ATOM   775  C CD1 . TRP A 1 112 ? -8.039  1.513   -1.363  1.00 45.51 ?  112 TRP A CD1 1 
ATOM   776  C CD2 . TRP A 1 112 ? -6.308  2.598   -0.451  1.00 43.41 ?  112 TRP A CD2 1 
ATOM   777  N NE1 . TRP A 1 112 ? -6.934  0.700   -1.463  1.00 43.80 ?  112 TRP A NE1 1 
ATOM   778  C CE2 . TRP A 1 112 ? -5.858  1.345   -0.912  1.00 43.12 ?  112 TRP A CE2 1 
ATOM   779  C CE3 . TRP A 1 112 ? -5.392  3.460   0.162   1.00 44.27 ?  112 TRP A CE3 1 
ATOM   780  C CZ2 . TRP A 1 112 ? -4.535  0.931   -0.779  1.00 41.34 ?  112 TRP A CZ2 1 
ATOM   781  C CZ3 . TRP A 1 112 ? -4.077  3.047   0.292   1.00 47.67 ?  112 TRP A CZ3 1 
ATOM   782  C CH2 . TRP A 1 112 ? -3.662  1.795   -0.176  1.00 43.01 ?  112 TRP A CH2 1 
ATOM   783  N N   . ALA A 1 113 ? -10.068 4.809   -3.233  1.00 47.67 ?  113 ALA A N   1 
ATOM   784  C CA  . ALA A 1 113 ? -10.464 4.510   -4.606  1.00 45.97 ?  113 ALA A CA  1 
ATOM   785  C C   . ALA A 1 113 ? -9.801  5.470   -5.585  1.00 46.86 ?  113 ALA A C   1 
ATOM   786  O O   . ALA A 1 113 ? -9.292  5.052   -6.632  1.00 48.60 ?  113 ALA A O   1 
ATOM   787  C CB  . ALA A 1 113 ? -11.986 4.569   -4.738  1.00 46.24 ?  113 ALA A CB  1 
ATOM   788  N N   . ASN A 1 114 ? -9.799  6.766   -5.261  1.00 45.99 ?  114 ASN A N   1 
ATOM   789  C CA  . ASN A 1 114 ? -9.103  7.734   -6.102  1.00 48.72 ?  114 ASN A CA  1 
ATOM   790  C C   . ASN A 1 114 ? -7.606  7.461   -6.121  1.00 48.67 ?  114 ASN A C   1 
ATOM   791  O O   . ASN A 1 114 ? -6.954  7.601   -7.162  1.00 48.93 ?  114 ASN A O   1 
ATOM   792  C CB  . ASN A 1 114 ? -9.385  9.156   -5.615  1.00 48.33 ?  114 ASN A CB  1 
ATOM   793  C CG  . ASN A 1 114 ? -8.854  10.211  -6.564  1.00 54.98 ?  114 ASN A CG  1 
ATOM   794  O OD1 . ASN A 1 114 ? -8.807  10.006  -7.777  1.00 61.89 ?  114 ASN A OD1 1 
ATOM   795  N ND2 . ASN A 1 114 ? -8.448  11.351  -6.015  1.00 58.77 ?  114 ASN A ND2 1 
ATOM   796  N N   . THR A 1 115 ? -7.044  7.067   -4.975  1.00 46.41 ?  115 THR A N   1 
ATOM   797  C CA  . THR A 1 115 ? -5.634  6.696   -4.924  1.00 45.51 ?  115 THR A CA  1 
ATOM   798  C C   . THR A 1 115 ? -5.354  5.502   -5.828  1.00 46.89 ?  115 THR A C   1 
ATOM   799  O O   . THR A 1 115 ? -4.398  5.513   -6.613  1.00 47.95 ?  115 THR A O   1 
ATOM   800  C CB  . THR A 1 115 ? -5.223  6.393   -3.484  1.00 42.61 ?  115 THR A CB  1 
ATOM   801  O OG1 . THR A 1 115 ? -5.230  7.604   -2.717  1.00 39.95 ?  115 THR A OG1 1 
ATOM   802  C CG2 . THR A 1 115 ? -3.833  5.777   -3.440  1.00 44.84 ?  115 THR A CG2 1 
ATOM   803  N N   . LEU A 1 116 ? -6.188  4.463   -5.739  1.00 47.01 ?  116 LEU A N   1 
ATOM   804  C CA  . LEU A 1 116 ? -6.007  3.299   -6.601  1.00 47.32 ?  116 LEU A CA  1 
ATOM   805  C C   . LEU A 1 116 ? -6.205  3.652   -8.070  1.00 48.07 ?  116 LEU A C   1 
ATOM   806  O O   . LEU A 1 116 ? -5.602  3.021   -8.944  1.00 49.05 ?  116 LEU A O   1 
ATOM   807  C CB  . LEU A 1 116 ? -6.967  2.181   -6.195  1.00 47.54 ?  116 LEU A CB  1 
ATOM   808  C CG  . LEU A 1 116 ? -6.684  1.439   -4.889  1.00 45.10 ?  116 LEU A CG  1 
ATOM   809  C CD1 . LEU A 1 116 ? -7.686  0.311   -4.698  1.00 47.46 ?  116 LEU A CD1 1 
ATOM   810  C CD2 . LEU A 1 116 ? -5.260  0.907   -4.867  1.00 46.28 ?  116 LEU A CD2 1 
ATOM   811  N N   . LYS A 1 117 ? -7.043  4.651   -8.363  1.00 49.27 ?  117 LYS A N   1 
ATOM   812  C CA  . LYS A 1 117 ? -7.234  5.054   -9.752  1.00 48.92 ?  117 LYS A CA  1 
ATOM   813  C C   . LYS A 1 117 ? -6.037  5.847   -10.262 1.00 49.30 ?  117 LYS A C   1 
ATOM   814  O O   . LYS A 1 117 ? -5.630  5.692   -11.420 1.00 50.43 ?  117 LYS A O   1 
ATOM   815  C CB  . LYS A 1 117 ? -8.520  5.867   -9.900  1.00 50.54 ?  117 LYS A CB  1 
ATOM   816  C CG  . LYS A 1 117 ? -9.171  5.726   -11.268 1.00 55.94 ?  117 LYS A CG  1 
ATOM   817  C CD  . LYS A 1 117 ? -10.307 6.715   -11.468 1.00 56.71 ?  117 LYS A CD  1 
ATOM   818  C CE  . LYS A 1 117 ? -9.782  8.120   -11.712 1.00 67.19 ?  117 LYS A CE  1 
ATOM   819  N NZ  . LYS A 1 117 ? -10.871 9.062   -12.091 1.00 72.77 ?  117 LYS A NZ  1 
ATOM   820  N N   . GLN A 1 118 ? -5.460  6.703   -9.414  1.00 49.45 ?  118 GLN A N   1 
ATOM   821  C CA  . GLN A 1 118 ? -4.241  7.410   -9.796  1.00 47.54 ?  118 GLN A CA  1 
ATOM   822  C C   . GLN A 1 118 ? -3.083  6.438   -9.983  1.00 49.66 ?  118 GLN A C   1 
ATOM   823  O O   . GLN A 1 118 ? -2.272  6.595   -10.903 1.00 51.69 ?  118 GLN A O   1 
ATOM   824  C CB  . GLN A 1 118 ? -3.891  8.465   -8.746  1.00 50.06 ?  118 GLN A CB  1 
ATOM   825  C CG  . GLN A 1 118 ? -4.934  9.560   -8.580  1.00 49.64 ?  118 GLN A CG  1 
ATOM   826  C CD  . GLN A 1 118 ? -4.633  10.479  -7.412  1.00 54.18 ?  118 GLN A CD  1 
ATOM   827  O OE1 . GLN A 1 118 ? -5.487  10.718  -6.558  1.00 55.34 ?  118 GLN A OE1 1 
ATOM   828  N NE2 . GLN A 1 118 ? -3.414  11.006  -7.372  1.00 49.03 ?  118 GLN A NE2 1 
ATOM   829  N N   . ILE A 1 119 ? -2.991  5.426   -9.116  1.00 51.00 ?  119 ILE A N   1 
ATOM   830  C CA  . ILE A 1 119 ? -1.967  4.398   -9.275  1.00 49.45 ?  119 ILE A CA  1 
ATOM   831  C C   . ILE A 1 119 ? -2.207  3.606   -10.554 1.00 49.74 ?  119 ILE A C   1 
ATOM   832  O O   . ILE A 1 119 ? -1.267  3.291   -11.293 1.00 50.61 ?  119 ILE A O   1 
ATOM   833  C CB  . ILE A 1 119 ? -1.934  3.481   -8.037  1.00 44.60 ?  119 ILE A CB  1 
ATOM   834  C CG1 . ILE A 1 119 ? -1.529  4.274   -6.794  1.00 41.15 ?  119 ILE A CG1 1 
ATOM   835  C CG2 . ILE A 1 119 ? -0.982  2.316   -8.256  1.00 43.70 ?  119 ILE A CG2 1 
ATOM   836  C CD1 . ILE A 1 119 ? -1.668  3.493   -5.504  1.00 41.40 ?  119 ILE A CD1 1 
ATOM   837  N N   . ALA A 1 120 ? -3.471  3.281   -10.838 1.00 47.86 ?  120 ALA A N   1 
ATOM   838  C CA  . ALA A 1 120 ? -3.787  2.530   -12.049 1.00 48.03 ?  120 ALA A CA  1 
ATOM   839  C C   . ALA A 1 120 ? -3.434  3.323   -13.300 1.00 50.73 ?  120 ALA A C   1 
ATOM   840  O O   . ALA A 1 120 ? -2.916  2.763   -14.273 1.00 51.95 ?  120 ALA A O   1 
ATOM   841  C CB  . ALA A 1 120 ? -5.266  2.143   -12.057 1.00 49.68 ?  120 ALA A CB  1 
ATOM   842  N N   . SER A 1 121 ? -3.706  4.632   -13.294 1.00 52.75 ?  121 SER A N   1 
ATOM   843  C CA  . SER A 1 121 ? -3.372  5.462   -14.448 1.00 52.63 ?  121 SER A CA  1 
ATOM   844  C C   . SER A 1 121 ? -1.869  5.485   -14.692 1.00 52.60 ?  121 SER A C   1 
ATOM   845  O O   . SER A 1 121 ? -1.419  5.434   -15.843 1.00 54.43 ?  121 SER A O   1 
ATOM   846  C CB  . SER A 1 121 ? -3.905  6.880   -14.247 1.00 51.13 ?  121 SER A CB  1 
ATOM   847  O OG  . SER A 1 121 ? -3.542  7.719   -15.330 1.00 64.85 ?  121 SER A OG  1 
ATOM   848  N N   . LYS A 1 122 ? -1.075  5.562   -13.622 1.00 52.78 ?  122 LYS A N   1 
ATOM   849  C CA  . LYS A 1 122 ? 0.375   5.524   -13.777 1.00 55.80 ?  122 LYS A CA  1 
ATOM   850  C C   . LYS A 1 122 ? 0.843   4.144   -14.223 1.00 53.78 ?  122 LYS A C   1 
ATOM   851  O O   . LYS A 1 122 ? 1.755   4.029   -15.050 1.00 56.00 ?  122 LYS A O   1 
ATOM   852  C CB  . LYS A 1 122 ? 1.054   5.927   -12.469 1.00 54.72 ?  122 LYS A CB  1 
ATOM   853  C CG  . LYS A 1 122 ? 0.724   7.338   -12.015 1.00 54.14 ?  122 LYS A CG  1 
ATOM   854  C CD  . LYS A 1 122 ? 1.124   8.359   -13.067 1.00 54.25 ?  122 LYS A CD  1 
ATOM   855  C CE  . LYS A 1 122 ? 0.741   9.767   -12.645 1.00 56.96 ?  122 LYS A CE  1 
ATOM   856  N NZ  . LYS A 1 122 ? 1.131   10.772  -13.671 1.00 61.66 ?  122 LYS A NZ  1 
ATOM   857  N N   . LEU A 1 123 ? 0.230   3.086   -13.688 1.00 51.37 ?  123 LEU A N   1 
ATOM   858  C CA  . LEU A 1 123 ? 0.581   1.736   -14.117 1.00 52.22 ?  123 LEU A CA  1 
ATOM   859  C C   . LEU A 1 123 ? 0.128   1.467   -15.546 1.00 52.19 ?  123 LEU A C   1 
ATOM   860  O O   . LEU A 1 123 ? 0.722   0.631   -16.235 1.00 51.56 ?  123 LEU A O   1 
ATOM   861  C CB  . LEU A 1 123 ? -0.022  0.707   -13.161 1.00 52.59 ?  123 LEU A CB  1 
ATOM   862  C CG  . LEU A 1 123 ? 0.561   0.686   -11.746 1.00 50.54 ?  123 LEU A CG  1 
ATOM   863  C CD1 . LEU A 1 123 ? -0.234  -0.250  -10.851 1.00 45.88 ?  123 LEU A CD1 1 
ATOM   864  C CD2 . LEU A 1 123 ? 2.029   0.285   -11.775 1.00 48.40 ?  123 LEU A CD2 1 
ATOM   865  N N   . ARG A 1 124 ? -0.919  2.158   -16.006 1.00 52.67 ?  124 ARG A N   1 
ATOM   866  C CA  . ARG A 1 124 ? -1.345  2.004   -17.392 1.00 53.30 ?  124 ARG A CA  1 
ATOM   867  C C   . ARG A 1 124 ? -0.341  2.633   -18.350 1.00 55.44 ?  124 ARG A C   1 
ATOM   868  O O   . ARG A 1 124 ? -0.041  2.062   -19.404 1.00 56.42 ?  124 ARG A O   1 
ATOM   869  C CB  . ARG A 1 124 ? -2.736  2.608   -17.591 1.00 53.89 ?  124 ARG A CB  1 
ATOM   870  C CG  . ARG A 1 124 ? -3.871  1.732   -17.084 1.00 58.78 ?  124 ARG A CG  1 
ATOM   871  C CD  . ARG A 1 124 ? -5.205  2.127   -17.700 1.00 59.74 ?  124 ARG A CD  1 
ATOM   872  N NE  . ARG A 1 124 ? -5.856  3.211   -16.971 1.00 60.33 ?  124 ARG A NE  1 
ATOM   873  C CZ  . ARG A 1 124 ? -6.752  3.024   -16.008 1.00 59.54 ?  124 ARG A CZ  1 
ATOM   874  N NH1 . ARG A 1 124 ? -7.299  4.064   -15.394 1.00 64.09 ?  124 ARG A NH1 1 
ATOM   875  N NH2 . ARG A 1 124 ? -7.104  1.794   -15.659 1.00 55.18 ?  124 ARG A NH2 1 
ATOM   876  N N   . GLU A 1 125 ? 0.189   3.808   -18.000 1.00 54.63 ?  125 GLU A N   1 
ATOM   877  C CA  . GLU A 1 125 ? 1.204   4.436   -18.839 1.00 56.30 ?  125 GLU A CA  1 
ATOM   878  C C   . GLU A 1 125 ? 2.487   3.620   -18.877 1.00 53.62 ?  125 GLU A C   1 
ATOM   879  O O   . GLU A 1 125 ? 3.184   3.611   -19.897 1.00 53.42 ?  125 GLU A O   1 
ATOM   880  C CB  . GLU A 1 125 ? 1.506   5.846   -18.338 1.00 59.51 ?  125 GLU A CB  1 
ATOM   881  C CG  . GLU A 1 125 ? 0.337   6.816   -18.414 1.00 59.99 ?  125 GLU A CG  1 
ATOM   882  C CD  . GLU A 1 125 ? 0.706   8.209   -17.943 1.00 67.18 ?  125 GLU A CD  1 
ATOM   883  O OE1 . GLU A 1 125 ? 1.848   8.392   -17.476 1.00 61.65 ?  125 GLU A OE1 1 
ATOM   884  O OE2 . GLU A 1 125 ? -0.141  9.119   -18.041 1.00 74.84 ?  125 GLU A OE2 1 
ATOM   885  N N   . GLN A 1 126 ? 2.812   2.923   -17.788 1.00 54.00 ?  126 GLN A N   1 
ATOM   886  C CA  . GLN A 1 126 ? 4.082   2.212   -17.709 1.00 54.38 ?  126 GLN A CA  1 
ATOM   887  C C   . GLN A 1 126 ? 4.035   0.868   -18.423 1.00 53.90 ?  126 GLN A C   1 
ATOM   888  O O   . GLN A 1 126 ? 5.051   0.434   -18.976 1.00 53.10 ?  126 GLN A O   1 
ATOM   889  C CB  . GLN A 1 126 ? 4.482   2.017   -16.246 1.00 52.85 ?  126 GLN A CB  1 
ATOM   890  C CG  . GLN A 1 126 ? 5.881   1.443   -16.064 1.00 54.41 ?  126 GLN A CG  1 
ATOM   891  C CD  . GLN A 1 126 ? 6.966   2.373   -16.573 1.00 59.82 ?  126 GLN A CD  1 
ATOM   892  O OE1 . GLN A 1 126 ? 6.854   3.595   -16.468 1.00 57.98 ?  126 GLN A OE1 1 
ATOM   893  N NE2 . GLN A 1 126 ? 8.023   1.797   -17.133 1.00 64.23 ?  126 GLN A NE2 1 
ATOM   894  N N   . TYR A 1 127 ? 2.884   0.200   -18.422 1.00 54.21 ?  127 TYR A N   1 
ATOM   895  C CA  . TYR A 1 127 ? 2.760   -1.132  -18.996 1.00 54.02 ?  127 TYR A CA  1 
ATOM   896  C C   . TYR A 1 127 ? 1.860   -1.179  -20.223 1.00 54.03 ?  127 TYR A C   1 
ATOM   897  O O   . TYR A 1 127 ? 1.765   -2.232  -20.862 1.00 52.13 ?  127 TYR A O   1 
ATOM   898  C CB  . TYR A 1 127 ? 2.247   -2.113  -17.935 1.00 52.37 ?  127 TYR A CB  1 
ATOM   899  C CG  . TYR A 1 127 ? 3.244   -2.381  -16.831 1.00 51.38 ?  127 TYR A CG  1 
ATOM   900  C CD1 . TYR A 1 127 ? 4.332   -3.218  -17.044 1.00 48.75 ?  127 TYR A CD1 1 
ATOM   901  C CD2 . TYR A 1 127 ? 3.102   -1.800  -15.577 1.00 51.62 ?  127 TYR A CD2 1 
ATOM   902  C CE1 . TYR A 1 127 ? 5.251   -3.471  -16.044 1.00 50.34 ?  127 TYR A CE1 1 
ATOM   903  C CE2 . TYR A 1 127 ? 4.020   -2.049  -14.565 1.00 50.79 ?  127 TYR A CE2 1 
ATOM   904  C CZ  . TYR A 1 127 ? 5.090   -2.885  -14.807 1.00 50.83 ?  127 TYR A CZ  1 
ATOM   905  O OH  . TYR A 1 127 ? 6.007   -3.139  -13.815 1.00 50.41 ?  127 TYR A OH  1 
ATOM   906  N N   . GLY A 1 128 ? 1.203   -0.073  -20.572 1.00 56.02 ?  128 GLY A N   1 
ATOM   907  C CA  . GLY A 1 128 ? 0.367   -0.043  -21.754 1.00 56.21 ?  128 GLY A CA  1 
ATOM   908  C C   . GLY A 1 128 ? -0.869  -0.906  -21.693 1.00 56.80 ?  128 GLY A C   1 
ATOM   909  O O   . GLY A 1 128 ? -1.465  -1.185  -22.734 1.00 60.11 ?  128 GLY A O   1 
ATOM   910  N N   . ALA A 1 129 ? -1.275  -1.339  -20.507 1.00 57.07 ?  129 ALA A N   1 
ATOM   911  C CA  . ALA A 1 129 ? -2.471  -2.152  -20.367 1.00 60.20 ?  129 ALA A CA  1 
ATOM   912  C C   . ALA A 1 129 ? -3.673  -1.274  -20.047 1.00 57.32 ?  129 ALA A C   1 
ATOM   913  O O   . ALA A 1 129 ? -3.535  -0.167  -19.521 1.00 57.02 ?  129 ALA A O   1 
ATOM   914  C CB  . ALA A 1 129 ? -2.288  -3.206  -19.275 1.00 59.14 ?  129 ALA A CB  1 
ATOM   915  N N   . LYS A 1 130 ? -4.859  -1.778  -20.379 1.00 59.47 ?  130 LYS A N   1 
ATOM   916  C CA  . LYS A 1 130 ? -6.091  -1.045  -20.118 1.00 60.66 ?  130 LYS A CA  1 
ATOM   917  C C   . LYS A 1 130 ? -6.680  -1.346  -18.749 1.00 60.69 ?  130 LYS A C   1 
ATOM   918  O O   . LYS A 1 130 ? -7.312  -0.469  -18.149 1.00 62.15 ?  130 LYS A O   1 
ATOM   919  C CB  . LYS A 1 130 ? -7.133  -1.358  -21.194 1.00 64.28 ?  130 LYS A CB  1 
ATOM   920  C CG  . LYS A 1 130 ? -6.962  -0.574  -22.483 1.00 60.90 ?  130 LYS A CG  1 
ATOM   921  C CD  . LYS A 1 130 ? -8.121  -0.833  -23.435 1.00 63.43 ?  130 LYS A CD  1 
ATOM   922  C CE  . LYS A 1 130 ? -8.112  0.144   -24.599 1.00 63.96 ?  130 LYS A CE  1 
ATOM   923  N NZ  . LYS A 1 130 ? -9.214  -0.130  -25.563 1.00 64.63 ?  130 LYS A NZ  1 
ATOM   924  N N   . THR A 1 131 ? -6.486  -2.557  -18.241 1.00 60.52 ?  131 THR A N   1 
ATOM   925  C CA  . THR A 1 131 ? -7.083  -2.993  -16.986 1.00 56.54 ?  131 THR A CA  1 
ATOM   926  C C   . THR A 1 131 ? -5.992  -3.251  -15.956 1.00 56.30 ?  131 THR A C   1 
ATOM   927  O O   . THR A 1 131 ? -5.056  -4.014  -16.213 1.00 57.15 ?  131 THR A O   1 
ATOM   928  C CB  . THR A 1 131 ? -7.922  -4.255  -17.193 1.00 58.84 ?  131 THR A CB  1 
ATOM   929  O OG1 . THR A 1 131 ? -8.956  -3.996  -18.150 1.00 58.92 ?  131 THR A OG1 1 
ATOM   930  C CG2 . THR A 1 131 ? -8.553  -4.696  -15.882 1.00 55.86 ?  131 THR A CG2 1 
ATOM   931  N N   . ILE A 1 132 ? -6.116  -2.611  -14.797 1.00 54.22 ?  132 ILE A N   1 
ATOM   932  C CA  . ILE A 1 132 ? -5.203  -2.803  -13.677 1.00 51.23 ?  132 ILE A CA  1 
ATOM   933  C C   . ILE A 1 132 ? -5.988  -3.459  -12.550 1.00 51.33 ?  132 ILE A C   1 
ATOM   934  O O   . ILE A 1 132 ? -6.997  -2.913  -12.086 1.00 52.24 ?  132 ILE A O   1 
ATOM   935  C CB  . ILE A 1 132 ? -4.577  -1.477  -13.219 1.00 50.26 ?  132 ILE A CB  1 
ATOM   936  C CG1 . ILE A 1 132 ? -3.735  -0.870  -14.343 1.00 52.81 ?  132 ILE A CG1 1 
ATOM   937  C CG2 . ILE A 1 132 ? -3.735  -1.690  -11.970 1.00 49.49 ?  132 ILE A CG2 1 
ATOM   938  C CD1 . ILE A 1 132 ? -2.606  -1.763  -14.812 1.00 52.31 ?  132 ILE A CD1 1 
ATOM   939  N N   . ILE A 1 133 ? -5.527  -4.627  -12.111 1.00 50.81 ?  133 ILE A N   1 
ATOM   940  C CA  . ILE A 1 133 ? -6.210  -5.421  -11.097 1.00 47.57 ?  133 ILE A CA  1 
ATOM   941  C C   . ILE A 1 133 ? -5.306  -5.539  -9.880  1.00 46.63 ?  133 ILE A C   1 
ATOM   942  O O   . ILE A 1 133 ? -4.135  -5.917  -10.005 1.00 46.78 ?  133 ILE A O   1 
ATOM   943  C CB  . ILE A 1 133 ? -6.590  -6.815  -11.629 1.00 48.81 ?  133 ILE A CB  1 
ATOM   944  C CG1 . ILE A 1 133 ? -7.501  -6.689  -12.850 1.00 50.23 ?  133 ILE A CG1 1 
ATOM   945  C CG2 . ILE A 1 133 ? -7.259  -7.638  -10.539 1.00 48.14 ?  133 ILE A CG2 1 
ATOM   946  C CD1 . ILE A 1 133 ? -7.858  -8.014  -13.475 1.00 51.54 ?  133 ILE A CD1 1 
ATOM   947  N N   . PHE A 1 134 ? -5.848  -5.217  -8.710  1.00 47.07 ?  134 PHE A N   1 
ATOM   948  C CA  . PHE A 1 134 ? -5.150  -5.394  -7.444  1.00 45.93 ?  134 PHE A CA  1 
ATOM   949  C C   . PHE A 1 134 ? -5.677  -6.656  -6.772  1.00 44.48 ?  134 PHE A C   1 
ATOM   950  O O   . PHE A 1 134 ? -6.873  -6.756  -6.482  1.00 44.30 ?  134 PHE A O   1 
ATOM   951  C CB  . PHE A 1 134 ? -5.343  -4.181  -6.532  1.00 45.42 ?  134 PHE A CB  1 
ATOM   952  C CG  . PHE A 1 134 ? -4.801  -2.901  -7.100  1.00 47.79 ?  134 PHE A CG  1 
ATOM   953  C CD1 . PHE A 1 134 ? -3.437  -2.658  -7.121  1.00 41.41 ?  134 PHE A CD1 1 
ATOM   954  C CD2 . PHE A 1 134 ? -5.655  -1.933  -7.601  1.00 47.76 ?  134 PHE A CD2 1 
ATOM   955  C CE1 . PHE A 1 134 ? -2.935  -1.478  -7.639  1.00 38.48 ?  134 PHE A CE1 1 
ATOM   956  C CE2 . PHE A 1 134 ? -5.158  -0.750  -8.120  1.00 45.48 ?  134 PHE A CE2 1 
ATOM   957  C CZ  . PHE A 1 134 ? -3.798  -0.524  -8.139  1.00 39.40 ?  134 PHE A CZ  1 
ATOM   958  N N   . LYS A 1 135 ? -4.788  -7.618  -6.538  1.00 42.21 ?  135 LYS A N   1 
ATOM   959  C CA  . LYS A 1 135 ? -5.166  -8.853  -5.872  1.00 42.80 ?  135 LYS A CA  1 
ATOM   960  C C   . LYS A 1 135 ? -4.490  -8.951  -4.507  1.00 43.88 ?  135 LYS A C   1 
ATOM   961  O O   . LYS A 1 135 ? -3.420  -8.370  -4.298  1.00 44.66 ?  135 LYS A O   1 
ATOM   962  C CB  . LYS A 1 135 ? -4.796  -10.079 -6.717  1.00 45.38 ?  135 LYS A CB  1 
ATOM   963  C CG  . LYS A 1 135 ? -5.683  -10.271 -7.936  1.00 46.93 ?  135 LYS A CG  1 
ATOM   964  C CD  . LYS A 1 135 ? -5.540  -11.667 -8.519  1.00 48.36 ?  135 LYS A CD  1 
ATOM   965  C CE  . LYS A 1 135 ? -6.520  -11.887 -9.661  1.00 51.13 ?  135 LYS A CE  1 
ATOM   966  N NZ  . LYS A 1 135 ? -6.461  -13.279 -10.189 1.00 53.75 ?  135 LYS A NZ  1 
ATOM   967  N N   . PRO A 1 136 ? -5.089  -9.668  -3.556  1.00 42.18 ?  136 PRO A N   1 
ATOM   968  C CA  . PRO A 1 136 ? -4.502  -9.753  -2.213  1.00 42.17 ?  136 PRO A CA  1 
ATOM   969  C C   . PRO A 1 136 ? -3.147  -10.445 -2.234  1.00 46.16 ?  136 PRO A C   1 
ATOM   970  O O   . PRO A 1 136 ? -2.714  -11.024 -3.233  1.00 45.74 ?  136 PRO A O   1 
ATOM   971  C CB  . PRO A 1 136 ? -5.534  -10.567 -1.421  1.00 42.91 ?  136 PRO A CB  1 
ATOM   972  C CG  . PRO A 1 136 ? -6.807  -10.425 -2.191  1.00 42.16 ?  136 PRO A CG  1 
ATOM   973  C CD  . PRO A 1 136 ? -6.391  -10.352 -3.626  1.00 42.63 ?  136 PRO A CD  1 
ATOM   974  N N   . SER A 1 137 ? -2.469  -10.375 -1.092  1.00 45.76 ?  137 SER A N   1 
ATOM   975  C CA  . SER A 1 137 ? -1.139  -10.954 -0.941  1.00 44.96 ?  137 SER A CA  1 
ATOM   976  C C   . SER A 1 137 ? -1.157  -12.471 -1.108  1.00 47.43 ?  137 SER A C   1 
ATOM   977  O O   . SER A 1 137 ? -2.215  -13.099 -1.073  1.00 55.55 ?  137 SER A O   1 
ATOM   978  C CB  . SER A 1 137 ? -0.554  -10.584 0.424   1.00 47.02 ?  137 SER A CB  1 
ATOM   979  O OG  . SER A 1 137 ? 0.684   -11.237 0.644   1.00 52.44 ?  137 SER A OG  1 
ATOM   980  N N   . ASP A 1 141 ? 4.800   -15.474 5.050   1.00 66.77 ?  141 ASP A N   1 
ATOM   981  C CA  . ASP A 1 141 ? 4.727   -15.266 6.492   1.00 72.94 ?  141 ASP A CA  1 
ATOM   982  C C   . ASP A 1 141 ? 3.602   -14.303 6.862   1.00 71.96 ?  141 ASP A C   1 
ATOM   983  O O   . ASP A 1 141 ? 3.224   -13.447 6.060   1.00 70.77 ?  141 ASP A O   1 
ATOM   984  C CB  . ASP A 1 141 ? 6.066   -14.749 7.025   1.00 73.98 ?  141 ASP A CB  1 
ATOM   985  C CG  . ASP A 1 141 ? 7.057   -15.866 7.289   1.00 79.64 ?  141 ASP A CG  1 
ATOM   986  O OD1 . ASP A 1 141 ? 6.617   -17.026 7.442   1.00 76.76 ?  141 ASP A OD1 1 
ATOM   987  O OD2 . ASP A 1 141 ? 8.272   -15.585 7.353   1.00 81.77 -1 141 ASP A OD2 1 
ATOM   988  N N   . PRO A 1 142 ? 3.062   -14.449 8.075   1.00 70.51 ?  142 PRO A N   1 
ATOM   989  C CA  . PRO A 1 142 ? 1.962   -13.566 8.496   1.00 70.26 ?  142 PRO A CA  1 
ATOM   990  C C   . PRO A 1 142 ? 2.343   -12.096 8.548   1.00 66.14 ?  142 PRO A C   1 
ATOM   991  O O   . PRO A 1 142 ? 1.476   -11.236 8.342   1.00 66.55 ?  142 PRO A O   1 
ATOM   992  C CB  . PRO A 1 142 ? 1.600   -14.101 9.890   1.00 75.15 ?  142 PRO A CB  1 
ATOM   993  C CG  . PRO A 1 142 ? 2.076   -15.516 9.889   1.00 76.13 ?  142 PRO A CG  1 
ATOM   994  C CD  . PRO A 1 142 ? 3.320   -15.517 9.057   1.00 73.08 ?  142 PRO A CD  1 
ATOM   995  N N   . GLU A 1 143 ? 3.612   -11.780 8.815   1.00 63.73 ?  143 GLU A N   1 
ATOM   996  C CA  . GLU A 1 143 ? 4.014   -10.383 8.934   1.00 62.94 ?  143 GLU A CA  1 
ATOM   997  C C   . GLU A 1 143 ? 3.950   -9.656  7.598   1.00 63.64 ?  143 GLU A C   1 
ATOM   998  O O   . GLU A 1 143 ? 3.690   -8.448  7.564   1.00 62.48 ?  143 GLU A O   1 
ATOM   999  C CB  . GLU A 1 143 ? 5.424   -10.291 9.519   1.00 63.53 ?  143 GLU A CB  1 
ATOM   1000 N N   . PHE A 1 144 ? 4.181   -10.364 6.492   1.00 67.35 ?  144 PHE A N   1 
ATOM   1001 C CA  . PHE A 1 144 ? 4.190   -9.740  5.177   1.00 67.78 ?  144 PHE A CA  1 
ATOM   1002 C C   . PHE A 1 144 ? 2.895   -9.940  4.400   1.00 64.50 ?  144 PHE A C   1 
ATOM   1003 O O   . PHE A 1 144 ? 2.614   -9.151  3.490   1.00 61.84 ?  144 PHE A O   1 
ATOM   1004 C CB  . PHE A 1 144 ? 5.370   -10.266 4.351   1.00 70.95 ?  144 PHE A CB  1 
ATOM   1005 C CG  . PHE A 1 144 ? 6.711   -9.886  4.908   1.00 73.86 ?  144 PHE A CG  1 
ATOM   1006 C CD1 . PHE A 1 144 ? 7.198   -8.598  4.758   1.00 75.98 ?  144 PHE A CD1 1 
ATOM   1007 C CD2 . PHE A 1 144 ? 7.487   -10.814 5.583   1.00 74.56 ?  144 PHE A CD2 1 
ATOM   1008 C CE1 . PHE A 1 144 ? 8.430   -8.241  5.272   1.00 80.22 ?  144 PHE A CE1 1 
ATOM   1009 C CE2 . PHE A 1 144 ? 8.721   -10.463 6.099   1.00 80.00 ?  144 PHE A CE2 1 
ATOM   1010 C CZ  . PHE A 1 144 ? 9.192   -9.175  5.942   1.00 83.14 ?  144 PHE A CZ  1 
ATOM   1011 N N   . VAL A 1 145 ? 2.102   -10.961 4.732   1.00 63.98 ?  145 VAL A N   1 
ATOM   1012 C CA  . VAL A 1 145 ? 0.807   -11.115 4.078   1.00 62.46 ?  145 VAL A CA  1 
ATOM   1013 C C   . VAL A 1 145 ? -0.186  -10.094 4.618   1.00 59.81 ?  145 VAL A C   1 
ATOM   1014 O O   . VAL A 1 145 ? -1.150  -9.730  3.933   1.00 57.86 ?  145 VAL A O   1 
ATOM   1015 C CB  . VAL A 1 145 ? 0.289   -12.559 4.238   1.00 61.27 ?  145 VAL A CB  1 
ATOM   1016 C CG1 . VAL A 1 145 ? -0.112  -12.834 5.677   1.00 64.03 ?  145 VAL A CG1 1 
ATOM   1017 C CG2 . VAL A 1 145 ? -0.876  -12.822 3.294   1.00 54.79 ?  145 VAL A CG2 1 
ATOM   1018 N N   . ASN A 1 146 ? 0.035   -9.603  5.832   1.00 58.81 ?  146 ASN A N   1 
ATOM   1019 C CA  . ASN A 1 146 ? -0.784  -8.552  6.416   1.00 53.96 ?  146 ASN A CA  1 
ATOM   1020 C C   . ASN A 1 146 ? -0.067  -7.211  6.314   1.00 54.82 ?  146 ASN A C   1 
ATOM   1021 O O   . ASN A 1 146 ? 1.143   -7.141  6.090   1.00 57.54 ?  146 ASN A O   1 
ATOM   1022 C CB  . ASN A 1 146 ? -1.103  -8.859  7.883   1.00 53.44 ?  146 ASN A CB  1 
ATOM   1023 C CG  . ASN A 1 146 ? -2.058  -10.026 8.042   1.00 56.13 ?  146 ASN A CG  1 
ATOM   1024 O OD1 . ASN A 1 146 ? -2.231  -10.831 7.128   1.00 62.76 ?  146 ASN A OD1 1 
ATOM   1025 N ND2 . ASN A 1 146 ? -2.684  -10.121 9.210   1.00 52.71 ?  146 ASN A ND2 1 
ATOM   1026 N N   . HIS A 1 147 ? -0.840  -6.138  6.466   1.00 52.24 ?  147 HIS A N   1 
ATOM   1027 C CA  . HIS A 1 147 ? -0.262  -4.807  6.634   1.00 50.31 ?  147 HIS A CA  1 
ATOM   1028 C C   . HIS A 1 147 ? 0.221   -4.702  8.074   1.00 51.01 ?  147 HIS A C   1 
ATOM   1029 O O   . HIS A 1 147 ? -0.515  -4.304  8.977   1.00 49.91 ?  147 HIS A O   1 
ATOM   1030 C CB  . HIS A 1 147 ? -1.270  -3.715  6.302   1.00 48.94 ?  147 HIS A CB  1 
ATOM   1031 C CG  . HIS A 1 147 ? -0.850  -2.353  6.757   1.00 43.65 ?  147 HIS A CG  1 
ATOM   1032 N ND1 . HIS A 1 147 ? 0.386   -1.819  6.460   1.00 46.65 ?  147 HIS A ND1 1 
ATOM   1033 C CD2 . HIS A 1 147 ? -1.489  -1.424  7.506   1.00 42.56 ?  147 HIS A CD2 1 
ATOM   1034 C CE1 . HIS A 1 147 ? 0.485   -0.616  6.997   1.00 46.62 ?  147 HIS A CE1 1 
ATOM   1035 N NE2 . HIS A 1 147 ? -0.639  -0.352  7.637   1.00 45.91 ?  147 HIS A NE2 1 
ATOM   1036 N N   . SER A 1 148 ? 1.475   -5.081  8.294   1.00 51.38 ?  148 SER A N   1 
ATOM   1037 C CA  . SER A 1 148 ? 2.069   -5.078  9.622   1.00 52.09 ?  148 SER A CA  1 
ATOM   1038 C C   . SER A 1 148 ? 2.947   -3.846  9.797   1.00 51.43 ?  148 SER A C   1 
ATOM   1039 O O   . SER A 1 148 ? 3.733   -3.503  8.910   1.00 50.86 ?  148 SER A O   1 
ATOM   1040 C CB  . SER A 1 148 ? 2.896   -6.344  9.849   1.00 54.44 ?  148 SER A CB  1 
ATOM   1041 O OG  . SER A 1 148 ? 2.185   -7.501  9.449   1.00 59.24 ?  148 SER A OG  1 
ATOM   1042 N N   . PHE A 1 149 ? 2.815   -3.188  10.947  1.00 50.10 ?  149 PHE A N   1 
ATOM   1043 C CA  . PHE A 1 149 ? 3.560   -1.964  11.211  1.00 47.71 ?  149 PHE A CA  1 
ATOM   1044 C C   . PHE A 1 149 ? 3.936   -1.895  12.684  1.00 47.67 ?  149 PHE A C   1 
ATOM   1045 O O   . PHE A 1 149 ? 3.254   -2.462  13.543  1.00 49.82 ?  149 PHE A O   1 
ATOM   1046 C CB  . PHE A 1 149 ? 2.761   -0.719  10.807  1.00 45.99 ?  149 PHE A CB  1 
ATOM   1047 C CG  . PHE A 1 149 ? 1.473   -0.546  11.560  1.00 47.82 ?  149 PHE A CG  1 
ATOM   1048 C CD1 . PHE A 1 149 ? 0.341   -1.260  11.198  1.00 48.81 ?  149 PHE A CD1 1 
ATOM   1049 C CD2 . PHE A 1 149 ? 1.386   0.342   12.620  1.00 48.69 ?  149 PHE A CD2 1 
ATOM   1050 C CE1 . PHE A 1 149 ? -0.846  -1.102  11.885  1.00 47.65 ?  149 PHE A CE1 1 
ATOM   1051 C CE2 . PHE A 1 149 ? 0.200   0.506   13.311  1.00 49.50 ?  149 PHE A CE2 1 
ATOM   1052 C CZ  . PHE A 1 149 ? -0.918  -0.217  12.942  1.00 47.14 ?  149 PHE A CZ  1 
ATOM   1053 N N   . ASN A 1 150 ? 5.029   -1.187  12.965  1.00 47.93 ?  150 ASN A N   1 
ATOM   1054 C CA  . ASN A 1 150 ? 5.544   -1.022  14.318  1.00 46.33 ?  150 ASN A CA  1 
ATOM   1055 C C   . ASN A 1 150 ? 5.148   0.354   14.840  1.00 47.06 ?  150 ASN A C   1 
ATOM   1056 O O   . ASN A 1 150 ? 5.551   1.377   14.274  1.00 48.67 ?  150 ASN A O   1 
ATOM   1057 C CB  . ASN A 1 150 ? 7.064   -1.194  14.344  1.00 44.86 ?  150 ASN A CB  1 
ATOM   1058 C CG  . ASN A 1 150 ? 7.625   -1.279  15.755  1.00 49.10 ?  150 ASN A CG  1 
ATOM   1059 O OD1 . ASN A 1 150 ? 7.256   -0.502  16.636  1.00 50.82 ?  150 ASN A OD1 1 
ATOM   1060 N ND2 . ASN A 1 150 ? 8.525   -2.231  15.974  1.00 50.48 ?  150 ASN A ND2 1 
ATOM   1061 N N   . CYS A 1 151 ? 4.372   0.375   15.920  1.00 48.63 ?  151 CYS A N   1 
ATOM   1062 C CA  . CYS A 1 151 ? 3.956   1.607   16.581  1.00 47.99 ?  151 CYS A CA  1 
ATOM   1063 C C   . CYS A 1 151 ? 4.340   1.524   18.050  1.00 52.76 ?  151 CYS A C   1 
ATOM   1064 O O   . CYS A 1 151 ? 3.831   0.666   18.780  1.00 54.98 ?  151 CYS A O   1 
ATOM   1065 C CB  . CYS A 1 151 ? 2.451   1.835   16.432  1.00 45.53 ?  151 CYS A CB  1 
ATOM   1066 S SG  . CYS A 1 151 ? 1.830   3.265   17.349  1.00 45.67 ?  151 CYS A SG  1 
ATOM   1067 N N   . GLY A 1 152 ? 5.232   2.411   18.480  1.00 52.93 ?  152 GLY A N   1 
ATOM   1068 C CA  . GLY A 1 152 ? 5.658   2.433   19.869  1.00 53.18 ?  152 GLY A CA  1 
ATOM   1069 C C   . GLY A 1 152 ? 6.435   1.209   20.305  1.00 55.43 ?  152 GLY A C   1 
ATOM   1070 O O   . GLY A 1 152 ? 6.279   0.756   21.445  1.00 57.41 ?  152 GLY A O   1 
ATOM   1071 N N   . GLY A 1 153 ? 7.272   0.663   19.426  1.00 54.21 ?  153 GLY A N   1 
ATOM   1072 C CA  . GLY A 1 153 ? 7.978   -0.564  19.722  1.00 56.20 ?  153 GLY A CA  1 
ATOM   1073 C C   . GLY A 1 153 ? 7.112   -1.801  19.782  1.00 55.02 ?  153 GLY A C   1 
ATOM   1074 O O   . GLY A 1 153 ? 7.624   -2.882  20.093  1.00 55.74 ?  153 GLY A O   1 
ATOM   1075 N N   . GLU A 1 154 ? 5.818   -1.681  19.494  1.00 52.60 ?  154 GLU A N   1 
ATOM   1076 C CA  . GLU A 1 154 ? 4.878   -2.791  19.544  1.00 56.08 ?  154 GLU A CA  1 
ATOM   1077 C C   . GLU A 1 154 ? 4.366   -3.067  18.139  1.00 54.08 ?  154 GLU A C   1 
ATOM   1078 O O   . GLU A 1 154 ? 3.975   -2.139  17.422  1.00 52.88 ?  154 GLU A O   1 
ATOM   1079 C CB  . GLU A 1 154 ? 3.717   -2.477  20.490  1.00 55.98 ?  154 GLU A CB  1 
ATOM   1080 C CG  . GLU A 1 154 ? 2.676   -3.574  20.598  1.00 61.91 ?  154 GLU A CG  1 
ATOM   1081 C CD  . GLU A 1 154 ? 1.562   -3.214  21.560  1.00 67.74 ?  154 GLU A CD  1 
ATOM   1082 O OE1 . GLU A 1 154 ? 1.730   -2.243  22.327  1.00 66.98 ?  154 GLU A OE1 1 
ATOM   1083 O OE2 . GLU A 1 154 ? 0.521   -3.902  21.551  1.00 68.20 -1 154 GLU A OE2 1 
ATOM   1084 N N   . PHE A 1 155 ? 4.368   -4.339  17.748  1.00 53.44 ?  155 PHE A N   1 
ATOM   1085 C CA  . PHE A 1 155 ? 4.014   -4.730  16.393  1.00 53.02 ?  155 PHE A CA  1 
ATOM   1086 C C   . PHE A 1 155 ? 2.531   -5.064  16.298  1.00 54.57 ?  155 PHE A C   1 
ATOM   1087 O O   . PHE A 1 155 ? 1.941   -5.607  17.238  1.00 57.68 ?  155 PHE A O   1 
ATOM   1088 C CB  . PHE A 1 155 ? 4.852   -5.932  15.951  1.00 56.07 ?  155 PHE A CB  1 
ATOM   1089 C CG  . PHE A 1 155 ? 5.382   -5.819  14.551  1.00 56.68 ?  155 PHE A CG  1 
ATOM   1090 C CD1 . PHE A 1 155 ? 6.448   -4.979  14.266  1.00 56.41 ?  155 PHE A CD1 1 
ATOM   1091 C CD2 . PHE A 1 155 ? 4.826   -6.559  13.522  1.00 60.26 ?  155 PHE A CD2 1 
ATOM   1092 C CE1 . PHE A 1 155 ? 6.942   -4.876  12.980  1.00 59.22 ?  155 PHE A CE1 1 
ATOM   1093 C CE2 . PHE A 1 155 ? 5.319   -6.461  12.236  1.00 62.33 ?  155 PHE A CE2 1 
ATOM   1094 C CZ  . PHE A 1 155 ? 6.375   -5.617  11.964  1.00 59.52 ?  155 PHE A CZ  1 
ATOM   1095 N N   . PHE A 1 156 ? 1.934   -4.737  15.155  1.00 54.41 ?  156 PHE A N   1 
ATOM   1096 C CA  . PHE A 1 156 ? 0.524   -4.993  14.902  1.00 53.19 ?  156 PHE A CA  1 
ATOM   1097 C C   . PHE A 1 156 ? 0.361   -5.623  13.526  1.00 52.91 ?  156 PHE A C   1 
ATOM   1098 O O   . PHE A 1 156 ? 1.246   -5.539  12.671  1.00 53.47 ?  156 PHE A O   1 
ATOM   1099 C CB  . PHE A 1 156 ? -0.308  -3.706  14.999  1.00 52.54 ?  156 PHE A CB  1 
ATOM   1100 C CG  . PHE A 1 156 ? -0.184  -3.006  16.321  1.00 52.90 ?  156 PHE A CG  1 
ATOM   1101 C CD1 . PHE A 1 156 ? -0.977  -3.377  17.394  1.00 51.90 ?  156 PHE A CD1 1 
ATOM   1102 C CD2 . PHE A 1 156 ? 0.728   -1.978  16.492  1.00 52.59 ?  156 PHE A CD2 1 
ATOM   1103 C CE1 . PHE A 1 156 ? -0.864  -2.735  18.612  1.00 53.22 ?  156 PHE A CE1 1 
ATOM   1104 C CE2 . PHE A 1 156 ? 0.846   -1.333  17.708  1.00 54.29 ?  156 PHE A CE2 1 
ATOM   1105 C CZ  . PHE A 1 156 ? 0.048   -1.712  18.770  1.00 54.10 ?  156 PHE A CZ  1 
ATOM   1106 N N   . TYR A 1 157 ? -0.788  -6.264  13.324  1.00 51.67 ?  157 TYR A N   1 
ATOM   1107 C CA  . TYR A 1 157 ? -1.089  -6.958  12.078  1.00 51.51 ?  157 TYR A CA  1 
ATOM   1108 C C   . TYR A 1 157 ? -2.525  -6.656  11.682  1.00 49.57 ?  157 TYR A C   1 
ATOM   1109 O O   . TYR A 1 157 ? -3.438  -6.822  12.495  1.00 47.88 ?  157 TYR A O   1 
ATOM   1110 C CB  . TYR A 1 157 ? -0.895  -8.474  12.221  1.00 52.04 ?  157 TYR A CB  1 
ATOM   1111 C CG  . TYR A 1 157 ? 0.482   -8.888  12.692  1.00 56.45 ?  157 TYR A CG  1 
ATOM   1112 C CD1 . TYR A 1 157 ? 0.806   -8.885  14.042  1.00 56.17 ?  157 TYR A CD1 1 
ATOM   1113 C CD2 . TYR A 1 157 ? 1.452   -9.300  11.788  1.00 57.29 ?  157 TYR A CD2 1 
ATOM   1114 C CE1 . TYR A 1 157 ? 2.061   -9.265  14.476  1.00 56.51 ?  157 TYR A CE1 1 
ATOM   1115 C CE2 . TYR A 1 157 ? 2.709   -9.683  12.214  1.00 59.23 ?  157 TYR A CE2 1 
ATOM   1116 C CZ  . TYR A 1 157 ? 3.008   -9.664  13.559  1.00 58.52 ?  157 TYR A CZ  1 
ATOM   1117 O OH  . TYR A 1 157 ? 4.259   -10.045 13.988  1.00 64.64 ?  157 TYR A OH  1 
ATOM   1118 N N   . CYS A 1 158 ? -2.723  -6.223  10.439  1.00 47.24 ?  158 CYS A N   1 
ATOM   1119 C CA  . CYS A 1 158 ? -4.051  -5.902  9.929   1.00 45.05 ?  158 CYS A CA  1 
ATOM   1120 C C   . CYS A 1 158 ? -4.281  -6.627  8.612   1.00 46.55 ?  158 CYS A C   1 
ATOM   1121 O O   . CYS A 1 158 ? -3.418  -6.599  7.729   1.00 48.08 ?  158 CYS A O   1 
ATOM   1122 C CB  . CYS A 1 158 ? -4.224  -4.392  9.732   1.00 42.86 ?  158 CYS A CB  1 
ATOM   1123 S SG  . CYS A 1 158 ? -4.013  -3.400  11.226  1.00 50.24 ?  158 CYS A SG  1 
ATOM   1124 N N   . ALA A 1 159 ? -5.445  -7.266  8.483   1.00 43.19 ?  159 ALA A N   1 
ATOM   1125 C CA  . ALA A 1 159 ? -5.822  -7.942  7.246   1.00 39.12 ?  159 ALA A CA  1 
ATOM   1126 C C   . ALA A 1 159 ? -6.073  -6.900  6.164   1.00 43.24 ?  159 ALA A C   1 
ATOM   1127 O O   . ALA A 1 159 ? -7.027  -6.121  6.253   1.00 44.18 ?  159 ALA A O   1 
ATOM   1128 C CB  . ALA A 1 159 ? -7.056  -8.809  7.476   1.00 38.32 ?  159 ALA A CB  1 
ATOM   1129 N N   . SER A 1 160 ? -5.229  -6.895  5.129   1.00 43.04 ?  160 SER A N   1 
ATOM   1130 C CA  . SER A 1 160 ? -5.294  -5.894  4.076   1.00 42.64 ?  160 SER A CA  1 
ATOM   1131 C C   . SER A 1 160 ? -5.961  -6.417  2.809   1.00 45.04 ?  160 SER A C   1 
ATOM   1132 O O   . SER A 1 160 ? -5.728  -5.871  1.727   1.00 44.32 ?  160 SER A O   1 
ATOM   1133 C CB  . SER A 1 160 ? -3.891  -5.372  3.760   1.00 48.78 ?  160 SER A CB  1 
ATOM   1134 O OG  . SER A 1 160 ? -3.067  -6.405  3.245   1.00 50.47 ?  160 SER A OG  1 
ATOM   1135 N N   . THR A 1 161 ? -6.790  -7.458  2.917   1.00 46.79 ?  161 THR A N   1 
ATOM   1136 C CA  . THR A 1 161 ? -7.470  -7.977  1.734   1.00 41.81 ?  161 THR A CA  1 
ATOM   1137 C C   . THR A 1 161 ? -8.517  -7.002  1.216   1.00 42.62 ?  161 THR A C   1 
ATOM   1138 O O   . THR A 1 161 ? -8.845  -7.022  0.026   1.00 44.34 ?  161 THR A O   1 
ATOM   1139 C CB  . THR A 1 161 ? -8.118  -9.327  2.037   1.00 39.07 ?  161 THR A CB  1 
ATOM   1140 O OG1 . THR A 1 161 ? -8.792  -9.813  0.869   1.00 46.69 ?  161 THR A OG1 1 
ATOM   1141 C CG2 . THR A 1 161 ? -9.131  -9.195  3.176   1.00 44.52 ?  161 THR A CG2 1 
ATOM   1142 N N   . GLN A 1 162 ? -9.040  -6.134  2.084   1.00 40.88 ?  162 GLN A N   1 
ATOM   1143 C CA  . GLN A 1 162 ? -9.990  -5.122  1.644   1.00 42.10 ?  162 GLN A CA  1 
ATOM   1144 C C   . GLN A 1 162 ? -9.324  -4.014  0.846   1.00 42.69 ?  162 GLN A C   1 
ATOM   1145 O O   . GLN A 1 162 ? -10.011 -3.306  0.106   1.00 41.73 ?  162 GLN A O   1 
ATOM   1146 C CB  . GLN A 1 162 ? -10.717 -4.524  2.849   1.00 42.27 ?  162 GLN A CB  1 
ATOM   1147 C CG  . GLN A 1 162 ? -11.524 -5.523  3.656   1.00 42.90 ?  162 GLN A CG  1 
ATOM   1148 C CD  . GLN A 1 162 ? -12.125 -4.907  4.901   1.00 43.52 ?  162 GLN A CD  1 
ATOM   1149 O OE1 . GLN A 1 162 ? -11.407 -4.484  5.804   1.00 41.77 ?  162 GLN A OE1 1 
ATOM   1150 N NE2 . GLN A 1 162 ? -13.450 -4.847  4.949   1.00 46.97 ?  162 GLN A NE2 1 
ATOM   1151 N N   . LEU A 1 163 ? -8.008  -3.845  0.975   1.00 44.56 ?  163 LEU A N   1 
ATOM   1152 C CA  . LEU A 1 163 ? -7.336  -2.761  0.270   1.00 44.14 ?  163 LEU A CA  1 
ATOM   1153 C C   . LEU A 1 163 ? -6.928  -3.173  -1.138  1.00 44.37 ?  163 LEU A C   1 
ATOM   1154 O O   . LEU A 1 163 ? -7.007  -2.365  -2.070  1.00 45.40 ?  163 LEU A O   1 
ATOM   1155 C CB  . LEU A 1 163 ? -6.114  -2.296  1.062   1.00 43.27 ?  163 LEU A CB  1 
ATOM   1156 C CG  . LEU A 1 163 ? -6.376  -1.797  2.486   1.00 41.93 ?  163 LEU A CG  1 
ATOM   1157 C CD1 . LEU A 1 163 ? -5.064  -1.439  3.164   1.00 39.56 ?  163 LEU A CD1 1 
ATOM   1158 C CD2 . LEU A 1 163 ? -7.329  -0.611  2.498   1.00 40.19 ?  163 LEU A CD2 1 
ATOM   1159 N N   . PHE A 1 164 ? -6.501  -4.421  -1.312  1.00 44.09 ?  164 PHE A N   1 
ATOM   1160 C CA  . PHE A 1 164 ? -6.000  -4.927  -2.588  1.00 43.35 ?  164 PHE A CA  1 
ATOM   1161 C C   . PHE A 1 164 ? -6.930  -6.039  -3.067  1.00 41.86 ?  164 PHE A C   1 
ATOM   1162 O O   . PHE A 1 164 ? -6.614  -7.225  -2.955  1.00 41.83 ?  164 PHE A O   1 
ATOM   1163 C CB  . PHE A 1 164 ? -4.556  -5.418  -2.433  1.00 42.18 ?  164 PHE A CB  1 
ATOM   1164 C CG  . PHE A 1 164 ? -3.636  -4.408  -1.804  1.00 40.05 ?  164 PHE A CG  1 
ATOM   1165 C CD1 . PHE A 1 164 ? -3.040  -3.424  -2.575  1.00 40.00 ?  164 PHE A CD1 1 
ATOM   1166 C CD2 . PHE A 1 164 ? -3.369  -4.441  -0.444  1.00 40.04 ?  164 PHE A CD2 1 
ATOM   1167 C CE1 . PHE A 1 164 ? -2.194  -2.492  -2.002  1.00 41.53 ?  164 PHE A CE1 1 
ATOM   1168 C CE2 . PHE A 1 164 ? -2.523  -3.511  0.134   1.00 41.00 ?  164 PHE A CE2 1 
ATOM   1169 C CZ  . PHE A 1 164 ? -1.936  -2.535  -0.647  1.00 39.49 ?  164 PHE A CZ  1 
ATOM   1170 N N   . ALA A 1 165 ? -8.085  -5.642  -3.601  1.00 43.35 ?  165 ALA A N   1 
ATOM   1171 C CA  . ALA A 1 165 ? -9.050  -6.585  -4.153  1.00 40.62 ?  165 ALA A CA  1 
ATOM   1172 C C   . ALA A 1 165 ? -10.013 -5.863  -5.083  1.00 40.88 ?  165 ALA A C   1 
ATOM   1173 O O   . ALA A 1 165 ? -11.233 -5.952  -4.914  1.00 41.81 ?  165 ALA A O   1 
ATOM   1174 C CB  . ALA A 1 165 ? -9.818  -7.294  -3.036  1.00 40.32 ?  165 ALA A CB  1 
ATOM   1175 N N   . SER A 1 166 ? -9.475  -5.145  -6.068  1.00 41.08 ?  166 SER A N   1 
ATOM   1176 C CA  . SER A 1 166 ? -10.286 -4.316  -6.944  1.00 42.62 ?  166 SER A CA  1 
ATOM   1177 C C   . SER A 1 166 ? -9.800  -4.451  -8.380  1.00 45.95 ?  166 SER A C   1 
ATOM   1178 O O   . SER A 1 166 ? -8.774  -5.076  -8.664  1.00 48.35 ?  166 SER A O   1 
ATOM   1179 C CB  . SER A 1 166 ? -10.256 -2.847  -6.507  1.00 45.80 ?  166 SER A CB  1 
ATOM   1180 O OG  . SER A 1 166 ? -8.936  -2.330  -6.548  1.00 50.65 ?  166 SER A OG  1 
ATOM   1181 N N   . THR A 1 167 ? -10.563 -3.846  -9.287  1.00 45.92 ?  167 THR A N   1 
ATOM   1182 C CA  . THR A 1 167 ? -10.242 -3.789  -10.704 1.00 47.10 ?  167 THR A CA  1 
ATOM   1183 C C   . THR A 1 167 ? -10.429 -2.353  -11.175 1.00 49.54 ?  167 THR A C   1 
ATOM   1184 O O   . THR A 1 167 ? -11.247 -1.611  -10.625 1.00 50.79 ?  167 THR A O   1 
ATOM   1185 C CB  . THR A 1 167 ? -11.132 -4.751  -11.516 1.00 50.18 ?  167 THR A CB  1 
ATOM   1186 O OG1 . THR A 1 167 ? -11.059 -6.064  -10.946 1.00 48.72 ?  167 THR A OG1 1 
ATOM   1187 C CG2 . THR A 1 167 ? -10.687 -4.820  -12.968 1.00 51.05 ?  167 THR A CG2 1 
ATOM   1188 N N   . TRP A 1 168 ? -9.645  -1.951  -12.177 1.00 49.96 ?  168 TRP A N   1 
ATOM   1189 C CA  . TRP A 1 168 ? -9.685  -0.576  -12.680 1.00 51.11 ?  168 TRP A CA  1 
ATOM   1190 C C   . TRP A 1 168 ? -9.501  -0.597  -14.195 1.00 52.67 ?  168 TRP A C   1 
ATOM   1191 O O   . TRP A 1 168 ? -8.382  -0.762  -14.690 1.00 54.84 ?  168 TRP A O   1 
ATOM   1192 C CB  . TRP A 1 168 ? -8.625  0.284   -12.003 1.00 50.86 ?  168 TRP A CB  1 
ATOM   1193 C CG  . TRP A 1 168 ? -8.773  0.314   -10.514 1.00 49.44 ?  168 TRP A CG  1 
ATOM   1194 C CD1 . TRP A 1 168 ? -8.125  -0.477  -9.612  1.00 49.84 ?  168 TRP A CD1 1 
ATOM   1195 C CD2 . TRP A 1 168 ? -9.643  1.160   -9.754  1.00 51.69 ?  168 TRP A CD2 1 
ATOM   1196 N NE1 . TRP A 1 168 ? -8.528  -0.168  -8.336  1.00 49.10 ?  168 TRP A NE1 1 
ATOM   1197 C CE2 . TRP A 1 168 ? -9.461  0.834   -8.396  1.00 51.69 ?  168 TRP A CE2 1 
ATOM   1198 C CE3 . TRP A 1 168 ? -10.554 2.166   -10.090 1.00 51.80 ?  168 TRP A CE3 1 
ATOM   1199 C CZ2 . TRP A 1 168 ? -10.156 1.477   -7.374  1.00 51.56 ?  168 TRP A CZ2 1 
ATOM   1200 C CZ3 . TRP A 1 168 ? -11.242 2.804   -9.073  1.00 51.43 ?  168 TRP A CZ3 1 
ATOM   1201 C CH2 . TRP A 1 168 ? -11.039 2.458   -7.733  1.00 52.30 ?  168 TRP A CH2 1 
ATOM   1202 N N   . PHE A 1 169 ? -10.602 -0.424  -14.923 1.00 53.75 ?  169 PHE A N   1 
ATOM   1203 C CA  . PHE A 1 169 ? -10.552 -0.353  -16.374 1.00 56.21 ?  169 PHE A CA  1 
ATOM   1204 C C   . PHE A 1 169 ? -9.975  0.991   -16.822 1.00 57.99 ?  169 PHE A C   1 
ATOM   1205 O O   . PHE A 1 169 ? -9.682  1.877   -16.015 1.00 59.68 ?  169 PHE A O   1 
ATOM   1206 C CB  . PHE A 1 169 ? -11.946 -0.554  -16.969 1.00 57.59 ?  169 PHE A CB  1 
ATOM   1207 C CG  . PHE A 1 169 ? -12.532 -1.911  -16.698 1.00 60.24 ?  169 PHE A CG  1 
ATOM   1208 C CD1 . PHE A 1 169 ? -11.734 -3.042  -16.715 1.00 61.14 ?  169 PHE A CD1 1 
ATOM   1209 C CD2 . PHE A 1 169 ? -13.883 -2.053  -16.423 1.00 59.64 ?  169 PHE A CD2 1 
ATOM   1210 C CE1 . PHE A 1 169 ? -12.272 -4.290  -16.466 1.00 56.36 ?  169 PHE A CE1 1 
ATOM   1211 C CE2 . PHE A 1 169 ? -14.426 -3.300  -16.173 1.00 55.66 ?  169 PHE A CE2 1 
ATOM   1212 C CZ  . PHE A 1 169 ? -13.620 -4.419  -16.193 1.00 52.62 ?  169 PHE A CZ  1 
ATOM   1213 N N   . ALA A 1 170 ? -9.817  1.134   -18.134 1.00 57.75 ?  170 ALA A N   1 
ATOM   1214 C CA  . ALA A 1 170 ? -9.277  2.358   -18.712 1.00 59.03 ?  170 ALA A CA  1 
ATOM   1215 C C   . ALA A 1 170 ? -10.235 3.529   -18.512 1.00 57.78 ?  170 ALA A C   1 
ATOM   1216 O O   . ALA A 1 170 ? -10.894 3.972   -19.452 1.00 55.22 ?  170 ALA A O   1 
ATOM   1217 C CB  . ALA A 1 170 ? -8.981  2.162   -20.191 1.00 58.46 ?  170 ALA A CB  1 
HETATM 1218 C C1  . NAG B 2 .   ? -0.902  13.020  8.821   1.00 72.87 ?  201 NAG A C1  1 
HETATM 1219 C C2  . NAG B 2 .   ? -1.633  14.029  7.939   1.00 70.71 ?  201 NAG A C2  1 
HETATM 1220 C C3  . NAG B 2 .   ? -2.156  15.188  8.783   1.00 73.91 ?  201 NAG A C3  1 
HETATM 1221 C C4  . NAG B 2 .   ? -2.999  14.664  9.939   1.00 77.06 ?  201 NAG A C4  1 
HETATM 1222 C C5  . NAG B 2 .   ? -2.220  13.619  10.733  1.00 77.50 ?  201 NAG A C5  1 
HETATM 1223 C C6  . NAG B 2 .   ? -3.045  12.960  11.815  1.00 75.86 ?  201 NAG A C6  1 
HETATM 1224 C C7  . NAG B 2 .   ? -1.217  14.952  5.702   1.00 70.38 ?  201 NAG A C7  1 
HETATM 1225 C C8  . NAG B 2 .   ? -0.177  15.419  4.728   1.00 68.65 ?  201 NAG A C8  1 
HETATM 1226 N N2  . NAG B 2 .   ? -0.762  14.520  6.881   1.00 68.53 ?  201 NAG A N2  1 
HETATM 1227 O O3  . NAG B 2 .   ? -2.934  16.057  7.970   1.00 79.07 ?  201 NAG A O3  1 
HETATM 1228 O O4  . NAG B 2 .   ? -3.362  15.735  10.802  1.00 84.32 ?  201 NAG A O4  1 
HETATM 1229 O O5  . NAG B 2 .   ? -1.776  12.571  9.859   1.00 72.75 ?  201 NAG A O5  1 
HETATM 1230 O O6  . NAG B 2 .   ? -2.690  11.595  11.977  1.00 65.28 ?  201 NAG A O6  1 
HETATM 1231 O O7  . NAG B 2 .   ? -2.414  14.968  5.432   1.00 73.58 ?  201 NAG A O7  1 
HETATM 1232 C C1  . NAG C 2 .   ? 2.412   8.707   12.457  1.00 41.83 ?  202 NAG A C1  1 
HETATM 1233 C C2  . NAG C 2 .   ? 2.445   7.894   13.753  1.00 41.90 ?  202 NAG A C2  1 
HETATM 1234 C C3  . NAG C 2 .   ? 1.303   8.309   14.681  1.00 43.72 ?  202 NAG A C3  1 
HETATM 1235 C C4  . NAG C 2 .   ? 1.277   9.819   14.876  1.00 44.07 ?  202 NAG A C4  1 
HETATM 1236 C C5  . NAG C 2 .   ? 1.262   10.520  13.524  1.00 44.35 ?  202 NAG A C5  1 
HETATM 1237 C C6  . NAG C 2 .   ? 1.350   12.022  13.637  1.00 48.28 ?  202 NAG A C6  1 
HETATM 1238 C C7  . NAG C 2 .   ? 3.169   5.564   14.031  1.00 39.16 ?  202 NAG A C7  1 
HETATM 1239 C C8  . NAG C 2 .   ? 2.947   4.141   13.613  1.00 39.50 ?  202 NAG A C8  1 
HETATM 1240 N N2  . NAG C 2 .   ? 2.368   6.472   13.463  1.00 40.83 ?  202 NAG A N2  1 
HETATM 1241 O O3  . NAG C 2 .   ? 1.464   7.667   15.940  1.00 47.61 ?  202 NAG A O3  1 
HETATM 1242 O O4  . NAG C 2 .   ? 0.120   10.197  15.614  1.00 49.68 ?  202 NAG A O4  1 
HETATM 1243 O O5  . NAG C 2 .   ? 2.401   10.102  12.761  1.00 42.45 ?  202 NAG A O5  1 
HETATM 1244 O O6  . NAG C 2 .   ? 2.700   12.442  13.766  1.00 48.83 ?  202 NAG A O6  1 
HETATM 1245 O O7  . NAG C 2 .   ? 4.033   5.878   14.843  1.00 44.57 ?  202 NAG A O7  1 
# 
